data_3VLL
#
_entry.id   3VLL
#
_cell.length_a   150.187
_cell.length_b   76.320
_cell.length_c   140.235
_cell.angle_alpha   90.00
_cell.angle_beta   92.32
_cell.angle_gamma   90.00
#
_symmetry.space_group_name_H-M   'C 1 2 1'
#
loop_
_entity.id
_entity.type
_entity.pdbx_description
1 polymer 'Catalase-peroxidase 2'
2 non-polymer 'PROTOPORPHYRIN IX CONTAINING FE'
3 non-polymer 'SALICYLHYDROXAMIC ACID'
4 water water
#
_entity_poly.entity_id   1
_entity_poly.type   'polypeptide(L)'
_entity_poly.pdbx_seq_one_letter_code
;MAETPNSDMSGATGGRSKRPKSNQDWWPSKLNLEILDQNARDVGPVEDDFDYAEEFQKLDLEAVKSDLEELMTSSQDWWP
ADYGHYGPLFIRMAWHSAGTYRTADGRGGAAGGRQRFAPINSWPDNANLDKARRLLLPIKQKYGQKISWADLMILAGNVA
IESMGFKTFGYAGGREDAFEEDKAVNWGPEDEFETQERFDEPGEIQEGLGASVMGLIYVNPEGPDGNPDPEASAKNIRQT
FDRMAMNDKETAALIAGGHTFGKVHGADDPEENLGPEPEAAPIEQQGLGWQNKNGNSKGGEMITAGIEGPWTQSPTEWDM
GYINNLLDYEWEPEKGPGGAWQWAPKSEELKNSVPDAHDPDEKQTPMMLTTDIALKRDPDYREVMETFQENPMEFGMNFA
KAWYKLTHRDMGPPERFLGPEVPDEEMIWQDPLPDADYDLIGDEEIAELKEEILDSDLSVSQLVKTAWASASTYRDSDKR
GGANGARLRLEPQKNWEVNEPEQLETVLGTLENIQTEFNDSRSDGTQVSLADLIVLGGNAAVEQAAANAGYDVEIPFEPG
RVDAGPEHTDAPSFDALKPKVDGVRNYIQDDITRPAEEVLVDNADLLNLTASELTALIGGMRSIGANYQDTDLGVFTDEP
ETLTNDFFVNLLDMGTEWEPAADSEHRYKGLDRDTGEVKWEATRIDLIFGSNDRLRAISEVYGSADAEKKLVHDFVDTWS
KVMKLDRFDLEHHHHHH
;
_entity_poly.pdbx_strand_id   A,B
#
loop_
_chem_comp.id
_chem_comp.type
_chem_comp.name
_chem_comp.formula
HEM non-polymer 'PROTOPORPHYRIN IX CONTAINING FE' 'C34 H32 Fe N4 O4'
SHA non-polymer 'SALICYLHYDROXAMIC ACID' 'C7 H7 N O3'
#
# COMPACT_ATOMS: atom_id res chain seq x y z
N LYS A 18 4.80 -13.34 -12.33
CA LYS A 18 4.35 -13.94 -11.04
C LYS A 18 3.68 -12.89 -10.16
N ARG A 19 2.47 -13.18 -9.69
CA ARG A 19 1.76 -12.26 -8.82
C ARG A 19 1.44 -12.91 -7.48
N PRO A 20 1.99 -12.35 -6.38
CA PRO A 20 1.80 -12.86 -5.02
C PRO A 20 0.35 -12.83 -4.54
N LYS A 21 -0.02 -13.80 -3.72
CA LYS A 21 -1.37 -13.87 -3.16
C LYS A 21 -1.32 -13.50 -1.68
N SER A 22 -1.44 -12.21 -1.42
CA SER A 22 -1.42 -11.68 -0.06
C SER A 22 -2.63 -12.15 0.74
N ASN A 23 -2.74 -11.67 1.98
CA ASN A 23 -3.85 -12.05 2.85
C ASN A 23 -5.15 -11.30 2.51
N GLN A 24 -5.20 -10.73 1.32
CA GLN A 24 -6.39 -10.01 0.86
C GLN A 24 -7.09 -10.85 -0.20
N ASP A 25 -6.39 -11.86 -0.68
CA ASP A 25 -6.89 -12.76 -1.72
C ASP A 25 -7.19 -14.15 -1.14
N TRP A 26 -6.77 -14.36 0.11
CA TRP A 26 -6.98 -15.63 0.79
C TRP A 26 -8.29 -15.60 1.57
N TRP A 27 -8.35 -14.69 2.54
CA TRP A 27 -9.51 -14.53 3.40
C TRP A 27 -10.21 -13.19 3.15
N PRO A 28 -11.51 -13.23 2.81
CA PRO A 28 -12.28 -12.01 2.53
C PRO A 28 -12.50 -11.13 3.77
N SER A 29 -12.72 -11.76 4.92
CA SER A 29 -12.97 -11.05 6.17
C SER A 29 -11.75 -10.32 6.74
N LYS A 30 -10.78 -10.03 5.88
CA LYS A 30 -9.55 -9.33 6.30
C LYS A 30 -9.64 -7.82 6.10
N LEU A 31 -9.33 -7.07 7.15
CA LEU A 31 -9.35 -5.61 7.07
C LEU A 31 -8.42 -5.15 5.97
N ASN A 32 -8.79 -4.07 5.30
CA ASN A 32 -7.98 -3.53 4.24
C ASN A 32 -7.25 -2.28 4.74
N LEU A 33 -6.26 -2.50 5.60
CA LEU A 33 -5.50 -1.40 6.17
C LEU A 33 -4.63 -0.69 5.14
N GLU A 34 -4.54 -1.26 3.94
CA GLU A 34 -3.74 -0.63 2.90
C GLU A 34 -4.34 0.74 2.56
N ILE A 35 -5.65 0.87 2.77
CA ILE A 35 -6.30 2.15 2.48
C ILE A 35 -5.76 3.23 3.43
N LEU A 36 -5.41 2.85 4.65
CA LEU A 36 -4.88 3.82 5.60
C LEU A 36 -3.42 4.12 5.31
N ASP A 37 -2.73 3.14 4.72
CA ASP A 37 -1.32 3.34 4.37
C ASP A 37 -1.21 4.45 3.32
N GLN A 38 -2.23 4.59 2.48
CA GLN A 38 -2.22 5.63 1.46
C GLN A 38 -2.18 7.03 2.09
N ASN A 39 -2.61 7.13 3.34
CA ASN A 39 -2.60 8.40 4.05
C ASN A 39 -1.25 8.73 4.68
N ALA A 40 -0.37 7.74 4.77
CA ALA A 40 0.94 7.96 5.36
C ALA A 40 1.95 8.46 4.34
N ARG A 41 1.51 8.64 3.10
CA ARG A 41 2.40 9.12 2.04
C ARG A 41 1.69 9.58 0.78
N ASP A 42 2.21 10.65 0.18
CA ASP A 42 1.65 11.16 -1.06
C ASP A 42 2.53 10.67 -2.21
N VAL A 43 2.12 9.58 -2.84
CA VAL A 43 2.89 9.02 -3.93
C VAL A 43 2.87 10.02 -5.09
N GLY A 44 3.84 9.93 -5.99
CA GLY A 44 3.88 10.86 -7.10
C GLY A 44 5.20 11.64 -7.08
N PRO A 45 5.60 12.21 -8.22
CA PRO A 45 6.84 12.98 -8.34
C PRO A 45 6.80 14.42 -7.82
N VAL A 46 5.61 14.95 -7.62
CA VAL A 46 5.45 16.32 -7.12
C VAL A 46 5.94 16.48 -5.69
N GLU A 47 6.65 17.57 -5.42
CA GLU A 47 7.17 17.83 -4.08
C GLU A 47 6.06 17.64 -3.05
N ASP A 48 6.39 16.95 -1.96
CA ASP A 48 5.43 16.67 -0.90
C ASP A 48 4.72 17.90 -0.36
N ASP A 49 5.32 19.07 -0.53
CA ASP A 49 4.72 20.31 -0.03
C ASP A 49 4.07 21.13 -1.16
N PHE A 50 3.84 20.48 -2.30
CA PHE A 50 3.25 21.14 -3.45
C PHE A 50 1.98 21.90 -3.11
N ASP A 51 1.89 23.12 -3.63
CA ASP A 51 0.74 23.99 -3.41
C ASP A 51 0.08 24.21 -4.77
N TYR A 52 -0.82 23.32 -5.13
CA TYR A 52 -1.48 23.42 -6.43
C TYR A 52 -2.24 24.74 -6.61
N ALA A 53 -2.89 25.20 -5.54
CA ALA A 53 -3.64 26.44 -5.59
C ALA A 53 -2.84 27.61 -6.15
N GLU A 54 -1.65 27.85 -5.60
CA GLU A 54 -0.83 28.97 -6.07
C GLU A 54 -0.32 28.76 -7.50
N GLU A 55 -0.16 27.50 -7.91
CA GLU A 55 0.31 27.18 -9.25
C GLU A 55 -0.83 27.46 -10.24
N PHE A 56 -2.04 27.07 -9.85
CA PHE A 56 -3.22 27.29 -10.68
C PHE A 56 -3.44 28.79 -10.85
N GLN A 57 -3.14 29.58 -9.82
CA GLN A 57 -3.34 31.03 -9.91
C GLN A 57 -2.43 31.70 -10.93
N LYS A 58 -1.37 31.00 -11.33
CA LYS A 58 -0.43 31.52 -12.32
C LYS A 58 -0.93 31.20 -13.73
N LEU A 59 -1.99 30.39 -13.79
CA LEU A 59 -2.57 29.96 -15.05
C LEU A 59 -3.38 30.99 -15.82
N ASP A 60 -3.14 31.08 -17.11
CA ASP A 60 -3.89 31.99 -17.96
C ASP A 60 -5.07 31.13 -18.39
N LEU A 61 -6.12 31.11 -17.58
CA LEU A 61 -7.30 30.29 -17.87
C LEU A 61 -7.89 30.55 -19.25
N GLU A 62 -7.96 31.81 -19.66
CA GLU A 62 -8.52 32.12 -20.97
C GLU A 62 -7.72 31.50 -22.12
N ALA A 63 -6.40 31.42 -21.94
CA ALA A 63 -5.56 30.82 -22.98
C ALA A 63 -5.82 29.32 -23.06
N VAL A 64 -6.03 28.67 -21.91
CA VAL A 64 -6.30 27.24 -21.93
C VAL A 64 -7.63 27.01 -22.66
N LYS A 65 -8.64 27.83 -22.36
CA LYS A 65 -9.94 27.68 -23.01
C LYS A 65 -9.84 27.88 -24.52
N SER A 66 -9.01 28.82 -24.96
CA SER A 66 -8.86 29.06 -26.38
C SER A 66 -8.24 27.82 -27.06
N ASP A 67 -7.27 27.19 -26.41
CA ASP A 67 -6.65 25.98 -26.98
C ASP A 67 -7.68 24.84 -27.05
N LEU A 68 -8.53 24.74 -26.02
CA LEU A 68 -9.56 23.70 -25.97
C LEU A 68 -10.56 23.93 -27.09
N GLU A 69 -10.95 25.20 -27.26
CA GLU A 69 -11.90 25.57 -28.32
C GLU A 69 -11.34 25.08 -29.66
N GLU A 70 -10.06 25.33 -29.93
CA GLU A 70 -9.42 24.90 -31.19
C GLU A 70 -9.43 23.39 -31.30
N LEU A 71 -9.09 22.72 -30.20
CA LEU A 71 -9.05 21.27 -30.18
C LEU A 71 -10.40 20.65 -30.55
N MET A 72 -11.49 21.25 -30.08
CA MET A 72 -12.85 20.74 -30.36
C MET A 72 -13.12 20.36 -31.80
N THR A 73 -12.67 21.20 -32.73
CA THR A 73 -12.88 20.91 -34.15
C THR A 73 -11.61 20.49 -34.85
N SER A 74 -10.61 20.07 -34.08
CA SER A 74 -9.34 19.62 -34.66
C SER A 74 -9.30 18.09 -34.73
N SER A 75 -10.14 17.53 -35.61
CA SER A 75 -10.24 16.09 -35.79
C SER A 75 -8.88 15.46 -36.12
N GLN A 76 -8.49 14.48 -35.32
CA GLN A 76 -7.23 13.77 -35.52
C GLN A 76 -7.53 12.50 -36.32
N ASP A 77 -6.56 12.03 -37.11
CA ASP A 77 -6.75 10.83 -37.92
C ASP A 77 -6.85 9.57 -37.07
N TRP A 78 -5.99 9.46 -36.07
CA TRP A 78 -5.98 8.28 -35.21
C TRP A 78 -7.32 8.11 -34.47
N TRP A 79 -8.12 9.16 -34.47
CA TRP A 79 -9.42 9.09 -33.81
C TRP A 79 -10.30 10.24 -34.31
N PRO A 80 -10.78 10.14 -35.55
CA PRO A 80 -11.63 11.17 -36.17
C PRO A 80 -12.84 11.58 -35.34
N ALA A 81 -13.13 12.88 -35.34
CA ALA A 81 -14.25 13.43 -34.58
C ALA A 81 -15.60 13.21 -35.25
N ASP A 82 -16.56 12.74 -34.44
CA ASP A 82 -17.92 12.54 -34.92
C ASP A 82 -18.44 13.93 -35.28
N TYR A 83 -19.10 14.03 -36.43
CA TYR A 83 -19.65 15.28 -36.93
C TYR A 83 -18.61 16.39 -37.01
N GLY A 84 -17.34 16.01 -37.01
CA GLY A 84 -16.25 16.98 -37.06
C GLY A 84 -16.11 17.79 -35.79
N HIS A 85 -16.68 17.30 -34.69
CA HIS A 85 -16.62 18.04 -33.43
C HIS A 85 -16.47 17.11 -32.21
N TYR A 86 -15.41 17.31 -31.42
CA TYR A 86 -15.15 16.49 -30.25
C TYR A 86 -16.00 16.86 -29.03
N GLY A 87 -16.70 17.99 -29.11
CA GLY A 87 -17.52 18.44 -28.00
C GLY A 87 -18.30 17.37 -27.24
N PRO A 88 -19.19 16.63 -27.92
CA PRO A 88 -19.98 15.58 -27.27
C PRO A 88 -19.11 14.57 -26.51
N LEU A 89 -18.01 14.13 -27.10
CA LEU A 89 -17.13 13.17 -26.44
C LEU A 89 -16.57 13.70 -25.13
N PHE A 90 -16.19 14.97 -25.11
CA PHE A 90 -15.64 15.55 -23.90
C PHE A 90 -16.71 15.74 -22.84
N ILE A 91 -17.96 16.03 -23.23
CA ILE A 91 -19.02 16.18 -22.24
C ILE A 91 -19.23 14.84 -21.54
N ARG A 92 -19.24 13.76 -22.32
CA ARG A 92 -19.40 12.43 -21.74
C ARG A 92 -18.22 12.19 -20.82
N MET A 93 -17.02 12.53 -21.30
CA MET A 93 -15.82 12.36 -20.47
C MET A 93 -15.99 13.06 -19.13
N ALA A 94 -16.33 14.35 -19.17
CA ALA A 94 -16.48 15.11 -17.92
C ALA A 94 -17.55 14.51 -17.01
N TRP A 95 -18.68 14.16 -17.61
CA TRP A 95 -19.75 13.56 -16.84
C TRP A 95 -19.30 12.24 -16.19
N HIS A 96 -18.50 11.45 -16.90
CA HIS A 96 -18.04 10.19 -16.33
C HIS A 96 -17.09 10.46 -15.17
N SER A 97 -16.24 11.46 -15.32
CA SER A 97 -15.29 11.81 -14.27
C SER A 97 -15.99 12.21 -12.97
N ALA A 98 -17.10 12.94 -13.06
CA ALA A 98 -17.79 13.37 -11.86
C ALA A 98 -18.94 12.43 -11.52
N GLY A 99 -19.32 11.59 -12.48
CA GLY A 99 -20.44 10.68 -12.28
C GLY A 99 -20.34 9.57 -11.24
N THR A 100 -19.14 9.24 -10.78
CA THR A 100 -18.97 8.17 -9.80
C THR A 100 -19.27 8.59 -8.35
N TYR A 101 -19.53 9.88 -8.16
CA TYR A 101 -19.81 10.43 -6.83
C TYR A 101 -20.98 9.78 -6.08
N ARG A 102 -20.76 9.50 -4.80
CA ARG A 102 -21.79 8.91 -3.92
C ARG A 102 -21.83 9.77 -2.64
N THR A 103 -23.03 10.15 -2.20
CA THR A 103 -23.17 10.96 -1.00
C THR A 103 -22.87 10.17 0.28
N ALA A 104 -22.99 8.84 0.20
CA ALA A 104 -22.76 7.96 1.35
C ALA A 104 -21.40 8.18 2.02
N ASP A 105 -20.35 8.30 1.22
CA ASP A 105 -19.02 8.53 1.77
C ASP A 105 -18.30 9.69 1.07
N GLY A 106 -19.01 10.31 0.12
CA GLY A 106 -18.45 11.43 -0.62
C GLY A 106 -17.37 11.04 -1.59
N ARG A 107 -17.16 9.74 -1.78
CA ARG A 107 -16.13 9.27 -2.68
C ARG A 107 -16.57 9.26 -4.14
N GLY A 108 -15.60 9.17 -5.05
CA GLY A 108 -15.91 9.20 -6.46
C GLY A 108 -15.93 10.68 -6.80
N GLY A 109 -16.24 11.06 -8.03
CA GLY A 109 -16.24 12.49 -8.32
C GLY A 109 -14.96 12.91 -9.01
N ALA A 110 -15.01 14.06 -9.68
CA ALA A 110 -13.88 14.59 -10.44
C ALA A 110 -12.66 15.01 -9.63
N ALA A 111 -12.87 15.35 -8.38
CA ALA A 111 -11.81 15.80 -7.47
C ALA A 111 -10.36 15.47 -7.82
N GLY A 112 -9.99 14.20 -7.73
CA GLY A 112 -8.60 13.84 -8.02
C GLY A 112 -8.27 13.23 -9.37
N GLY A 113 -9.21 13.29 -10.31
CA GLY A 113 -8.97 12.70 -11.63
C GLY A 113 -8.55 11.24 -11.56
N ARG A 114 -9.06 10.50 -10.58
CA ARG A 114 -8.70 9.09 -10.45
C ARG A 114 -9.25 8.17 -11.54
N GLN A 115 -10.04 8.73 -12.45
CA GLN A 115 -10.63 7.99 -13.57
C GLN A 115 -9.51 7.50 -14.48
N ARG A 116 -8.37 8.18 -14.38
CA ARG A 116 -7.20 7.85 -15.18
C ARG A 116 -6.56 6.54 -14.76
N PHE A 117 -6.90 6.05 -13.57
CA PHE A 117 -6.31 4.82 -13.08
C PHE A 117 -7.27 3.66 -13.03
N ALA A 118 -6.72 2.45 -12.99
CA ALA A 118 -7.51 1.24 -12.90
C ALA A 118 -8.09 1.24 -11.50
N PRO A 119 -9.22 0.54 -11.28
CA PRO A 119 -9.97 -0.18 -12.31
C PRO A 119 -10.94 0.72 -13.09
N ILE A 120 -11.13 1.94 -12.61
CA ILE A 120 -12.05 2.88 -13.25
C ILE A 120 -11.76 3.13 -14.73
N ASN A 121 -10.49 3.27 -15.08
CA ASN A 121 -10.13 3.55 -16.46
C ASN A 121 -10.40 2.38 -17.41
N SER A 122 -10.77 1.22 -16.86
CA SER A 122 -11.05 0.05 -17.68
C SER A 122 -12.47 -0.47 -17.59
N TRP A 123 -13.34 0.27 -16.92
CA TRP A 123 -14.75 -0.13 -16.81
C TRP A 123 -15.36 -0.06 -18.20
N PRO A 124 -16.34 -0.94 -18.48
CA PRO A 124 -17.02 -0.97 -19.78
C PRO A 124 -17.67 0.36 -20.13
N ASP A 125 -18.24 1.03 -19.14
CA ASP A 125 -18.91 2.31 -19.39
C ASP A 125 -17.97 3.45 -19.74
N ASN A 126 -16.67 3.27 -19.52
CA ASN A 126 -15.68 4.31 -19.83
C ASN A 126 -14.96 4.02 -21.15
N ALA A 127 -15.50 3.11 -21.95
CA ALA A 127 -14.91 2.76 -23.23
C ALA A 127 -14.61 3.97 -24.09
N ASN A 128 -13.39 4.01 -24.62
CA ASN A 128 -12.91 5.08 -25.48
C ASN A 128 -12.71 6.45 -24.81
N LEU A 129 -12.83 6.52 -23.49
CA LEU A 129 -12.59 7.79 -22.80
C LEU A 129 -11.09 7.93 -22.71
N ASP A 130 -10.39 6.83 -22.98
CA ASP A 130 -8.92 6.85 -22.98
C ASP A 130 -8.51 7.72 -24.17
N LYS A 131 -9.31 7.71 -25.22
CA LYS A 131 -9.03 8.51 -26.41
C LYS A 131 -9.25 9.98 -26.15
N ALA A 132 -10.36 10.31 -25.48
CA ALA A 132 -10.70 11.69 -25.16
C ALA A 132 -9.55 12.31 -24.36
N ARG A 133 -9.15 11.61 -23.30
CA ARG A 133 -8.07 12.08 -22.44
C ARG A 133 -6.76 12.26 -23.20
N ARG A 134 -6.50 11.37 -24.14
CA ARG A 134 -5.28 11.43 -24.93
C ARG A 134 -5.28 12.70 -25.80
N LEU A 135 -6.44 13.07 -26.33
CA LEU A 135 -6.55 14.28 -27.16
C LEU A 135 -6.14 15.52 -26.38
N LEU A 136 -6.26 15.47 -25.05
CA LEU A 136 -5.94 16.60 -24.17
C LEU A 136 -4.49 16.62 -23.71
N LEU A 137 -3.74 15.57 -24.06
CA LEU A 137 -2.35 15.49 -23.62
C LEU A 137 -1.48 16.67 -24.05
N PRO A 138 -1.58 17.09 -25.32
CA PRO A 138 -0.75 18.21 -25.75
C PRO A 138 -1.01 19.46 -24.90
N ILE A 139 -2.28 19.71 -24.57
CA ILE A 139 -2.63 20.86 -23.74
C ILE A 139 -2.10 20.70 -22.32
N LYS A 140 -2.23 19.50 -21.77
CA LYS A 140 -1.73 19.25 -20.42
C LYS A 140 -0.22 19.50 -20.35
N GLN A 141 0.51 19.00 -21.36
CA GLN A 141 1.97 19.18 -21.42
C GLN A 141 2.35 20.66 -21.58
N LYS A 142 1.54 21.39 -22.34
CA LYS A 142 1.78 22.80 -22.58
C LYS A 142 1.77 23.61 -21.29
N TYR A 143 0.74 23.39 -20.46
CA TYR A 143 0.63 24.15 -19.22
C TYR A 143 1.25 23.52 -17.99
N GLY A 144 1.62 22.25 -18.08
CA GLY A 144 2.25 21.59 -16.96
C GLY A 144 1.50 21.64 -15.66
N GLN A 145 2.23 21.79 -14.56
CA GLN A 145 1.62 21.82 -13.23
C GLN A 145 0.63 22.96 -12.98
N LYS A 146 0.53 23.91 -13.90
CA LYS A 146 -0.41 25.01 -13.70
C LYS A 146 -1.87 24.54 -13.80
N ILE A 147 -2.12 23.38 -14.42
CA ILE A 147 -3.47 22.85 -14.47
C ILE A 147 -3.45 21.33 -14.35
N SER A 148 -4.22 20.82 -13.39
CA SER A 148 -4.28 19.39 -13.14
C SER A 148 -5.10 18.68 -14.18
N TRP A 149 -4.97 17.35 -14.25
CA TRP A 149 -5.76 16.56 -15.18
C TRP A 149 -7.21 16.69 -14.78
N ALA A 150 -7.43 16.63 -13.47
CA ALA A 150 -8.78 16.74 -12.93
C ALA A 150 -9.47 18.02 -13.39
N ASP A 151 -8.80 19.16 -13.19
CA ASP A 151 -9.34 20.44 -13.60
C ASP A 151 -9.51 20.52 -15.12
N LEU A 152 -8.49 20.05 -15.84
CA LEU A 152 -8.49 20.09 -17.30
C LEU A 152 -9.64 19.29 -17.91
N MET A 153 -9.97 18.14 -17.32
CA MET A 153 -11.06 17.32 -17.87
C MET A 153 -12.42 18.00 -17.71
N ILE A 154 -12.65 18.59 -16.55
CA ILE A 154 -13.90 19.30 -16.35
C ILE A 154 -13.93 20.55 -17.24
N LEU A 155 -12.78 21.20 -17.38
CA LEU A 155 -12.71 22.41 -18.22
C LEU A 155 -12.99 22.09 -19.69
N ALA A 156 -12.57 20.90 -20.13
CA ALA A 156 -12.80 20.49 -21.50
C ALA A 156 -14.31 20.30 -21.69
N GLY A 157 -14.95 19.72 -20.67
CA GLY A 157 -16.39 19.52 -20.74
C GLY A 157 -17.08 20.85 -20.91
N ASN A 158 -16.71 21.83 -20.08
CA ASN A 158 -17.31 23.16 -20.16
C ASN A 158 -17.12 23.83 -21.54
N VAL A 159 -15.88 23.81 -22.04
CA VAL A 159 -15.60 24.44 -23.33
C VAL A 159 -16.40 23.77 -24.46
N ALA A 160 -16.57 22.45 -24.38
CA ALA A 160 -17.36 21.72 -25.37
C ALA A 160 -18.77 22.28 -25.36
N ILE A 161 -19.37 22.34 -24.17
CA ILE A 161 -20.73 22.87 -24.07
C ILE A 161 -20.81 24.31 -24.56
N GLU A 162 -19.83 25.12 -24.18
CA GLU A 162 -19.87 26.51 -24.62
C GLU A 162 -19.66 26.64 -26.12
N SER A 163 -18.73 25.88 -26.67
CA SER A 163 -18.49 25.96 -28.11
C SER A 163 -19.72 25.55 -28.90
N MET A 164 -20.58 24.73 -28.31
CA MET A 164 -21.77 24.30 -29.01
C MET A 164 -23.04 25.12 -28.73
N GLY A 165 -22.84 26.34 -28.22
CA GLY A 165 -23.95 27.25 -27.99
C GLY A 165 -24.59 27.42 -26.62
N PHE A 166 -23.95 26.88 -25.58
CA PHE A 166 -24.48 26.97 -24.21
C PHE A 166 -23.45 27.50 -23.23
N LYS A 167 -23.67 28.71 -22.72
CA LYS A 167 -22.76 29.33 -21.76
C LYS A 167 -22.95 28.64 -20.41
N THR A 168 -21.86 28.14 -19.83
CA THR A 168 -21.95 27.46 -18.55
C THR A 168 -22.19 28.41 -17.38
N PHE A 169 -22.58 27.84 -16.24
CA PHE A 169 -22.88 28.62 -15.04
C PHE A 169 -21.60 29.19 -14.43
N GLY A 170 -20.50 28.51 -14.69
CA GLY A 170 -19.22 28.95 -14.15
C GLY A 170 -18.23 27.81 -14.06
N TYR A 171 -17.04 28.08 -13.54
CA TYR A 171 -16.02 27.06 -13.42
C TYR A 171 -14.98 27.47 -12.39
N ALA A 172 -14.54 26.50 -11.60
CA ALA A 172 -13.51 26.75 -10.60
C ALA A 172 -12.44 25.67 -10.71
N GLY A 173 -11.19 26.09 -10.56
CA GLY A 173 -10.09 25.15 -10.60
C GLY A 173 -9.84 24.80 -9.14
N GLY A 174 -8.80 24.01 -8.89
CA GLY A 174 -8.49 23.66 -7.51
C GLY A 174 -8.45 22.16 -7.23
N ARG A 175 -8.77 21.33 -8.22
CA ARG A 175 -8.75 19.88 -8.03
C ARG A 175 -7.32 19.38 -8.20
N GLU A 176 -6.71 18.93 -7.10
CA GLU A 176 -5.34 18.42 -7.15
C GLU A 176 -5.33 17.00 -7.69
N ASP A 177 -4.38 16.72 -8.58
CA ASP A 177 -4.26 15.39 -9.18
C ASP A 177 -3.72 14.36 -8.20
N ALA A 178 -4.29 13.16 -8.26
CA ALA A 178 -3.86 12.03 -7.44
C ALA A 178 -2.97 11.21 -8.37
N PHE A 179 -2.11 10.37 -7.80
CA PHE A 179 -1.20 9.56 -8.61
C PHE A 179 -1.43 8.06 -8.45
N GLU A 180 -2.56 7.70 -7.84
CA GLU A 180 -2.91 6.30 -7.64
C GLU A 180 -4.43 6.21 -7.46
N GLU A 181 -4.96 5.00 -7.59
CA GLU A 181 -6.39 4.78 -7.42
C GLU A 181 -6.73 4.95 -5.94
N ASP A 182 -8.00 5.16 -5.64
CA ASP A 182 -8.46 5.30 -4.25
C ASP A 182 -8.82 3.88 -3.84
N LYS A 183 -7.94 3.22 -3.10
CA LYS A 183 -8.19 1.85 -2.67
C LYS A 183 -9.37 1.69 -1.73
N ALA A 184 -9.76 2.78 -1.09
CA ALA A 184 -10.87 2.72 -0.13
C ALA A 184 -12.22 2.94 -0.78
N VAL A 185 -12.49 2.23 -1.86
CA VAL A 185 -13.76 2.37 -2.53
C VAL A 185 -14.32 1.01 -2.94
N ASN A 186 -15.44 0.64 -2.32
CA ASN A 186 -16.11 -0.62 -2.63
C ASN A 186 -17.14 -0.31 -3.71
N TRP A 187 -16.85 -0.75 -4.93
CA TRP A 187 -17.74 -0.50 -6.06
C TRP A 187 -18.89 -1.49 -6.22
N GLY A 188 -18.91 -2.52 -5.37
CA GLY A 188 -19.98 -3.50 -5.46
C GLY A 188 -19.51 -4.93 -5.24
N PRO A 189 -20.45 -5.88 -5.09
CA PRO A 189 -20.13 -7.29 -4.87
C PRO A 189 -19.92 -8.05 -6.18
N GLU A 190 -19.94 -7.34 -7.30
CA GLU A 190 -19.75 -7.98 -8.60
C GLU A 190 -18.30 -8.26 -8.98
N ASP A 191 -18.02 -9.51 -9.35
CA ASP A 191 -16.69 -9.91 -9.77
C ASP A 191 -16.63 -9.73 -11.28
N GLU A 192 -17.74 -9.29 -11.86
CA GLU A 192 -17.83 -9.08 -13.29
C GLU A 192 -18.37 -7.69 -13.62
N PHE A 193 -17.99 -7.19 -14.80
CA PHE A 193 -18.43 -5.88 -15.28
C PHE A 193 -19.66 -6.04 -16.18
N GLU A 194 -20.41 -4.95 -16.35
CA GLU A 194 -21.62 -4.97 -17.18
C GLU A 194 -22.60 -6.06 -16.73
N THR A 195 -22.55 -6.38 -15.44
CA THR A 195 -23.41 -7.37 -14.81
C THR A 195 -23.67 -6.89 -13.39
N GLN A 196 -24.84 -7.19 -12.83
CA GLN A 196 -25.15 -6.74 -11.48
C GLN A 196 -25.74 -7.80 -10.56
N GLU A 197 -25.59 -7.56 -9.26
CA GLU A 197 -26.09 -8.43 -8.20
C GLU A 197 -26.27 -7.58 -6.95
N ARG A 198 -26.87 -6.40 -7.13
CA ARG A 198 -27.07 -5.48 -6.01
C ARG A 198 -28.52 -5.05 -5.79
N PHE A 199 -29.43 -5.50 -6.66
CA PHE A 199 -30.84 -5.15 -6.52
C PHE A 199 -31.74 -6.22 -7.14
N ASP A 200 -32.95 -6.35 -6.61
CA ASP A 200 -33.91 -7.33 -7.12
C ASP A 200 -35.12 -6.61 -7.72
N GLU A 201 -35.56 -5.54 -7.04
CA GLU A 201 -36.69 -4.74 -7.47
C GLU A 201 -36.25 -3.34 -7.86
N PRO A 202 -36.87 -2.77 -8.92
CA PRO A 202 -36.51 -1.42 -9.37
C PRO A 202 -36.74 -0.36 -8.27
N GLY A 203 -35.65 0.00 -7.58
CA GLY A 203 -35.76 1.00 -6.54
C GLY A 203 -35.26 0.52 -5.18
N GLU A 204 -34.51 -0.58 -5.17
CA GLU A 204 -33.97 -1.13 -3.93
C GLU A 204 -32.59 -1.74 -4.14
N ILE A 205 -31.63 -0.90 -4.50
CA ILE A 205 -30.26 -1.33 -4.73
C ILE A 205 -29.49 -1.34 -3.42
N GLN A 206 -28.35 -2.03 -3.39
CA GLN A 206 -27.50 -2.11 -2.21
C GLN A 206 -27.19 -0.70 -1.71
N GLU A 207 -27.59 -0.41 -0.48
CA GLU A 207 -27.38 0.90 0.14
C GLU A 207 -25.98 1.47 -0.11
N GLY A 208 -25.90 2.79 -0.19
CA GLY A 208 -24.63 3.46 -0.41
C GLY A 208 -24.31 3.73 -1.87
N LEU A 209 -23.96 2.67 -2.60
CA LEU A 209 -23.63 2.77 -4.02
C LEU A 209 -24.66 3.56 -4.81
N GLY A 210 -24.18 4.45 -5.68
CA GLY A 210 -25.08 5.24 -6.48
C GLY A 210 -25.28 4.64 -7.86
N ALA A 211 -24.94 3.35 -7.99
CA ALA A 211 -25.09 2.66 -9.26
C ALA A 211 -25.81 1.33 -9.07
N SER A 212 -26.65 0.98 -10.04
CA SER A 212 -27.42 -0.26 -9.99
C SER A 212 -26.65 -1.42 -10.62
N VAL A 213 -25.57 -1.09 -11.33
CA VAL A 213 -24.75 -2.11 -11.99
C VAL A 213 -23.26 -1.78 -11.90
N MET A 214 -22.46 -2.80 -11.64
CA MET A 214 -21.01 -2.63 -11.55
C MET A 214 -20.46 -2.30 -12.93
N GLY A 215 -19.34 -1.58 -12.95
CA GLY A 215 -18.76 -1.20 -14.23
C GLY A 215 -19.58 -0.11 -14.89
N LEU A 216 -20.80 0.07 -14.42
CA LEU A 216 -21.69 1.10 -14.96
C LEU A 216 -21.71 2.29 -14.02
N ILE A 217 -22.06 3.45 -14.55
CA ILE A 217 -22.07 4.66 -13.76
C ILE A 217 -23.31 4.83 -12.87
N TYR A 218 -24.67 4.89 -13.65
CA TYR A 218 -25.78 5.02 -12.72
C TYR A 218 -26.81 3.89 -12.81
N VAL A 219 -27.18 3.61 -14.02
CA VAL A 219 -28.15 2.53 -14.27
C VAL A 219 -27.91 1.87 -15.62
N ASN A 220 -28.58 0.73 -15.82
CA ASN A 220 -28.46 -0.03 -17.06
C ASN A 220 -29.18 0.72 -18.18
N PRO A 221 -28.43 1.14 -19.21
CA PRO A 221 -28.99 1.87 -20.35
C PRO A 221 -30.13 1.18 -21.10
N GLU A 222 -30.19 -0.15 -21.05
CA GLU A 222 -31.26 -0.89 -21.73
C GLU A 222 -32.48 -1.02 -20.83
N GLY A 223 -32.29 -0.80 -19.54
CA GLY A 223 -33.37 -0.91 -18.59
C GLY A 223 -33.01 -1.89 -17.51
N PRO A 224 -33.77 -1.96 -16.41
CA PRO A 224 -33.53 -2.86 -15.29
C PRO A 224 -33.28 -4.30 -15.76
N ASP A 225 -32.10 -4.82 -15.43
CA ASP A 225 -31.73 -6.18 -15.80
C ASP A 225 -31.77 -6.42 -17.30
N GLY A 226 -31.61 -5.35 -18.08
CA GLY A 226 -31.64 -5.48 -19.53
C GLY A 226 -33.03 -5.48 -20.12
N ASN A 227 -34.05 -5.33 -19.28
CA ASN A 227 -35.44 -5.32 -19.73
C ASN A 227 -35.88 -3.89 -20.06
N PRO A 228 -36.47 -3.68 -21.25
CA PRO A 228 -36.95 -2.37 -21.71
C PRO A 228 -38.19 -1.87 -20.98
N ASP A 229 -38.10 -1.74 -19.68
CA ASP A 229 -39.21 -1.26 -18.86
C ASP A 229 -38.88 0.17 -18.42
N PRO A 230 -39.41 1.17 -19.14
CA PRO A 230 -39.18 2.59 -18.84
C PRO A 230 -39.60 2.99 -17.43
N GLU A 231 -40.80 2.55 -17.05
CA GLU A 231 -41.34 2.86 -15.73
C GLU A 231 -40.44 2.35 -14.61
N ALA A 232 -39.96 1.11 -14.74
CA ALA A 232 -39.09 0.53 -13.74
C ALA A 232 -37.72 1.21 -13.78
N SER A 233 -37.27 1.57 -14.98
CA SER A 233 -35.98 2.23 -15.12
C SER A 233 -35.99 3.56 -14.35
N ALA A 234 -37.07 4.33 -14.49
CA ALA A 234 -37.22 5.62 -13.81
C ALA A 234 -37.00 5.53 -12.30
N LYS A 235 -37.52 4.48 -11.69
CA LYS A 235 -37.37 4.28 -10.26
C LYS A 235 -35.91 4.09 -9.91
N ASN A 236 -35.18 3.35 -10.74
CA ASN A 236 -33.76 3.14 -10.49
C ASN A 236 -32.99 4.43 -10.75
N ILE A 237 -33.38 5.15 -11.79
CA ILE A 237 -32.74 6.42 -12.13
C ILE A 237 -32.88 7.37 -10.94
N ARG A 238 -34.11 7.49 -10.45
CA ARG A 238 -34.39 8.37 -9.31
C ARG A 238 -33.59 8.00 -8.07
N GLN A 239 -33.57 6.71 -7.74
CA GLN A 239 -32.84 6.25 -6.57
C GLN A 239 -31.35 6.48 -6.69
N THR A 240 -30.77 6.12 -7.84
CA THR A 240 -29.35 6.28 -8.02
C THR A 240 -28.93 7.75 -8.08
N PHE A 241 -29.64 8.58 -8.84
CA PHE A 241 -29.28 9.99 -8.90
C PHE A 241 -29.43 10.65 -7.54
N ASP A 242 -30.35 10.12 -6.73
CA ASP A 242 -30.57 10.64 -5.39
C ASP A 242 -29.32 10.34 -4.55
N ARG A 243 -28.71 9.18 -4.77
CA ARG A 243 -27.51 8.79 -4.05
C ARG A 243 -26.29 9.51 -4.63
N MET A 244 -26.51 10.32 -5.65
CA MET A 244 -25.45 11.13 -6.25
C MET A 244 -25.80 12.59 -5.99
N ALA A 245 -26.69 12.81 -5.02
CA ALA A 245 -27.09 14.15 -4.61
C ALA A 245 -27.96 14.98 -5.57
N MET A 246 -28.63 14.33 -6.52
CA MET A 246 -29.46 15.04 -7.48
C MET A 246 -30.94 14.69 -7.33
N ASN A 247 -31.81 15.71 -7.39
CA ASN A 247 -33.26 15.50 -7.28
C ASN A 247 -33.88 15.31 -8.67
N ASP A 248 -35.22 15.26 -8.77
CA ASP A 248 -35.88 15.04 -10.07
C ASP A 248 -35.56 16.10 -11.12
N LYS A 249 -35.68 17.37 -10.77
CA LYS A 249 -35.41 18.45 -11.72
C LYS A 249 -33.96 18.45 -12.19
N GLU A 250 -33.02 18.23 -11.28
CA GLU A 250 -31.60 18.20 -11.62
C GLU A 250 -31.29 16.98 -12.51
N THR A 251 -31.85 15.84 -12.13
CA THR A 251 -31.68 14.59 -12.88
C THR A 251 -32.19 14.70 -14.32
N ALA A 252 -33.41 15.17 -14.47
CA ALA A 252 -34.02 15.34 -15.79
C ALA A 252 -33.20 16.33 -16.61
N ALA A 253 -32.83 17.46 -16.00
CA ALA A 253 -32.04 18.46 -16.73
C ALA A 253 -30.70 17.90 -17.18
N LEU A 254 -30.06 17.11 -16.31
CA LEU A 254 -28.76 16.53 -16.65
C LEU A 254 -28.86 15.53 -17.79
N ILE A 255 -29.80 14.60 -17.71
CA ILE A 255 -29.95 13.59 -18.75
C ILE A 255 -30.32 14.24 -20.09
N ALA A 256 -31.38 15.04 -20.08
CA ALA A 256 -31.83 15.71 -21.28
C ALA A 256 -30.74 16.65 -21.81
N GLY A 257 -30.09 17.39 -20.91
CA GLY A 257 -29.05 18.31 -21.32
C GLY A 257 -27.91 17.58 -21.98
N GLY A 258 -27.39 16.56 -21.31
CA GLY A 258 -26.31 15.78 -21.88
C GLY A 258 -26.68 15.12 -23.19
N HIS A 259 -27.85 14.48 -23.29
CA HIS A 259 -28.21 13.81 -24.53
C HIS A 259 -28.67 14.72 -25.66
N THR A 260 -28.58 16.03 -25.44
CA THR A 260 -28.90 17.01 -26.48
C THR A 260 -27.71 16.94 -27.44
N PHE A 261 -26.61 16.37 -26.96
CA PHE A 261 -25.39 16.25 -27.76
C PHE A 261 -24.93 14.81 -28.04
N GLY A 262 -24.24 14.65 -29.17
CA GLY A 262 -23.69 13.36 -29.53
C GLY A 262 -24.62 12.23 -29.90
N LYS A 263 -24.13 11.01 -29.66
CA LYS A 263 -24.87 9.81 -30.03
C LYS A 263 -24.32 8.61 -29.28
N VAL A 264 -24.96 7.46 -29.47
CA VAL A 264 -24.52 6.21 -28.87
C VAL A 264 -23.79 5.44 -29.98
N HIS A 265 -22.73 4.73 -29.63
CA HIS A 265 -21.95 3.97 -30.61
C HIS A 265 -22.11 2.45 -30.51
N GLY A 266 -22.45 1.84 -31.64
CA GLY A 266 -22.63 0.39 -31.71
C GLY A 266 -23.09 -0.06 -33.09
N ALA A 267 -22.13 -0.43 -33.95
CA ALA A 267 -22.43 -0.88 -35.31
C ALA A 267 -22.81 -2.36 -35.37
N ASP A 268 -22.76 -3.02 -34.22
CA ASP A 268 -23.10 -4.44 -34.12
C ASP A 268 -23.10 -4.80 -32.64
N ASP A 269 -22.46 -5.91 -32.30
CA ASP A 269 -22.36 -6.35 -30.91
C ASP A 269 -20.93 -6.18 -30.43
N PRO A 270 -20.73 -5.34 -29.40
CA PRO A 270 -19.41 -5.06 -28.82
C PRO A 270 -18.90 -6.25 -28.00
N GLU A 271 -19.83 -7.07 -27.53
CA GLU A 271 -19.49 -8.25 -26.75
C GLU A 271 -18.69 -9.20 -27.63
N GLU A 272 -18.65 -8.89 -28.92
CA GLU A 272 -17.93 -9.68 -29.91
C GLU A 272 -17.27 -8.78 -30.97
N ASN A 273 -17.12 -7.50 -30.64
CA ASN A 273 -16.48 -6.53 -31.53
C ASN A 273 -15.81 -5.41 -30.72
N LEU A 274 -15.18 -5.80 -29.61
CA LEU A 274 -14.49 -4.85 -28.75
C LEU A 274 -13.20 -5.50 -28.23
N GLY A 275 -12.13 -4.72 -28.14
CA GLY A 275 -10.86 -5.25 -27.68
C GLY A 275 -10.52 -5.09 -26.21
N PRO A 276 -9.36 -5.60 -25.78
CA PRO A 276 -8.86 -5.55 -24.40
C PRO A 276 -8.92 -4.14 -23.79
N GLU A 277 -9.46 -4.05 -22.58
CA GLU A 277 -9.55 -2.76 -21.90
C GLU A 277 -8.13 -2.27 -21.65
N PRO A 278 -7.96 -0.96 -21.39
CA PRO A 278 -6.63 -0.36 -21.15
C PRO A 278 -5.69 -1.20 -20.30
N GLU A 279 -6.15 -1.59 -19.12
CA GLU A 279 -5.33 -2.39 -18.21
C GLU A 279 -4.90 -3.75 -18.75
N ALA A 280 -5.65 -4.29 -19.71
CA ALA A 280 -5.34 -5.60 -20.28
C ALA A 280 -4.74 -5.52 -21.68
N ALA A 281 -4.58 -4.31 -22.20
CA ALA A 281 -4.03 -4.13 -23.54
C ALA A 281 -2.50 -4.30 -23.59
N PRO A 282 -1.97 -4.66 -24.77
CA PRO A 282 -0.53 -4.84 -24.97
C PRO A 282 0.25 -3.55 -24.67
N ILE A 283 1.48 -3.71 -24.20
CA ILE A 283 2.32 -2.57 -23.85
C ILE A 283 2.52 -1.56 -24.99
N GLU A 284 2.52 -2.05 -26.24
CA GLU A 284 2.70 -1.17 -27.38
C GLU A 284 1.54 -0.21 -27.61
N GLN A 285 0.38 -0.52 -27.04
CA GLN A 285 -0.78 0.36 -27.19
C GLN A 285 -0.67 1.58 -26.29
N GLN A 286 0.41 1.62 -25.52
CA GLN A 286 0.71 2.73 -24.63
C GLN A 286 -0.49 3.33 -23.88
N GLY A 287 -1.12 2.51 -23.04
CA GLY A 287 -2.23 3.01 -22.24
C GLY A 287 -3.61 3.09 -22.87
N LEU A 288 -3.72 2.86 -24.17
CA LEU A 288 -5.01 2.89 -24.83
C LEU A 288 -5.49 1.46 -25.01
N GLY A 289 -6.81 1.28 -24.99
CA GLY A 289 -7.37 -0.05 -25.14
C GLY A 289 -8.59 -0.05 -26.04
N TRP A 290 -9.46 -1.05 -25.88
CA TRP A 290 -10.66 -1.16 -26.68
C TRP A 290 -10.32 -0.99 -28.15
N GLN A 291 -9.16 -1.50 -28.53
CA GLN A 291 -8.68 -1.42 -29.91
C GLN A 291 -7.67 -2.55 -30.12
N ILE A 303 -18.44 0.44 -32.05
CA ILE A 303 -19.32 -0.47 -31.31
C ILE A 303 -18.88 -0.54 -29.85
N THR A 304 -19.57 0.20 -28.99
CA THR A 304 -19.25 0.21 -27.56
C THR A 304 -20.26 -0.62 -26.77
N ALA A 305 -21.51 -0.65 -27.21
CA ALA A 305 -22.56 -1.38 -26.51
C ALA A 305 -23.83 -1.68 -27.32
N GLY A 306 -23.65 -2.22 -28.53
CA GLY A 306 -24.79 -2.57 -29.38
C GLY A 306 -25.68 -1.47 -29.93
N ILE A 307 -26.16 -0.59 -29.06
CA ILE A 307 -27.03 0.51 -29.45
C ILE A 307 -26.31 1.51 -30.35
N GLU A 308 -27.01 2.04 -31.35
CA GLU A 308 -26.43 2.99 -32.30
C GLU A 308 -27.40 4.09 -32.69
N GLY A 309 -26.89 5.31 -32.80
CA GLY A 309 -27.73 6.43 -33.19
C GLY A 309 -27.69 7.69 -32.33
N PRO A 310 -28.02 8.84 -32.91
CA PRO A 310 -28.03 10.11 -32.17
C PRO A 310 -29.40 10.37 -31.58
N TRP A 311 -29.47 11.30 -30.62
CA TRP A 311 -30.75 11.63 -29.98
C TRP A 311 -31.46 12.74 -30.75
N THR A 312 -30.68 13.64 -31.32
CA THR A 312 -31.22 14.79 -32.03
C THR A 312 -30.77 14.97 -33.47
N GLN A 313 -31.43 15.90 -34.18
CA GLN A 313 -31.12 16.19 -35.59
C GLN A 313 -29.82 16.97 -35.76
N SER A 314 -29.40 17.68 -34.71
CA SER A 314 -28.16 18.47 -34.72
C SER A 314 -27.37 18.14 -33.46
N PRO A 315 -26.70 16.98 -33.44
CA PRO A 315 -25.90 16.50 -32.30
C PRO A 315 -24.79 17.41 -31.76
N THR A 316 -24.43 18.46 -32.50
CA THR A 316 -23.36 19.33 -32.01
C THR A 316 -23.84 20.77 -31.75
N GLU A 317 -25.12 20.92 -31.47
CA GLU A 317 -25.66 22.25 -31.20
C GLU A 317 -26.68 22.19 -30.06
N TRP A 318 -26.59 23.15 -29.14
CA TRP A 318 -27.54 23.21 -28.03
C TRP A 318 -28.90 23.69 -28.56
N ASP A 319 -29.94 22.93 -28.24
CA ASP A 319 -31.30 23.26 -28.66
C ASP A 319 -32.29 22.41 -27.87
N MET A 320 -33.54 22.41 -28.29
CA MET A 320 -34.60 21.64 -27.63
C MET A 320 -34.85 20.32 -28.35
N GLY A 321 -33.91 19.91 -29.18
CA GLY A 321 -34.05 18.68 -29.93
C GLY A 321 -34.31 17.40 -29.16
N TYR A 322 -33.66 17.23 -28.02
CA TYR A 322 -33.87 16.02 -27.24
C TYR A 322 -35.27 15.94 -26.67
N ILE A 323 -35.71 17.03 -26.03
CA ILE A 323 -37.03 17.09 -25.42
C ILE A 323 -38.15 17.00 -26.46
N ASN A 324 -37.94 17.65 -27.60
CA ASN A 324 -38.94 17.64 -28.67
C ASN A 324 -39.09 16.25 -29.25
N ASN A 325 -37.96 15.59 -29.52
CA ASN A 325 -38.00 14.24 -30.09
C ASN A 325 -38.67 13.27 -29.13
N LEU A 326 -38.37 13.38 -27.85
CA LEU A 326 -38.95 12.50 -26.84
C LEU A 326 -40.43 12.72 -26.58
N LEU A 327 -40.82 13.98 -26.34
CA LEU A 327 -42.22 14.29 -26.03
C LEU A 327 -43.18 14.38 -27.21
N ASP A 328 -42.72 14.94 -28.31
CA ASP A 328 -43.57 15.14 -29.48
C ASP A 328 -43.85 13.90 -30.35
N TYR A 329 -43.15 12.80 -30.08
CA TYR A 329 -43.34 11.58 -30.87
C TYR A 329 -43.47 10.34 -29.97
N GLU A 330 -44.14 9.31 -30.49
CA GLU A 330 -44.30 8.07 -29.72
C GLU A 330 -43.13 7.16 -30.07
N TRP A 331 -42.62 6.46 -29.06
CA TRP A 331 -41.49 5.55 -29.24
C TRP A 331 -41.83 4.13 -28.84
N GLU A 332 -41.13 3.17 -29.43
CA GLU A 332 -41.33 1.77 -29.11
C GLU A 332 -40.01 1.00 -29.13
N PRO A 333 -39.90 -0.06 -28.32
CA PRO A 333 -38.72 -0.93 -28.18
C PRO A 333 -38.27 -1.59 -29.47
N GLU A 334 -36.98 -1.93 -29.53
CA GLU A 334 -36.43 -2.60 -30.69
C GLU A 334 -35.07 -3.20 -30.36
N LYS A 335 -34.90 -4.47 -30.70
CA LYS A 335 -33.65 -5.18 -30.48
C LYS A 335 -32.78 -4.98 -31.71
N GLY A 336 -31.62 -4.36 -31.52
CA GLY A 336 -30.72 -4.11 -32.64
C GLY A 336 -30.06 -5.39 -33.11
N PRO A 337 -29.23 -5.33 -34.16
CA PRO A 337 -28.57 -6.53 -34.66
C PRO A 337 -27.65 -7.15 -33.62
N GLY A 338 -27.36 -6.39 -32.57
CA GLY A 338 -26.50 -6.89 -31.52
C GLY A 338 -27.30 -7.49 -30.37
N GLY A 339 -28.62 -7.38 -30.46
CA GLY A 339 -29.47 -7.91 -29.41
C GLY A 339 -29.74 -6.90 -28.31
N ALA A 340 -29.11 -5.74 -28.40
CA ALA A 340 -29.30 -4.70 -27.39
C ALA A 340 -30.59 -3.91 -27.64
N TRP A 341 -31.22 -3.50 -26.54
CA TRP A 341 -32.48 -2.74 -26.60
C TRP A 341 -32.31 -1.23 -26.73
N GLN A 342 -33.05 -0.65 -27.67
CA GLN A 342 -33.08 0.80 -27.88
C GLN A 342 -34.50 1.11 -28.37
N TRP A 343 -34.84 2.38 -28.47
CA TRP A 343 -36.17 2.77 -28.91
C TRP A 343 -36.16 3.56 -30.21
N ALA A 344 -37.14 3.29 -31.06
CA ALA A 344 -37.27 3.96 -32.35
C ALA A 344 -38.56 4.78 -32.41
N PRO A 345 -38.57 5.86 -33.22
CA PRO A 345 -39.71 6.76 -33.40
C PRO A 345 -40.70 6.23 -34.44
N LYS A 346 -41.96 6.08 -34.03
CA LYS A 346 -43.01 5.59 -34.92
C LYS A 346 -43.20 6.47 -36.15
N SER A 347 -42.91 7.77 -35.98
CA SER A 347 -43.05 8.72 -37.06
C SER A 347 -42.14 8.36 -38.23
N GLU A 348 -42.34 9.03 -39.36
CA GLU A 348 -41.54 8.79 -40.56
C GLU A 348 -40.87 10.09 -41.01
N GLU A 349 -41.20 11.18 -40.33
CA GLU A 349 -40.61 12.48 -40.68
C GLU A 349 -39.21 12.56 -40.06
N LEU A 350 -39.00 11.82 -38.97
CA LEU A 350 -37.70 11.80 -38.30
C LEU A 350 -36.78 10.79 -38.97
N LYS A 351 -37.35 10.00 -39.88
CA LYS A 351 -36.57 9.00 -40.59
C LYS A 351 -35.48 9.70 -41.40
N ASN A 352 -34.23 9.27 -41.22
CA ASN A 352 -33.09 9.86 -41.92
C ASN A 352 -33.01 11.37 -41.75
N SER A 353 -33.49 11.86 -40.60
CA SER A 353 -33.48 13.29 -40.31
C SER A 353 -32.15 13.74 -39.71
N VAL A 354 -31.23 12.80 -39.52
CA VAL A 354 -29.93 13.09 -38.93
C VAL A 354 -28.75 12.70 -39.81
N PRO A 355 -27.78 13.62 -39.98
CA PRO A 355 -26.61 13.33 -40.81
C PRO A 355 -25.74 12.30 -40.10
N ASP A 356 -25.05 11.46 -40.87
CA ASP A 356 -24.19 10.44 -40.28
C ASP A 356 -22.95 11.07 -39.67
N ALA A 357 -22.43 10.43 -38.63
CA ALA A 357 -21.25 10.92 -37.91
C ALA A 357 -20.00 11.04 -38.75
N HIS A 358 -19.80 10.12 -39.70
CA HIS A 358 -18.61 10.17 -40.54
C HIS A 358 -18.86 10.13 -42.05
N ASP A 359 -20.00 9.57 -42.45
CA ASP A 359 -20.33 9.48 -43.86
C ASP A 359 -21.27 10.61 -44.28
N PRO A 360 -20.77 11.56 -45.08
CA PRO A 360 -21.56 12.70 -45.57
C PRO A 360 -22.75 12.31 -46.43
N ASP A 361 -22.53 11.36 -47.34
CA ASP A 361 -23.57 10.89 -48.24
C ASP A 361 -24.51 9.89 -47.56
N GLU A 362 -24.58 9.95 -46.24
CA GLU A 362 -25.44 9.04 -45.49
C GLU A 362 -26.31 9.75 -44.45
N LYS A 363 -27.40 9.09 -44.06
CA LYS A 363 -28.32 9.63 -43.07
C LYS A 363 -28.56 8.61 -41.96
N GLN A 364 -29.14 9.07 -40.87
CA GLN A 364 -29.42 8.19 -39.73
C GLN A 364 -30.69 8.67 -39.03
N THR A 365 -31.35 7.75 -38.33
CA THR A 365 -32.58 8.11 -37.62
C THR A 365 -32.34 8.21 -36.12
N PRO A 366 -32.88 9.26 -35.49
CA PRO A 366 -32.74 9.49 -34.05
C PRO A 366 -33.22 8.29 -33.26
N MET A 367 -32.55 8.01 -32.14
CA MET A 367 -32.96 6.90 -31.30
C MET A 367 -33.00 7.37 -29.86
N MET A 368 -33.53 6.52 -28.99
CA MET A 368 -33.62 6.83 -27.57
C MET A 368 -33.32 5.56 -26.78
N LEU A 369 -32.83 5.76 -25.56
CA LEU A 369 -32.52 4.65 -24.68
C LEU A 369 -33.71 4.47 -23.77
N THR A 370 -33.80 3.29 -23.19
CA THR A 370 -34.87 3.00 -22.25
C THR A 370 -34.79 4.02 -21.10
N THR A 371 -33.60 4.49 -20.79
CA THR A 371 -33.45 5.44 -19.70
C THR A 371 -33.93 6.85 -20.07
N ASP A 372 -34.05 7.10 -21.38
CA ASP A 372 -34.55 8.40 -21.84
C ASP A 372 -36.07 8.28 -21.81
N ILE A 373 -36.62 7.18 -22.32
CA ILE A 373 -38.07 7.01 -22.31
C ILE A 373 -38.63 7.06 -20.89
N ALA A 374 -37.80 6.66 -19.94
CA ALA A 374 -38.19 6.67 -18.53
C ALA A 374 -38.62 8.06 -18.07
N LEU A 375 -37.96 9.08 -18.63
CA LEU A 375 -38.23 10.48 -18.30
C LEU A 375 -39.59 10.94 -18.83
N LYS A 376 -40.13 10.19 -19.77
CA LYS A 376 -41.42 10.52 -20.36
C LYS A 376 -42.54 9.65 -19.77
N ARG A 377 -42.18 8.43 -19.39
CA ARG A 377 -43.16 7.49 -18.83
C ARG A 377 -43.45 7.68 -17.34
N ASP A 378 -42.47 8.19 -16.59
CA ASP A 378 -42.65 8.43 -15.17
C ASP A 378 -43.46 9.73 -15.05
N PRO A 379 -44.52 9.74 -14.22
CA PRO A 379 -45.38 10.91 -14.03
C PRO A 379 -44.63 12.17 -13.57
N ASP A 380 -43.81 12.03 -12.53
CA ASP A 380 -43.05 13.16 -11.99
C ASP A 380 -42.04 13.69 -13.01
N TYR A 381 -41.27 12.80 -13.65
CA TYR A 381 -40.30 13.23 -14.64
C TYR A 381 -41.00 13.86 -15.83
N ARG A 382 -42.12 13.26 -16.24
CA ARG A 382 -42.89 13.76 -17.37
C ARG A 382 -43.33 15.22 -17.13
N GLU A 383 -43.79 15.50 -15.91
CA GLU A 383 -44.22 16.84 -15.55
C GLU A 383 -43.06 17.82 -15.68
N VAL A 384 -41.89 17.39 -15.23
CA VAL A 384 -40.70 18.24 -15.30
C VAL A 384 -40.32 18.47 -16.76
N MET A 385 -40.32 17.41 -17.57
CA MET A 385 -39.97 17.53 -18.98
C MET A 385 -40.95 18.39 -19.79
N GLU A 386 -42.23 18.34 -19.41
CA GLU A 386 -43.26 19.13 -20.09
C GLU A 386 -43.04 20.59 -19.79
N THR A 387 -42.68 20.88 -18.54
CA THR A 387 -42.43 22.25 -18.14
C THR A 387 -41.18 22.74 -18.87
N PHE A 388 -40.21 21.85 -19.01
CA PHE A 388 -38.97 22.19 -19.70
C PHE A 388 -39.26 22.55 -21.16
N GLN A 389 -40.11 21.77 -21.82
CA GLN A 389 -40.44 22.03 -23.21
C GLN A 389 -41.21 23.34 -23.32
N GLU A 390 -42.10 23.57 -22.35
CA GLU A 390 -42.92 24.76 -22.29
C GLU A 390 -42.10 26.03 -22.04
N ASN A 391 -41.05 25.89 -21.23
CA ASN A 391 -40.18 27.00 -20.90
C ASN A 391 -38.71 26.65 -21.15
N PRO A 392 -38.26 26.77 -22.40
CA PRO A 392 -36.88 26.45 -22.77
C PRO A 392 -35.85 27.11 -21.86
N MET A 393 -36.17 28.29 -21.33
CA MET A 393 -35.25 28.99 -20.44
C MET A 393 -35.05 28.23 -19.13
N GLU A 394 -36.13 27.64 -18.62
CA GLU A 394 -36.05 26.91 -17.36
C GLU A 394 -35.21 25.64 -17.53
N PHE A 395 -35.23 25.08 -18.73
CA PHE A 395 -34.43 23.89 -19.01
C PHE A 395 -32.97 24.31 -18.93
N GLY A 396 -32.62 25.39 -19.62
CA GLY A 396 -31.24 25.87 -19.63
C GLY A 396 -30.72 26.17 -18.24
N MET A 397 -31.48 26.92 -17.47
CA MET A 397 -31.10 27.28 -16.11
C MET A 397 -30.84 26.05 -15.25
N ASN A 398 -31.74 25.06 -15.33
CA ASN A 398 -31.56 23.85 -14.53
C ASN A 398 -30.38 23.00 -14.98
N PHE A 399 -30.14 22.93 -16.27
CA PHE A 399 -29.01 22.15 -16.77
C PHE A 399 -27.72 22.86 -16.35
N ALA A 400 -27.67 24.17 -16.51
CA ALA A 400 -26.50 24.95 -16.16
C ALA A 400 -26.15 24.74 -14.69
N LYS A 401 -27.14 24.96 -13.81
CA LYS A 401 -26.92 24.78 -12.37
C LYS A 401 -26.52 23.36 -12.00
N ALA A 402 -27.24 22.38 -12.53
CA ALA A 402 -26.97 20.97 -12.27
C ALA A 402 -25.60 20.52 -12.79
N TRP A 403 -25.20 21.03 -13.95
CA TRP A 403 -23.89 20.67 -14.50
C TRP A 403 -22.78 21.23 -13.61
N TYR A 404 -22.96 22.46 -13.15
CA TYR A 404 -21.98 23.11 -12.27
C TYR A 404 -21.87 22.31 -10.95
N LYS A 405 -23.02 21.93 -10.38
CA LYS A 405 -23.02 21.17 -9.12
C LYS A 405 -22.35 19.79 -9.27
N LEU A 406 -22.77 19.08 -10.32
CA LEU A 406 -22.24 17.75 -10.63
C LEU A 406 -20.72 17.78 -10.71
N THR A 407 -20.18 18.77 -11.40
CA THR A 407 -18.74 18.85 -11.57
C THR A 407 -17.93 19.58 -10.47
N HIS A 408 -18.61 20.13 -9.46
CA HIS A 408 -17.90 20.84 -8.38
C HIS A 408 -18.39 20.40 -6.99
N ARG A 409 -19.33 19.46 -6.94
CA ARG A 409 -19.92 19.03 -5.68
C ARG A 409 -18.94 18.50 -4.62
N ASP A 410 -17.80 17.98 -5.07
CA ASP A 410 -16.82 17.42 -4.15
C ASP A 410 -15.62 18.33 -3.86
N MET A 411 -15.73 19.60 -4.21
CA MET A 411 -14.62 20.51 -3.99
C MET A 411 -14.62 21.20 -2.63
N GLY A 412 -15.68 20.99 -1.85
CA GLY A 412 -15.73 21.59 -0.53
C GLY A 412 -16.32 22.99 -0.46
N PRO A 413 -15.91 23.80 0.53
CA PRO A 413 -16.42 25.17 0.67
C PRO A 413 -15.87 26.13 -0.39
N PRO A 414 -16.53 27.28 -0.57
CA PRO A 414 -16.14 28.31 -1.54
C PRO A 414 -14.67 28.71 -1.51
N GLU A 415 -14.07 28.64 -0.33
CA GLU A 415 -12.66 28.98 -0.15
C GLU A 415 -11.77 28.20 -1.12
N ARG A 416 -12.18 26.99 -1.46
CA ARG A 416 -11.40 26.15 -2.36
C ARG A 416 -11.65 26.37 -3.85
N PHE A 417 -12.67 27.14 -4.19
CA PHE A 417 -12.98 27.40 -5.60
C PHE A 417 -12.07 28.52 -6.12
N LEU A 418 -11.23 28.18 -7.11
CA LEU A 418 -10.26 29.14 -7.63
C LEU A 418 -10.44 29.58 -9.07
N GLY A 419 -9.88 30.75 -9.40
CA GLY A 419 -9.94 31.23 -10.77
C GLY A 419 -10.92 32.34 -11.07
N PRO A 420 -10.79 32.95 -12.24
CA PRO A 420 -11.63 34.06 -12.71
C PRO A 420 -13.04 33.70 -13.16
N GLU A 421 -13.36 32.41 -13.30
CA GLU A 421 -14.69 32.01 -13.73
C GLU A 421 -15.56 31.48 -12.59
N VAL A 422 -15.11 31.68 -11.37
CA VAL A 422 -15.89 31.23 -10.21
C VAL A 422 -17.09 32.17 -10.12
N PRO A 423 -18.31 31.62 -10.05
CA PRO A 423 -19.51 32.46 -9.96
C PRO A 423 -19.48 33.31 -8.69
N ASP A 424 -20.11 34.49 -8.72
CA ASP A 424 -20.17 35.34 -7.55
C ASP A 424 -21.15 34.71 -6.56
N GLU A 425 -22.11 33.94 -7.08
CA GLU A 425 -23.11 33.28 -6.25
C GLU A 425 -22.56 32.01 -5.61
N GLU A 426 -22.73 31.90 -4.29
CA GLU A 426 -22.29 30.69 -3.58
C GLU A 426 -23.52 29.81 -3.45
N MET A 427 -23.38 28.53 -3.75
CA MET A 427 -24.51 27.60 -3.69
C MET A 427 -24.58 26.90 -2.35
N ILE A 428 -25.80 26.64 -1.87
CA ILE A 428 -25.96 25.99 -0.58
C ILE A 428 -25.26 24.63 -0.47
N TRP A 429 -25.10 23.92 -1.59
CA TRP A 429 -24.43 22.63 -1.49
C TRP A 429 -22.94 22.77 -1.22
N GLN A 430 -22.43 23.99 -1.25
CA GLN A 430 -21.02 24.22 -0.94
C GLN A 430 -20.88 24.36 0.57
N ASP A 431 -22.02 24.31 1.28
CA ASP A 431 -22.04 24.49 2.73
C ASP A 431 -21.26 25.78 3.08
N PRO A 432 -21.66 26.91 2.49
CA PRO A 432 -21.04 28.23 2.69
C PRO A 432 -20.68 28.66 4.12
N LEU A 433 -19.72 29.56 4.22
CA LEU A 433 -19.31 30.07 5.52
C LEU A 433 -19.31 31.59 5.45
N PRO A 434 -19.74 32.24 6.53
CA PRO A 434 -19.77 33.71 6.54
C PRO A 434 -18.37 34.26 6.84
N ASP A 435 -18.22 35.57 6.66
CA ASP A 435 -16.96 36.25 6.92
C ASP A 435 -16.89 36.62 8.39
N ALA A 436 -15.69 36.63 8.95
CA ALA A 436 -15.52 37.00 10.35
C ALA A 436 -15.38 38.51 10.40
N ASP A 437 -16.48 39.19 10.67
CA ASP A 437 -16.50 40.64 10.74
C ASP A 437 -16.02 41.14 12.11
N TYR A 438 -14.81 40.75 12.49
CA TYR A 438 -14.23 41.14 13.76
C TYR A 438 -12.77 40.72 13.81
N ASP A 439 -12.03 41.23 14.79
CA ASP A 439 -10.62 40.86 14.91
C ASP A 439 -10.51 39.50 15.58
N LEU A 440 -9.49 38.75 15.20
CA LEU A 440 -9.27 37.42 15.78
C LEU A 440 -8.55 37.47 17.11
N ILE A 441 -8.88 36.53 17.99
CA ILE A 441 -8.26 36.47 19.31
C ILE A 441 -6.76 36.14 19.19
N GLY A 442 -5.99 36.60 20.16
CA GLY A 442 -4.56 36.35 20.15
C GLY A 442 -4.16 35.37 21.25
N ASP A 443 -2.85 35.17 21.41
CA ASP A 443 -2.33 34.25 22.43
C ASP A 443 -2.91 34.49 23.82
N GLU A 444 -2.99 35.75 24.23
CA GLU A 444 -3.52 36.09 25.54
C GLU A 444 -4.97 35.67 25.74
N GLU A 445 -5.84 36.00 24.79
CA GLU A 445 -7.25 35.63 24.89
C GLU A 445 -7.43 34.12 24.80
N ILE A 446 -6.60 33.47 24.00
CA ILE A 446 -6.68 32.02 23.85
C ILE A 446 -6.47 31.33 25.20
N ALA A 447 -5.45 31.76 25.94
CA ALA A 447 -5.17 31.17 27.26
C ALA A 447 -6.28 31.48 28.25
N GLU A 448 -6.80 32.71 28.18
CA GLU A 448 -7.89 33.16 29.06
C GLU A 448 -9.12 32.26 28.84
N LEU A 449 -9.52 32.09 27.59
CA LEU A 449 -10.68 31.27 27.28
C LEU A 449 -10.48 29.84 27.75
N LYS A 450 -9.30 29.30 27.47
CA LYS A 450 -8.95 27.95 27.87
C LYS A 450 -9.09 27.77 29.38
N GLU A 451 -8.58 28.74 30.13
CA GLU A 451 -8.65 28.69 31.57
C GLU A 451 -10.09 28.72 32.07
N GLU A 452 -10.89 29.62 31.50
CA GLU A 452 -12.27 29.73 31.93
C GLU A 452 -13.08 28.49 31.57
N ILE A 453 -12.77 27.85 30.45
CA ILE A 453 -13.49 26.65 30.05
C ILE A 453 -13.28 25.51 31.06
N LEU A 454 -12.03 25.29 31.45
CA LEU A 454 -11.71 24.24 32.40
C LEU A 454 -12.21 24.57 33.80
N ASP A 455 -12.37 25.86 34.09
CA ASP A 455 -12.86 26.30 35.39
C ASP A 455 -14.38 26.20 35.48
N SER A 456 -15.06 25.94 34.36
CA SER A 456 -16.51 25.82 34.36
C SER A 456 -16.88 24.43 34.87
N ASP A 457 -18.17 24.14 34.88
CA ASP A 457 -18.59 22.83 35.36
C ASP A 457 -18.56 21.78 34.25
N LEU A 458 -17.96 22.12 33.11
CA LEU A 458 -17.89 21.15 32.01
C LEU A 458 -16.76 20.16 32.30
N SER A 459 -17.01 18.87 32.12
CA SER A 459 -15.99 17.88 32.40
C SER A 459 -15.10 17.65 31.18
N VAL A 460 -13.97 17.02 31.42
CA VAL A 460 -13.06 16.69 30.36
C VAL A 460 -13.83 15.86 29.32
N SER A 461 -14.62 14.89 29.77
CA SER A 461 -15.39 14.05 28.86
C SER A 461 -16.40 14.82 27.99
N GLN A 462 -17.14 15.74 28.59
CA GLN A 462 -18.10 16.54 27.83
C GLN A 462 -17.35 17.32 26.74
N LEU A 463 -16.28 17.99 27.12
CA LEU A 463 -15.49 18.79 26.19
C LEU A 463 -14.94 17.97 25.01
N VAL A 464 -14.36 16.81 25.30
CA VAL A 464 -13.80 15.96 24.25
C VAL A 464 -14.89 15.44 23.30
N LYS A 465 -16.00 14.97 23.85
CA LYS A 465 -17.10 14.45 23.01
C LYS A 465 -17.69 15.49 22.07
N THR A 466 -17.86 16.70 22.59
CA THR A 466 -18.42 17.81 21.81
C THR A 466 -17.46 18.22 20.69
N ALA A 467 -16.18 18.36 21.01
CA ALA A 467 -15.18 18.75 20.01
C ALA A 467 -15.11 17.64 18.95
N TRP A 468 -15.16 16.39 19.40
CA TRP A 468 -15.12 15.27 18.46
C TRP A 468 -16.35 15.23 17.57
N ALA A 469 -17.53 15.47 18.14
CA ALA A 469 -18.75 15.47 17.36
C ALA A 469 -18.77 16.57 16.31
N SER A 470 -18.08 17.67 16.60
CA SER A 470 -18.01 18.80 15.69
C SER A 470 -17.05 18.54 14.53
N ALA A 471 -15.88 18.02 14.86
CA ALA A 471 -14.84 17.78 13.87
C ALA A 471 -14.90 16.49 13.08
N SER A 472 -15.40 15.43 13.71
CA SER A 472 -15.43 14.11 13.10
C SER A 472 -16.32 13.88 11.89
N THR A 473 -17.16 14.84 11.51
CA THR A 473 -18.01 14.66 10.35
C THR A 473 -17.21 14.97 9.08
N TYR A 474 -16.00 15.50 9.24
CA TYR A 474 -15.18 15.83 8.08
C TYR A 474 -14.81 14.62 7.23
N ARG A 475 -14.86 14.76 5.90
CA ARG A 475 -14.44 13.67 5.03
C ARG A 475 -13.58 14.26 3.93
N ASP A 476 -12.37 13.74 3.77
CA ASP A 476 -11.44 14.24 2.78
C ASP A 476 -11.87 13.97 1.35
N SER A 477 -12.81 13.04 1.19
CA SER A 477 -13.32 12.66 -0.13
C SER A 477 -14.00 13.82 -0.85
N ASP A 478 -14.99 14.45 -0.22
CA ASP A 478 -15.65 15.59 -0.85
C ASP A 478 -15.52 16.86 -0.01
N LYS A 479 -14.60 16.83 0.94
CA LYS A 479 -14.31 17.96 1.83
C LYS A 479 -15.50 18.59 2.57
N ARG A 480 -16.51 17.79 2.88
CA ARG A 480 -17.67 18.28 3.64
C ARG A 480 -17.46 17.97 5.12
N GLY A 481 -18.23 18.61 6.00
CA GLY A 481 -18.08 18.35 7.42
C GLY A 481 -16.91 19.09 8.03
N GLY A 482 -16.70 18.90 9.32
CA GLY A 482 -15.61 19.59 9.98
C GLY A 482 -16.15 20.56 10.99
N ALA A 483 -15.29 21.03 11.90
CA ALA A 483 -15.70 21.94 12.96
C ALA A 483 -15.98 23.37 12.48
N ASN A 484 -15.34 23.81 11.40
CA ASN A 484 -15.60 25.17 10.93
C ASN A 484 -17.09 25.29 10.59
N GLY A 485 -17.70 26.38 11.06
CA GLY A 485 -19.12 26.61 10.81
C GLY A 485 -20.01 26.25 12.01
N ALA A 486 -19.50 25.47 12.94
CA ALA A 486 -20.25 25.03 14.10
C ALA A 486 -21.68 24.58 13.73
N ARG A 487 -21.80 23.78 12.68
CA ARG A 487 -23.10 23.29 12.29
C ARG A 487 -23.61 22.19 13.22
N LEU A 488 -22.74 21.75 14.13
CA LEU A 488 -23.12 20.75 15.13
C LEU A 488 -24.31 21.30 15.93
N ARG A 489 -24.35 22.62 16.12
CA ARG A 489 -25.45 23.24 16.88
C ARG A 489 -26.76 23.35 16.11
N LEU A 490 -26.73 23.09 14.82
CA LEU A 490 -27.94 23.22 13.99
C LEU A 490 -28.52 21.89 13.55
N GLU A 491 -29.68 21.93 12.92
CA GLU A 491 -30.29 20.71 12.40
C GLU A 491 -29.41 20.30 11.24
N PRO A 492 -29.26 18.98 11.01
CA PRO A 492 -29.82 17.89 11.79
C PRO A 492 -28.89 17.37 12.88
N GLN A 493 -27.63 17.79 12.81
CA GLN A 493 -26.63 17.33 13.78
C GLN A 493 -27.00 17.50 15.24
N LYS A 494 -27.62 18.62 15.62
CA LYS A 494 -27.98 18.81 17.01
C LYS A 494 -28.94 17.73 17.55
N ASN A 495 -29.64 17.05 16.64
CA ASN A 495 -30.59 16.00 17.03
C ASN A 495 -30.23 14.57 16.60
N TRP A 496 -28.99 14.36 16.14
CA TRP A 496 -28.55 13.02 15.77
C TRP A 496 -28.42 12.19 17.04
N GLU A 497 -28.95 10.97 17.03
CA GLU A 497 -28.87 10.08 18.20
C GLU A 497 -27.45 9.92 18.75
N VAL A 498 -26.49 9.75 17.84
CA VAL A 498 -25.10 9.55 18.21
C VAL A 498 -24.52 10.74 18.98
N ASN A 499 -25.08 11.93 18.78
CA ASN A 499 -24.60 13.13 19.47
C ASN A 499 -25.26 13.34 20.85
N GLU A 500 -26.20 12.46 21.21
CA GLU A 500 -26.90 12.55 22.49
C GLU A 500 -27.37 13.99 22.73
N PRO A 501 -28.34 14.43 21.91
CA PRO A 501 -28.97 15.76 21.88
C PRO A 501 -29.18 16.48 23.20
N GLU A 502 -29.74 15.77 24.17
CA GLU A 502 -30.01 16.33 25.48
C GLU A 502 -28.71 16.76 26.17
N GLN A 503 -27.72 15.87 26.15
CA GLN A 503 -26.43 16.14 26.79
C GLN A 503 -25.65 17.18 25.98
N LEU A 504 -25.72 17.08 24.65
CA LEU A 504 -25.03 18.02 23.77
C LEU A 504 -25.47 19.45 24.04
N GLU A 505 -26.78 19.63 24.21
CA GLU A 505 -27.33 20.96 24.44
C GLU A 505 -26.71 21.65 25.66
N THR A 506 -26.37 20.87 26.68
CA THR A 506 -25.76 21.40 27.90
C THR A 506 -24.38 21.98 27.61
N VAL A 507 -23.56 21.20 26.91
CA VAL A 507 -22.21 21.63 26.57
C VAL A 507 -22.29 22.85 25.63
N LEU A 508 -23.10 22.78 24.58
CA LEU A 508 -23.18 23.93 23.67
C LEU A 508 -23.72 25.18 24.37
N GLY A 509 -24.72 25.00 25.24
CA GLY A 509 -25.29 26.12 25.96
C GLY A 509 -24.23 26.81 26.81
N THR A 510 -23.43 26.01 27.51
CA THR A 510 -22.36 26.52 28.37
C THR A 510 -21.27 27.26 27.57
N LEU A 511 -20.86 26.69 26.44
CA LEU A 511 -19.84 27.33 25.62
C LEU A 511 -20.40 28.63 25.03
N GLU A 512 -21.70 28.63 24.73
CA GLU A 512 -22.34 29.83 24.18
C GLU A 512 -22.37 30.92 25.24
N ASN A 513 -22.50 30.55 26.51
CA ASN A 513 -22.51 31.55 27.59
C ASN A 513 -21.10 32.13 27.68
N ILE A 514 -20.10 31.27 27.55
CA ILE A 514 -18.70 31.71 27.60
C ILE A 514 -18.43 32.66 26.43
N GLN A 515 -18.92 32.32 25.24
CA GLN A 515 -18.74 33.17 24.07
C GLN A 515 -19.30 34.57 24.36
N THR A 516 -20.55 34.63 24.81
CA THR A 516 -21.22 35.88 25.12
C THR A 516 -20.41 36.71 26.11
N GLU A 517 -19.98 36.03 27.17
CA GLU A 517 -19.19 36.58 28.26
C GLU A 517 -17.89 37.19 27.72
N PHE A 518 -17.20 36.46 26.85
CA PHE A 518 -15.95 36.94 26.26
C PHE A 518 -16.19 38.11 25.33
N ASN A 519 -17.12 37.98 24.40
CA ASN A 519 -17.40 39.06 23.43
C ASN A 519 -17.85 40.37 24.04
N ASP A 520 -18.68 40.28 25.08
CA ASP A 520 -19.19 41.48 25.73
C ASP A 520 -18.13 42.16 26.60
N SER A 521 -17.10 41.42 26.98
CA SER A 521 -16.05 42.00 27.81
C SER A 521 -14.91 42.56 26.98
N ARG A 522 -14.96 42.38 25.67
CA ARG A 522 -13.88 42.90 24.83
C ARG A 522 -13.98 44.41 24.68
N SER A 523 -12.84 45.08 24.81
CA SER A 523 -12.78 46.52 24.70
C SER A 523 -12.63 46.95 23.25
N ASP A 524 -12.18 46.03 22.40
CA ASP A 524 -11.98 46.35 21.00
C ASP A 524 -12.93 45.56 20.11
N GLY A 525 -12.56 45.43 18.83
CA GLY A 525 -13.40 44.71 17.89
C GLY A 525 -13.19 43.21 17.89
N THR A 526 -12.45 42.71 18.87
CA THR A 526 -12.19 41.27 18.98
C THR A 526 -13.43 40.47 19.40
N GLN A 527 -13.62 39.30 18.78
CA GLN A 527 -14.73 38.40 19.12
C GLN A 527 -14.30 36.96 18.91
N VAL A 528 -14.99 36.02 19.55
CA VAL A 528 -14.67 34.60 19.38
C VAL A 528 -15.94 33.90 18.88
N SER A 529 -15.78 32.95 17.96
CA SER A 529 -16.92 32.22 17.44
C SER A 529 -17.14 30.98 18.30
N LEU A 530 -18.32 30.40 18.22
CA LEU A 530 -18.62 29.19 18.98
C LEU A 530 -17.82 28.05 18.35
N ALA A 531 -17.61 28.12 17.04
CA ALA A 531 -16.83 27.08 16.35
C ALA A 531 -15.45 26.97 16.97
N ASP A 532 -14.80 28.12 17.15
CA ASP A 532 -13.47 28.13 17.75
C ASP A 532 -13.51 27.62 19.20
N LEU A 533 -14.45 28.11 19.99
CA LEU A 533 -14.58 27.68 21.39
C LEU A 533 -14.75 26.17 21.57
N ILE A 534 -15.52 25.54 20.70
CA ILE A 534 -15.74 24.11 20.79
C ILE A 534 -14.40 23.39 20.63
N VAL A 535 -13.61 23.82 19.64
CA VAL A 535 -12.31 23.21 19.39
C VAL A 535 -11.34 23.58 20.50
N LEU A 536 -11.37 24.84 20.95
CA LEU A 536 -10.48 25.26 22.02
C LEU A 536 -10.79 24.46 23.29
N GLY A 537 -12.09 24.22 23.53
CA GLY A 537 -12.51 23.45 24.69
C GLY A 537 -11.99 22.02 24.63
N GLY A 538 -12.03 21.42 23.45
CA GLY A 538 -11.54 20.07 23.26
C GLY A 538 -10.04 20.03 23.53
N ASN A 539 -9.32 20.99 22.97
CA ASN A 539 -7.88 21.09 23.20
C ASN A 539 -7.57 21.21 24.70
N ALA A 540 -8.28 22.08 25.39
CA ALA A 540 -8.09 22.28 26.83
C ALA A 540 -8.32 20.97 27.60
N ALA A 541 -9.38 20.24 27.23
CA ALA A 541 -9.70 18.97 27.90
C ALA A 541 -8.60 17.92 27.68
N VAL A 542 -8.09 17.83 26.46
CA VAL A 542 -7.01 16.88 26.18
C VAL A 542 -5.77 17.30 27.00
N GLU A 543 -5.47 18.59 26.98
CA GLU A 543 -4.33 19.11 27.75
C GLU A 543 -4.49 18.76 29.23
N GLN A 544 -5.71 18.87 29.73
CA GLN A 544 -6.01 18.56 31.13
C GLN A 544 -5.85 17.05 31.42
N ALA A 545 -6.28 16.21 30.48
CA ALA A 545 -6.17 14.76 30.64
C ALA A 545 -4.70 14.36 30.71
N ALA A 546 -3.86 15.03 29.92
CA ALA A 546 -2.43 14.74 29.90
C ALA A 546 -1.80 15.24 31.20
N ALA A 547 -2.23 16.41 31.66
CA ALA A 547 -1.70 16.97 32.91
C ALA A 547 -2.04 16.02 34.05
N ASN A 548 -3.23 15.42 34.01
CA ASN A 548 -3.63 14.48 35.06
C ASN A 548 -2.69 13.27 35.08
N ALA A 549 -2.08 12.96 33.94
CA ALA A 549 -1.15 11.84 33.83
C ALA A 549 0.29 12.24 34.11
N GLY A 550 0.51 13.53 34.34
CA GLY A 550 1.84 14.01 34.62
C GLY A 550 2.59 14.58 33.43
N TYR A 551 1.88 14.85 32.34
CA TYR A 551 2.52 15.41 31.15
C TYR A 551 2.00 16.81 30.85
N ASP A 552 2.93 17.70 30.52
CA ASP A 552 2.60 19.08 30.17
C ASP A 552 2.61 19.23 28.66
N VAL A 553 1.42 19.37 28.07
CA VAL A 553 1.29 19.52 26.63
C VAL A 553 0.55 20.78 26.21
N GLU A 554 1.03 21.41 25.14
CA GLU A 554 0.43 22.60 24.60
C GLU A 554 0.04 22.32 23.16
N ILE A 555 -1.26 22.20 22.90
CA ILE A 555 -1.72 21.90 21.54
C ILE A 555 -1.84 23.17 20.70
N PRO A 556 -1.24 23.17 19.51
CA PRO A 556 -1.32 24.35 18.64
C PRO A 556 -2.78 24.66 18.34
N PHE A 557 -3.16 25.93 18.43
CA PHE A 557 -4.53 26.33 18.13
C PHE A 557 -4.54 27.42 17.08
N GLU A 558 -5.42 27.26 16.09
CA GLU A 558 -5.53 28.26 15.03
C GLU A 558 -6.95 28.82 15.03
N PRO A 559 -7.08 30.11 15.40
CA PRO A 559 -8.40 30.76 15.44
C PRO A 559 -8.83 31.19 14.05
N GLY A 560 -10.11 31.50 13.87
CA GLY A 560 -10.58 31.93 12.56
C GLY A 560 -11.81 31.19 12.10
N ARG A 561 -12.19 30.13 12.80
CA ARG A 561 -13.39 29.39 12.41
C ARG A 561 -14.57 30.32 12.67
N VAL A 562 -15.62 30.18 11.88
CA VAL A 562 -16.82 31.01 12.02
C VAL A 562 -18.07 30.16 12.23
N ASP A 563 -19.17 30.81 12.63
CA ASP A 563 -20.44 30.14 12.86
C ASP A 563 -21.43 30.30 11.69
N ALA A 564 -21.74 29.20 11.01
CA ALA A 564 -22.67 29.24 9.88
C ALA A 564 -24.10 29.20 10.40
N GLY A 565 -25.03 29.77 9.63
CA GLY A 565 -26.43 29.79 10.05
C GLY A 565 -27.31 28.79 9.32
N PRO A 566 -28.53 28.54 9.81
CA PRO A 566 -29.48 27.59 9.21
C PRO A 566 -29.90 27.93 7.78
N GLU A 567 -29.96 29.22 7.47
CA GLU A 567 -30.33 29.67 6.14
C GLU A 567 -29.29 29.26 5.10
N HIS A 568 -28.06 29.01 5.55
CA HIS A 568 -26.99 28.60 4.66
C HIS A 568 -26.64 27.13 4.86
N THR A 569 -27.57 26.36 5.43
CA THR A 569 -27.36 24.94 5.67
C THR A 569 -28.50 24.12 5.05
N ASP A 570 -28.15 23.16 4.19
CA ASP A 570 -29.16 22.29 3.58
C ASP A 570 -29.22 21.11 4.56
N ALA A 571 -30.11 21.20 5.55
CA ALA A 571 -30.23 20.17 6.59
C ALA A 571 -30.25 18.73 6.09
N PRO A 572 -31.15 18.39 5.15
CA PRO A 572 -31.24 17.03 4.62
C PRO A 572 -29.91 16.47 4.07
N SER A 573 -29.15 17.32 3.39
CA SER A 573 -27.87 16.89 2.81
C SER A 573 -26.85 16.45 3.85
N PHE A 574 -27.00 16.94 5.08
CA PHE A 574 -26.07 16.57 6.15
C PHE A 574 -26.34 15.19 6.70
N ASP A 575 -27.47 14.61 6.31
CA ASP A 575 -27.81 13.27 6.77
C ASP A 575 -26.73 12.31 6.25
N ALA A 576 -26.15 12.62 5.10
CA ALA A 576 -25.10 11.78 4.52
C ALA A 576 -23.87 11.67 5.42
N LEU A 577 -23.66 12.69 6.25
CA LEU A 577 -22.50 12.69 7.14
C LEU A 577 -22.74 11.96 8.47
N LYS A 578 -23.97 11.55 8.73
CA LYS A 578 -24.32 10.85 9.96
C LYS A 578 -23.57 9.51 10.04
N PRO A 579 -22.79 9.30 11.11
CA PRO A 579 -22.02 8.06 11.29
C PRO A 579 -22.83 6.84 11.72
N LYS A 580 -22.46 5.66 11.22
CA LYS A 580 -23.14 4.42 11.58
C LYS A 580 -22.31 3.73 12.67
N VAL A 581 -21.00 4.00 12.64
CA VAL A 581 -20.08 3.44 13.63
C VAL A 581 -19.14 4.58 14.00
N ASP A 582 -18.95 4.81 15.30
CA ASP A 582 -18.01 5.85 15.71
C ASP A 582 -17.09 5.24 16.77
N GLY A 583 -15.85 5.02 16.37
CA GLY A 583 -14.86 4.41 17.24
C GLY A 583 -14.51 5.17 18.50
N VAL A 584 -14.33 6.48 18.36
CA VAL A 584 -13.99 7.33 19.49
C VAL A 584 -15.05 7.21 20.57
N ARG A 585 -16.31 7.19 20.17
CA ARG A 585 -17.40 7.09 21.14
C ARG A 585 -17.90 5.66 21.36
N ASN A 586 -17.25 4.72 20.68
CA ASN A 586 -17.59 3.31 20.78
C ASN A 586 -19.09 3.18 20.52
N TYR A 587 -19.52 3.74 19.39
CA TYR A 587 -20.90 3.72 18.95
C TYR A 587 -21.11 2.86 17.71
N ILE A 588 -22.07 1.97 17.77
CA ILE A 588 -22.38 1.09 16.64
C ILE A 588 -23.90 1.09 16.43
N GLN A 589 -24.33 1.54 15.26
CA GLN A 589 -25.76 1.59 14.93
C GLN A 589 -26.31 0.16 14.91
N ASP A 590 -27.48 0.00 15.51
CA ASP A 590 -28.15 -1.30 15.62
C ASP A 590 -28.24 -2.15 14.35
N ASP A 591 -28.38 -1.53 13.19
CA ASP A 591 -28.52 -2.31 11.98
C ASP A 591 -27.53 -1.98 10.87
N ILE A 592 -26.30 -2.45 11.03
CA ILE A 592 -25.26 -2.23 10.03
C ILE A 592 -25.02 -3.54 9.30
N THR A 593 -24.40 -3.44 8.12
CA THR A 593 -24.12 -4.62 7.31
C THR A 593 -22.76 -5.23 7.61
N ARG A 594 -21.70 -4.57 7.16
CA ARG A 594 -20.35 -5.06 7.36
C ARG A 594 -19.90 -4.99 8.81
N PRO A 595 -18.87 -5.75 9.17
CA PRO A 595 -18.33 -5.77 10.54
C PRO A 595 -18.01 -4.36 11.00
N ALA A 596 -18.22 -4.09 12.29
CA ALA A 596 -17.95 -2.78 12.84
C ALA A 596 -16.54 -2.27 12.50
N GLU A 597 -15.54 -3.14 12.67
CA GLU A 597 -14.15 -2.77 12.40
C GLU A 597 -13.89 -2.35 10.96
N GLU A 598 -14.67 -2.87 10.02
CA GLU A 598 -14.50 -2.51 8.62
C GLU A 598 -14.95 -1.08 8.40
N VAL A 599 -16.08 -0.71 9.00
CA VAL A 599 -16.62 0.64 8.88
C VAL A 599 -15.65 1.61 9.57
N LEU A 600 -15.09 1.18 10.70
CA LEU A 600 -14.15 2.00 11.45
C LEU A 600 -12.95 2.39 10.57
N VAL A 601 -12.39 1.42 9.86
CA VAL A 601 -11.27 1.68 8.97
C VAL A 601 -11.69 2.63 7.86
N ASP A 602 -12.86 2.36 7.29
CA ASP A 602 -13.42 3.18 6.22
C ASP A 602 -13.53 4.64 6.72
N ASN A 603 -14.08 4.80 7.92
CA ASN A 603 -14.24 6.13 8.53
C ASN A 603 -12.89 6.77 8.83
N ALA A 604 -11.93 5.98 9.26
CA ALA A 604 -10.60 6.52 9.57
C ALA A 604 -9.97 7.11 8.31
N ASP A 605 -10.18 6.44 7.18
CA ASP A 605 -9.62 6.92 5.91
C ASP A 605 -10.20 8.28 5.53
N LEU A 606 -11.45 8.56 5.88
CA LEU A 606 -12.06 9.85 5.58
C LEU A 606 -11.42 10.98 6.35
N LEU A 607 -10.82 10.64 7.49
CA LEU A 607 -10.16 11.64 8.33
C LEU A 607 -8.68 11.67 8.03
N ASN A 608 -8.29 11.04 6.91
CA ASN A 608 -6.90 11.00 6.47
C ASN A 608 -5.94 10.40 7.49
N LEU A 609 -6.42 9.43 8.25
CA LEU A 609 -5.61 8.78 9.27
C LEU A 609 -4.87 7.53 8.82
N THR A 610 -3.67 7.34 9.39
CA THR A 610 -2.86 6.16 9.10
C THR A 610 -3.30 5.14 10.16
N ALA A 611 -2.80 3.92 10.06
CA ALA A 611 -3.16 2.88 11.03
C ALA A 611 -2.68 3.22 12.43
N SER A 612 -1.50 3.81 12.52
CA SER A 612 -0.93 4.18 13.80
C SER A 612 -1.71 5.34 14.44
N GLU A 613 -2.12 6.30 13.62
CA GLU A 613 -2.89 7.45 14.13
C GLU A 613 -4.25 6.99 14.63
N LEU A 614 -4.86 6.06 13.88
CA LEU A 614 -6.16 5.51 14.27
C LEU A 614 -6.02 4.79 15.62
N THR A 615 -4.95 4.01 15.74
CA THR A 615 -4.68 3.26 16.98
C THR A 615 -4.41 4.20 18.16
N ALA A 616 -3.51 5.16 17.99
CA ALA A 616 -3.22 6.10 19.06
C ALA A 616 -4.51 6.80 19.51
N LEU A 617 -5.31 7.25 18.55
CA LEU A 617 -6.57 7.93 18.83
C LEU A 617 -7.54 7.10 19.66
N ILE A 618 -7.90 5.90 19.19
CA ILE A 618 -8.82 5.05 19.92
C ILE A 618 -8.25 4.70 21.30
N GLY A 619 -7.02 4.20 21.34
CA GLY A 619 -6.40 3.85 22.60
C GLY A 619 -6.40 4.97 23.63
N GLY A 620 -6.00 6.16 23.20
CA GLY A 620 -5.98 7.30 24.11
C GLY A 620 -7.37 7.74 24.53
N MET A 621 -8.32 7.70 23.61
CA MET A 621 -9.68 8.11 23.93
C MET A 621 -10.27 7.22 25.02
N ARG A 622 -9.92 5.94 25.00
CA ARG A 622 -10.43 4.99 25.99
C ARG A 622 -9.91 5.31 27.40
N SER A 623 -8.70 5.82 27.50
CA SER A 623 -8.14 6.17 28.81
C SER A 623 -8.87 7.41 29.33
N ILE A 624 -9.32 8.24 28.40
CA ILE A 624 -10.05 9.44 28.79
C ILE A 624 -11.48 9.08 29.18
N GLY A 625 -12.13 8.28 28.33
CA GLY A 625 -13.50 7.88 28.58
C GLY A 625 -14.44 8.86 27.90
N ALA A 626 -14.63 8.70 26.60
CA ALA A 626 -15.51 9.57 25.82
C ALA A 626 -16.59 8.76 25.12
N ASN A 627 -17.03 7.69 25.77
CA ASN A 627 -18.03 6.81 25.20
C ASN A 627 -19.45 7.36 25.15
N TYR A 628 -20.17 6.95 24.11
CA TYR A 628 -21.57 7.30 23.90
C TYR A 628 -22.28 6.65 25.09
N GLN A 629 -23.20 7.38 25.72
CA GLN A 629 -23.94 6.90 26.88
C GLN A 629 -23.03 6.62 28.09
N ASP A 630 -21.81 7.16 28.03
CA ASP A 630 -20.84 6.99 29.11
C ASP A 630 -20.65 5.54 29.57
N THR A 631 -20.68 4.59 28.63
CA THR A 631 -20.48 3.18 29.01
C THR A 631 -19.00 2.98 29.30
N ASP A 632 -18.66 1.82 29.86
CA ASP A 632 -17.27 1.50 30.17
C ASP A 632 -16.67 0.59 29.11
N LEU A 633 -17.31 0.49 27.95
CA LEU A 633 -16.83 -0.38 26.88
C LEU A 633 -15.44 0.05 26.40
N GLY A 634 -14.49 -0.87 26.52
CA GLY A 634 -13.13 -0.59 26.10
C GLY A 634 -12.36 0.35 27.00
N VAL A 635 -12.98 0.80 28.08
CA VAL A 635 -12.33 1.72 29.01
C VAL A 635 -11.53 0.90 30.04
N PHE A 636 -10.39 0.38 29.57
CA PHE A 636 -9.51 -0.45 30.38
C PHE A 636 -8.57 0.36 31.27
N THR A 637 -9.14 1.12 32.20
CA THR A 637 -8.36 1.94 33.10
C THR A 637 -9.14 2.21 34.39
N ASP A 638 -8.42 2.48 35.46
CA ASP A 638 -9.06 2.78 36.74
C ASP A 638 -8.92 4.26 37.09
N GLU A 639 -8.46 5.04 36.11
CA GLU A 639 -8.32 6.48 36.30
C GLU A 639 -8.84 7.22 35.07
N PRO A 640 -10.17 7.33 34.96
CA PRO A 640 -10.83 8.01 33.85
C PRO A 640 -10.34 9.45 33.70
N GLU A 641 -10.44 9.99 32.49
CA GLU A 641 -10.02 11.35 32.19
C GLU A 641 -8.54 11.60 32.48
N THR A 642 -7.73 10.57 32.31
CA THR A 642 -6.29 10.63 32.52
C THR A 642 -5.68 9.95 31.29
N LEU A 643 -5.03 10.74 30.43
CA LEU A 643 -4.44 10.21 29.21
C LEU A 643 -3.19 9.35 29.43
N THR A 644 -3.36 8.04 29.30
CA THR A 644 -2.29 7.06 29.49
C THR A 644 -2.40 5.95 28.46
N ASN A 645 -1.52 4.96 28.58
CA ASN A 645 -1.55 3.83 27.65
C ASN A 645 -2.18 2.59 28.28
N ASP A 646 -2.95 2.80 29.34
CA ASP A 646 -3.62 1.69 30.05
C ASP A 646 -4.44 0.82 29.10
N PHE A 647 -5.05 1.43 28.08
CA PHE A 647 -5.85 0.66 27.14
C PHE A 647 -5.02 -0.49 26.55
N PHE A 648 -3.81 -0.17 26.07
CA PHE A 648 -2.93 -1.16 25.47
C PHE A 648 -2.38 -2.17 26.46
N VAL A 649 -1.90 -1.69 27.60
CA VAL A 649 -1.36 -2.58 28.63
C VAL A 649 -2.39 -3.64 29.01
N ASN A 650 -3.59 -3.21 29.33
CA ASN A 650 -4.62 -4.17 29.71
C ASN A 650 -5.17 -5.00 28.57
N LEU A 651 -5.19 -4.45 27.36
CA LEU A 651 -5.70 -5.23 26.22
C LEU A 651 -4.76 -6.39 25.94
N LEU A 652 -3.45 -6.14 26.01
CA LEU A 652 -2.43 -7.13 25.71
C LEU A 652 -2.11 -8.12 26.82
N ASP A 653 -2.66 -7.92 28.01
CA ASP A 653 -2.39 -8.82 29.15
C ASP A 653 -3.02 -10.20 28.95
N MET A 654 -2.20 -11.22 28.72
CA MET A 654 -2.70 -12.58 28.51
C MET A 654 -3.38 -13.17 29.74
N GLY A 655 -3.35 -12.43 30.85
CA GLY A 655 -4.00 -12.88 32.06
C GLY A 655 -5.50 -12.68 31.92
N THR A 656 -5.89 -12.02 30.83
CA THR A 656 -7.31 -11.79 30.56
C THR A 656 -7.73 -12.58 29.33
N GLU A 657 -8.89 -13.22 29.42
CA GLU A 657 -9.46 -13.99 28.32
C GLU A 657 -10.73 -13.29 27.88
N TRP A 658 -10.95 -13.20 26.58
CA TRP A 658 -12.14 -12.51 26.06
C TRP A 658 -13.17 -13.48 25.52
N GLU A 659 -14.44 -13.14 25.72
CA GLU A 659 -15.54 -13.97 25.26
C GLU A 659 -16.76 -13.12 24.91
N PRO A 660 -17.56 -13.57 23.93
CA PRO A 660 -18.76 -12.83 23.53
C PRO A 660 -19.72 -12.84 24.71
N ALA A 661 -20.43 -11.74 24.92
CA ALA A 661 -21.39 -11.65 26.03
C ALA A 661 -22.66 -12.44 25.70
N ALA A 662 -23.16 -13.22 26.66
CA ALA A 662 -24.37 -14.01 26.47
C ALA A 662 -25.55 -13.09 26.18
N ASP A 663 -26.35 -13.44 25.18
CA ASP A 663 -27.50 -12.62 24.77
C ASP A 663 -27.10 -11.15 24.60
N SER A 664 -26.18 -10.93 23.66
CA SER A 664 -25.68 -9.61 23.33
C SER A 664 -24.81 -9.77 22.10
N GLU A 665 -25.22 -9.16 20.99
CA GLU A 665 -24.47 -9.28 19.75
C GLU A 665 -23.42 -8.19 19.53
N HIS A 666 -23.20 -7.33 20.53
CA HIS A 666 -22.21 -6.27 20.37
C HIS A 666 -21.13 -6.28 21.44
N ARG A 667 -21.50 -6.72 22.63
CA ARG A 667 -20.58 -6.73 23.76
C ARG A 667 -19.72 -7.97 23.96
N TYR A 668 -18.50 -7.76 24.45
CA TYR A 668 -17.56 -8.84 24.76
C TYR A 668 -17.07 -8.59 26.18
N LYS A 669 -16.71 -9.65 26.90
CA LYS A 669 -16.23 -9.47 28.26
C LYS A 669 -14.82 -10.06 28.43
N GLY A 670 -14.01 -9.37 29.22
CA GLY A 670 -12.66 -9.82 29.52
C GLY A 670 -12.77 -10.38 30.92
N LEU A 671 -12.44 -11.66 31.07
CA LEU A 671 -12.59 -12.40 32.33
C LEU A 671 -11.36 -12.78 33.15
N ASP A 672 -10.16 -12.51 32.66
CA ASP A 672 -8.97 -12.90 33.42
C ASP A 672 -8.92 -14.43 33.36
N ARG A 673 -8.17 -14.92 32.37
CA ARG A 673 -8.02 -16.36 32.15
C ARG A 673 -9.35 -17.08 32.29
N ASP A 674 -9.42 -18.03 33.21
CA ASP A 674 -10.66 -18.78 33.41
C ASP A 674 -11.16 -18.72 34.85
N THR A 675 -10.62 -17.78 35.61
CA THR A 675 -11.02 -17.61 37.00
C THR A 675 -12.45 -17.09 37.06
N GLY A 676 -12.93 -16.58 35.93
CA GLY A 676 -14.29 -16.09 35.85
C GLY A 676 -14.48 -14.63 36.19
N GLU A 677 -13.60 -14.10 37.03
CA GLU A 677 -13.66 -12.70 37.45
C GLU A 677 -13.88 -11.79 36.25
N VAL A 678 -15.07 -11.21 36.14
CA VAL A 678 -15.36 -10.32 35.02
C VAL A 678 -14.70 -8.96 35.18
N LYS A 679 -13.66 -8.72 34.39
CA LYS A 679 -12.97 -7.45 34.41
C LYS A 679 -12.94 -6.93 32.99
N TRP A 680 -13.61 -5.80 32.77
CA TRP A 680 -13.67 -5.17 31.46
C TRP A 680 -14.77 -5.73 30.56
N GLU A 681 -15.29 -4.83 29.73
CA GLU A 681 -16.31 -5.14 28.74
C GLU A 681 -15.79 -4.36 27.52
N ALA A 682 -16.12 -4.83 26.33
CA ALA A 682 -15.65 -4.17 25.11
C ALA A 682 -16.48 -4.56 23.91
N THR A 683 -16.21 -3.90 22.79
CA THR A 683 -16.87 -4.16 21.52
C THR A 683 -15.80 -4.61 20.55
N ARG A 684 -16.19 -4.93 19.32
CA ARG A 684 -15.23 -5.34 18.30
C ARG A 684 -14.29 -4.17 17.96
N ILE A 685 -14.77 -2.95 18.17
CA ILE A 685 -13.97 -1.77 17.89
C ILE A 685 -12.71 -1.79 18.73
N ASP A 686 -12.88 -2.11 20.01
CA ASP A 686 -11.75 -2.18 20.92
C ASP A 686 -10.87 -3.39 20.68
N LEU A 687 -11.49 -4.56 20.51
CA LEU A 687 -10.73 -5.79 20.34
C LEU A 687 -9.97 -5.98 19.05
N ILE A 688 -10.37 -5.28 17.97
CA ILE A 688 -9.67 -5.42 16.71
C ILE A 688 -8.20 -5.04 16.87
N PHE A 689 -7.90 -4.13 17.79
CA PHE A 689 -6.52 -3.70 17.98
C PHE A 689 -5.62 -4.75 18.62
N GLY A 690 -6.23 -5.83 19.08
CA GLY A 690 -5.46 -6.92 19.66
C GLY A 690 -5.62 -8.17 18.83
N SER A 691 -6.48 -8.11 17.81
CA SER A 691 -6.73 -9.24 16.91
C SER A 691 -6.07 -9.13 15.54
N ASN A 692 -6.26 -8.01 14.86
CA ASN A 692 -5.64 -7.82 13.55
C ASN A 692 -4.11 -7.77 13.71
N ASP A 693 -3.40 -8.51 12.85
CA ASP A 693 -1.95 -8.59 12.90
C ASP A 693 -1.20 -7.27 12.89
N ARG A 694 -1.55 -6.38 11.97
CA ARG A 694 -0.87 -5.11 11.89
C ARG A 694 -1.24 -4.17 13.04
N LEU A 695 -2.51 -4.12 13.40
CA LEU A 695 -2.90 -3.25 14.52
C LEU A 695 -2.27 -3.76 15.81
N ARG A 696 -2.15 -5.06 15.96
CA ARG A 696 -1.55 -5.61 17.16
C ARG A 696 -0.08 -5.23 17.30
N ALA A 697 0.62 -5.10 16.17
CA ALA A 697 2.02 -4.69 16.24
C ALA A 697 2.12 -3.27 16.74
N ILE A 698 1.16 -2.43 16.36
CA ILE A 698 1.15 -1.04 16.81
C ILE A 698 0.77 -0.98 18.30
N SER A 699 -0.22 -1.78 18.69
CA SER A 699 -0.65 -1.83 20.07
C SER A 699 0.45 -2.34 21.00
N GLU A 700 1.29 -3.23 20.50
CA GLU A 700 2.37 -3.77 21.33
C GLU A 700 3.41 -2.68 21.57
N VAL A 701 3.52 -1.74 20.65
CA VAL A 701 4.46 -0.64 20.80
C VAL A 701 3.94 0.29 21.90
N TYR A 702 2.69 0.73 21.79
CA TYR A 702 2.07 1.62 22.76
C TYR A 702 1.88 1.00 24.14
N GLY A 703 1.81 -0.32 24.18
CA GLY A 703 1.62 -1.02 25.44
C GLY A 703 2.89 -1.41 26.15
N SER A 704 4.02 -0.89 25.70
CA SER A 704 5.31 -1.20 26.31
C SER A 704 5.61 -0.21 27.44
N ALA A 705 6.43 -0.63 28.41
CA ALA A 705 6.78 0.18 29.57
C ALA A 705 7.51 1.50 29.30
N ASP A 706 7.87 1.73 28.05
CA ASP A 706 8.58 2.96 27.70
C ASP A 706 7.82 3.80 26.69
N ALA A 707 6.57 3.43 26.43
CA ALA A 707 5.78 4.14 25.42
C ALA A 707 4.66 5.08 25.85
N GLU A 708 4.41 5.19 27.15
CA GLU A 708 3.31 6.05 27.57
C GLU A 708 3.44 7.48 27.04
N LYS A 709 4.61 8.08 27.19
CA LYS A 709 4.82 9.45 26.70
C LYS A 709 4.66 9.49 25.18
N LYS A 710 5.15 8.45 24.51
CA LYS A 710 5.04 8.36 23.05
C LYS A 710 3.56 8.30 22.66
N LEU A 711 2.76 7.53 23.38
CA LEU A 711 1.34 7.44 23.07
C LEU A 711 0.69 8.81 23.29
N VAL A 712 1.02 9.47 24.39
CA VAL A 712 0.44 10.78 24.66
C VAL A 712 0.73 11.76 23.52
N HIS A 713 1.98 11.80 23.08
CA HIS A 713 2.35 12.70 21.99
C HIS A 713 1.68 12.33 20.66
N ASP A 714 1.61 11.04 20.34
CA ASP A 714 0.95 10.60 19.11
C ASP A 714 -0.56 10.90 19.17
N PHE A 715 -1.18 10.72 20.33
CA PHE A 715 -2.61 11.00 20.48
C PHE A 715 -2.90 12.48 20.25
N VAL A 716 -2.06 13.34 20.83
CA VAL A 716 -2.23 14.77 20.69
C VAL A 716 -2.02 15.23 19.24
N ASP A 717 -1.01 14.68 18.57
CA ASP A 717 -0.78 15.05 17.19
C ASP A 717 -1.96 14.66 16.33
N THR A 718 -2.56 13.51 16.63
CA THR A 718 -3.70 13.05 15.85
C THR A 718 -4.94 13.90 16.15
N TRP A 719 -5.13 14.23 17.42
CA TRP A 719 -6.26 15.05 17.82
C TRP A 719 -6.12 16.40 17.09
N SER A 720 -4.94 17.00 17.16
CA SER A 720 -4.69 18.28 16.50
C SER A 720 -4.90 18.19 15.00
N LYS A 721 -4.48 17.09 14.39
CA LYS A 721 -4.66 16.90 12.95
C LYS A 721 -6.14 16.93 12.59
N VAL A 722 -6.94 16.16 13.33
CA VAL A 722 -8.38 16.06 13.10
C VAL A 722 -9.07 17.42 13.28
N MET A 723 -8.65 18.16 14.31
CA MET A 723 -9.25 19.46 14.56
C MET A 723 -9.00 20.48 13.47
N LYS A 724 -7.90 20.31 12.73
CA LYS A 724 -7.56 21.24 11.67
C LYS A 724 -7.80 20.71 10.25
N LEU A 725 -8.50 19.60 10.10
CA LEU A 725 -8.74 19.05 8.76
C LEU A 725 -9.43 19.98 7.76
N ASP A 726 -10.39 20.77 8.22
CA ASP A 726 -11.11 21.65 7.30
C ASP A 726 -10.52 23.05 7.22
N ARG A 727 -9.30 23.21 7.71
CA ARG A 727 -8.64 24.49 7.65
C ARG A 727 -7.76 24.50 6.41
N PHE A 728 -8.39 24.72 5.25
CA PHE A 728 -7.64 24.75 4.01
C PHE A 728 -6.99 26.12 3.89
N ASP A 729 -7.36 27.01 4.80
CA ASP A 729 -6.82 28.36 4.83
C ASP A 729 -5.30 28.36 4.70
N LEU A 730 -4.63 27.63 5.58
CA LEU A 730 -3.17 27.54 5.56
C LEU A 730 -2.70 26.43 4.62
N GLU A 731 -2.52 26.78 3.36
CA GLU A 731 -2.08 25.84 2.34
C GLU A 731 -1.57 26.59 1.11
N LYS B 18 -17.95 -7.56 1.74
CA LYS B 18 -17.71 -6.52 0.70
C LYS B 18 -16.26 -6.01 0.75
N ARG B 19 -15.34 -6.80 0.21
CA ARG B 19 -13.92 -6.43 0.19
C ARG B 19 -13.52 -5.75 -1.13
N PRO B 20 -13.25 -4.44 -1.08
CA PRO B 20 -12.86 -3.65 -2.24
C PRO B 20 -11.65 -4.21 -2.99
N LYS B 21 -11.91 -5.05 -3.99
CA LYS B 21 -10.85 -5.64 -4.78
C LYS B 21 -10.02 -4.53 -5.42
N SER B 22 -8.73 -4.78 -5.60
CA SER B 22 -7.84 -3.79 -6.19
C SER B 22 -7.90 -3.83 -7.72
N ASN B 23 -6.94 -4.53 -8.33
CA ASN B 23 -6.88 -4.66 -9.78
C ASN B 23 -6.28 -6.02 -10.15
N GLN B 24 -5.65 -6.66 -9.18
CA GLN B 24 -5.02 -7.96 -9.38
C GLN B 24 -6.08 -9.03 -9.69
N ASP B 25 -7.28 -8.84 -9.13
CA ASP B 25 -8.37 -9.78 -9.32
C ASP B 25 -8.98 -9.67 -10.72
N TRP B 26 -8.82 -8.51 -11.35
CA TRP B 26 -9.35 -8.30 -12.69
C TRP B 26 -8.26 -8.48 -13.74
N TRP B 27 -7.07 -7.96 -13.43
CA TRP B 27 -5.93 -8.05 -14.34
C TRP B 27 -4.73 -8.62 -13.57
N PRO B 28 -4.76 -9.93 -13.29
CA PRO B 28 -3.72 -10.66 -12.57
C PRO B 28 -2.27 -10.32 -12.96
N SER B 29 -2.03 -10.13 -14.25
CA SER B 29 -0.70 -9.80 -14.73
C SER B 29 -0.37 -8.31 -14.60
N LYS B 30 -0.99 -7.64 -13.63
CA LYS B 30 -0.74 -6.21 -13.42
C LYS B 30 0.54 -6.00 -12.62
N LEU B 31 1.16 -4.84 -12.85
CA LEU B 31 2.40 -4.49 -12.17
C LEU B 31 2.14 -4.23 -10.68
N ASN B 32 2.97 -4.81 -9.83
CA ASN B 32 2.81 -4.65 -8.39
C ASN B 32 3.62 -3.46 -7.88
N LEU B 33 3.21 -2.26 -8.31
CA LEU B 33 3.88 -1.02 -7.93
C LEU B 33 3.75 -0.72 -6.45
N GLU B 34 2.81 -1.38 -5.80
CA GLU B 34 2.58 -1.18 -4.37
C GLU B 34 3.86 -1.50 -3.59
N ILE B 35 4.70 -2.39 -4.13
CA ILE B 35 5.93 -2.75 -3.44
C ILE B 35 6.90 -1.56 -3.38
N LEU B 36 6.76 -0.64 -4.33
CA LEU B 36 7.60 0.54 -4.38
C LEU B 36 7.00 1.65 -3.52
N ASP B 37 5.68 1.69 -3.44
CA ASP B 37 5.00 2.67 -2.62
C ASP B 37 5.44 2.41 -1.16
N GLN B 38 5.77 1.16 -0.85
CA GLN B 38 6.20 0.82 0.51
C GLN B 38 7.51 1.52 0.88
N ASN B 39 8.29 1.88 -0.13
CA ASN B 39 9.56 2.56 0.11
C ASN B 39 9.35 4.07 0.22
N ALA B 40 8.13 4.51 -0.11
CA ALA B 40 7.81 5.93 -0.04
C ALA B 40 7.52 6.34 1.39
N ARG B 41 7.17 5.36 2.23
CA ARG B 41 6.85 5.64 3.63
C ARG B 41 7.23 4.48 4.54
N ASP B 42 7.31 4.79 5.83
CA ASP B 42 7.61 3.79 6.84
C ASP B 42 6.42 3.74 7.79
N VAL B 43 5.46 2.87 7.49
CA VAL B 43 4.29 2.74 8.35
C VAL B 43 4.75 2.34 9.74
N GLY B 44 3.87 2.48 10.72
CA GLY B 44 4.23 2.15 12.09
C GLY B 44 4.29 3.40 12.93
N PRO B 45 4.16 3.27 14.26
CA PRO B 45 4.19 4.41 15.19
C PRO B 45 5.57 5.04 15.42
N VAL B 46 6.62 4.24 15.29
CA VAL B 46 7.98 4.72 15.51
C VAL B 46 8.32 5.99 14.72
N GLU B 47 9.01 6.90 15.38
CA GLU B 47 9.40 8.18 14.79
C GLU B 47 10.09 8.02 13.43
N ASP B 48 10.00 9.08 12.63
CA ASP B 48 10.58 9.11 11.29
C ASP B 48 12.09 8.87 11.35
N ASP B 49 12.76 9.59 12.25
CA ASP B 49 14.22 9.48 12.41
C ASP B 49 14.62 8.48 13.47
N PHE B 50 13.87 7.40 13.58
CA PHE B 50 14.16 6.36 14.55
C PHE B 50 15.38 5.55 14.16
N ASP B 51 16.35 5.48 15.08
CA ASP B 51 17.58 4.74 14.84
C ASP B 51 17.64 3.54 15.78
N TYR B 52 17.12 2.40 15.32
CA TYR B 52 17.10 1.21 16.13
C TYR B 52 18.49 0.83 16.66
N ALA B 53 19.51 0.92 15.81
CA ALA B 53 20.87 0.60 16.22
C ALA B 53 21.21 1.35 17.50
N GLU B 54 20.92 2.65 17.49
CA GLU B 54 21.17 3.52 18.63
C GLU B 54 20.43 3.02 19.88
N GLU B 55 19.21 2.53 19.70
CA GLU B 55 18.42 2.03 20.83
C GLU B 55 18.90 0.69 21.37
N PHE B 56 19.26 -0.22 20.47
CA PHE B 56 19.73 -1.54 20.88
C PHE B 56 21.01 -1.38 21.69
N GLN B 57 21.84 -0.42 21.29
CA GLN B 57 23.11 -0.16 21.96
C GLN B 57 22.94 0.15 23.45
N LYS B 58 21.75 0.60 23.84
CA LYS B 58 21.48 0.92 25.24
C LYS B 58 21.06 -0.29 26.05
N LEU B 59 20.45 -1.24 25.35
CA LEU B 59 19.94 -2.47 25.95
C LEU B 59 20.93 -3.25 26.83
N ASP B 60 20.45 -3.75 27.96
CA ASP B 60 21.29 -4.58 28.83
C ASP B 60 21.03 -6.01 28.35
N LEU B 61 21.78 -6.43 27.34
CA LEU B 61 21.60 -7.76 26.75
C LEU B 61 21.52 -8.91 27.75
N GLU B 62 22.49 -8.99 28.66
CA GLU B 62 22.49 -10.07 29.63
C GLU B 62 21.22 -10.13 30.46
N ALA B 63 20.66 -8.96 30.79
CA ALA B 63 19.43 -8.93 31.57
C ALA B 63 18.29 -9.55 30.78
N VAL B 64 18.29 -9.34 29.46
CA VAL B 64 17.25 -9.92 28.61
C VAL B 64 17.43 -11.45 28.58
N LYS B 65 18.68 -11.89 28.45
CA LYS B 65 18.97 -13.32 28.42
C LYS B 65 18.59 -13.98 29.74
N SER B 66 18.73 -13.23 30.82
CA SER B 66 18.40 -13.72 32.14
C SER B 66 16.89 -13.96 32.22
N ASP B 67 16.10 -13.01 31.72
CA ASP B 67 14.64 -13.18 31.75
C ASP B 67 14.20 -14.30 30.81
N LEU B 68 14.88 -14.46 29.68
CA LEU B 68 14.52 -15.52 28.75
C LEU B 68 14.84 -16.88 29.38
N GLU B 69 16.01 -16.99 29.98
CA GLU B 69 16.38 -18.25 30.62
C GLU B 69 15.32 -18.63 31.65
N GLU B 70 14.80 -17.63 32.38
CA GLU B 70 13.77 -17.89 33.37
C GLU B 70 12.48 -18.35 32.67
N LEU B 71 12.16 -17.69 31.56
CA LEU B 71 10.95 -18.03 30.81
C LEU B 71 10.95 -19.49 30.34
N MET B 72 12.10 -19.99 29.93
CA MET B 72 12.23 -21.36 29.44
C MET B 72 11.50 -22.39 30.31
N THR B 73 11.56 -22.21 31.63
CA THR B 73 10.92 -23.15 32.54
C THR B 73 9.71 -22.57 33.27
N SER B 74 9.19 -21.45 32.77
CA SER B 74 8.01 -20.82 33.37
C SER B 74 6.80 -21.13 32.51
N SER B 75 6.27 -22.34 32.67
CA SER B 75 5.12 -22.79 31.91
C SER B 75 3.90 -21.88 32.08
N GLN B 76 3.30 -21.50 30.97
CA GLN B 76 2.11 -20.66 30.99
C GLN B 76 0.88 -21.50 30.75
N ASP B 77 -0.07 -21.37 31.66
CA ASP B 77 -1.33 -22.07 31.64
C ASP B 77 -1.95 -22.24 30.25
N TRP B 78 -2.04 -21.15 29.49
CA TRP B 78 -2.64 -21.21 28.15
C TRP B 78 -1.84 -21.95 27.09
N TRP B 79 -0.63 -22.38 27.42
CA TRP B 79 0.21 -23.12 26.49
C TRP B 79 1.41 -23.69 27.23
N PRO B 80 1.19 -24.76 28.02
CA PRO B 80 2.24 -25.41 28.81
C PRO B 80 3.44 -25.87 27.99
N ALA B 81 4.62 -25.81 28.61
CA ALA B 81 5.84 -26.21 27.92
C ALA B 81 5.99 -27.72 27.92
N ASP B 82 6.33 -28.27 26.76
CA ASP B 82 6.55 -29.71 26.65
C ASP B 82 7.74 -30.03 27.55
N TYR B 83 7.64 -31.13 28.28
CA TYR B 83 8.70 -31.55 29.19
C TYR B 83 9.08 -30.44 30.18
N GLY B 84 8.18 -29.47 30.32
CA GLY B 84 8.43 -28.36 31.23
C GLY B 84 9.52 -27.42 30.76
N HIS B 85 9.73 -27.34 29.45
CA HIS B 85 10.78 -26.48 28.93
C HIS B 85 10.38 -25.99 27.55
N TYR B 86 10.34 -24.67 27.37
CA TYR B 86 9.96 -24.06 26.10
C TYR B 86 11.12 -24.04 25.11
N GLY B 87 12.29 -24.44 25.58
CA GLY B 87 13.48 -24.45 24.74
C GLY B 87 13.27 -24.89 23.31
N PRO B 88 12.84 -26.14 23.09
CA PRO B 88 12.60 -26.68 21.74
C PRO B 88 11.69 -25.80 20.90
N LEU B 89 10.58 -25.34 21.48
CA LEU B 89 9.64 -24.48 20.76
C LEU B 89 10.31 -23.20 20.27
N PHE B 90 11.13 -22.59 21.12
CA PHE B 90 11.82 -21.36 20.71
C PHE B 90 12.86 -21.57 19.62
N ILE B 91 13.50 -22.74 19.60
CA ILE B 91 14.49 -23.03 18.56
C ILE B 91 13.75 -23.13 17.22
N ARG B 92 12.63 -23.84 17.23
CA ARG B 92 11.85 -23.98 16.00
C ARG B 92 11.42 -22.60 15.53
N MET B 93 10.93 -21.79 16.45
CA MET B 93 10.47 -20.44 16.15
C MET B 93 11.55 -19.60 15.47
N ALA B 94 12.76 -19.65 16.03
CA ALA B 94 13.90 -18.90 15.49
C ALA B 94 14.28 -19.50 14.15
N TRP B 95 14.31 -20.82 14.07
CA TRP B 95 14.62 -21.49 12.82
C TRP B 95 13.64 -21.00 11.75
N HIS B 96 12.34 -20.99 12.07
CA HIS B 96 11.34 -20.52 11.11
C HIS B 96 11.47 -19.05 10.74
N SER B 97 11.90 -18.22 11.68
CA SER B 97 12.08 -16.80 11.41
C SER B 97 13.15 -16.56 10.37
N ALA B 98 14.23 -17.34 10.41
CA ALA B 98 15.32 -17.15 9.46
C ALA B 98 15.31 -18.11 8.27
N GLY B 99 14.54 -19.19 8.39
CA GLY B 99 14.48 -20.18 7.33
C GLY B 99 13.80 -19.83 6.02
N THR B 100 13.23 -18.64 5.92
CA THR B 100 12.58 -18.29 4.66
C THR B 100 13.52 -17.52 3.73
N TYR B 101 14.76 -17.34 4.16
CA TYR B 101 15.75 -16.63 3.36
C TYR B 101 16.07 -17.32 2.03
N ARG B 102 16.11 -16.54 0.96
CA ARG B 102 16.47 -17.05 -0.38
C ARG B 102 17.65 -16.21 -0.87
N THR B 103 18.67 -16.85 -1.43
CA THR B 103 19.83 -16.10 -1.93
C THR B 103 19.51 -15.35 -3.22
N ALA B 104 18.54 -15.84 -3.98
CA ALA B 104 18.14 -15.22 -5.25
C ALA B 104 17.91 -13.72 -5.13
N ASP B 105 17.15 -13.31 -4.13
CA ASP B 105 16.89 -11.88 -3.94
C ASP B 105 17.26 -11.41 -2.54
N GLY B 106 17.71 -12.35 -1.72
CA GLY B 106 18.09 -12.01 -0.37
C GLY B 106 16.92 -11.73 0.55
N ARG B 107 15.71 -11.92 0.02
CA ARG B 107 14.51 -11.68 0.82
C ARG B 107 14.21 -12.88 1.71
N GLY B 108 13.36 -12.65 2.71
CA GLY B 108 13.04 -13.69 3.67
C GLY B 108 13.96 -13.45 4.85
N GLY B 109 14.13 -14.43 5.71
CA GLY B 109 15.02 -14.22 6.84
C GLY B 109 14.38 -13.41 7.95
N ALA B 110 14.91 -13.55 9.16
CA ALA B 110 14.37 -12.87 10.33
C ALA B 110 14.58 -11.37 10.41
N ALA B 111 15.36 -10.81 9.51
CA ALA B 111 15.66 -9.37 9.50
C ALA B 111 14.54 -8.44 9.98
N GLY B 112 13.36 -8.54 9.39
CA GLY B 112 12.27 -7.66 9.81
C GLY B 112 11.20 -8.28 10.69
N GLY B 113 11.33 -9.56 11.01
CA GLY B 113 10.33 -10.21 11.84
C GLY B 113 8.96 -10.22 11.20
N ARG B 114 8.93 -10.31 9.86
CA ARG B 114 7.65 -10.32 9.15
C ARG B 114 6.86 -11.61 9.33
N GLN B 115 7.43 -12.52 10.12
CA GLN B 115 6.78 -13.81 10.43
C GLN B 115 5.49 -13.52 11.20
N ARG B 116 5.47 -12.40 11.89
CA ARG B 116 4.32 -11.97 12.69
C ARG B 116 3.12 -11.54 11.86
N PHE B 117 3.33 -11.25 10.58
CA PHE B 117 2.26 -10.80 9.72
C PHE B 117 1.81 -11.85 8.71
N ALA B 118 0.59 -11.69 8.21
CA ALA B 118 0.05 -12.59 7.20
C ALA B 118 0.79 -12.23 5.92
N PRO B 119 0.90 -13.17 4.97
CA PRO B 119 0.35 -14.53 5.03
C PRO B 119 1.27 -15.54 5.74
N ILE B 120 2.47 -15.12 6.10
CA ILE B 120 3.43 -16.01 6.77
C ILE B 120 2.96 -16.58 8.11
N ASN B 121 2.44 -15.71 8.98
CA ASN B 121 1.98 -16.15 10.30
C ASN B 121 0.86 -17.18 10.23
N SER B 122 0.31 -17.39 9.04
CA SER B 122 -0.78 -18.35 8.87
C SER B 122 -0.39 -19.59 8.08
N TRP B 123 0.87 -19.71 7.68
CA TRP B 123 1.30 -20.90 6.95
C TRP B 123 1.12 -22.11 7.86
N PRO B 124 0.68 -23.24 7.29
CA PRO B 124 0.48 -24.46 8.09
C PRO B 124 1.78 -24.81 8.81
N ASP B 125 2.88 -24.45 8.17
CA ASP B 125 4.24 -24.66 8.67
C ASP B 125 4.52 -23.96 9.99
N ASN B 126 3.89 -22.80 10.17
CA ASN B 126 4.10 -22.01 11.37
C ASN B 126 3.05 -22.25 12.45
N ALA B 127 2.36 -23.39 12.37
CA ALA B 127 1.34 -23.75 13.36
C ALA B 127 1.86 -23.61 14.78
N ASN B 128 1.10 -22.89 15.59
CA ASN B 128 1.43 -22.64 16.99
C ASN B 128 2.67 -21.78 17.26
N LEU B 129 3.30 -21.25 16.23
CA LEU B 129 4.44 -20.39 16.48
C LEU B 129 3.89 -19.06 16.99
N ASP B 130 2.56 -18.90 16.86
CA ASP B 130 1.88 -17.70 17.35
C ASP B 130 1.94 -17.74 18.87
N LYS B 131 1.81 -18.95 19.42
CA LYS B 131 1.87 -19.15 20.86
C LYS B 131 3.27 -18.84 21.37
N ALA B 132 4.29 -19.30 20.65
CA ALA B 132 5.67 -19.06 21.03
C ALA B 132 5.97 -17.57 21.15
N ARG B 133 5.53 -16.80 20.16
CA ARG B 133 5.75 -15.34 20.16
C ARG B 133 5.03 -14.67 21.30
N ARG B 134 3.80 -15.12 21.57
CA ARG B 134 3.01 -14.55 22.64
C ARG B 134 3.70 -14.73 24.00
N LEU B 135 4.43 -15.84 24.15
CA LEU B 135 5.14 -16.13 25.38
C LEU B 135 6.24 -15.09 25.68
N LEU B 136 6.73 -14.46 24.62
CA LEU B 136 7.80 -13.46 24.72
C LEU B 136 7.26 -12.04 24.89
N LEU B 137 5.95 -11.88 24.77
CA LEU B 137 5.35 -10.54 24.88
C LEU B 137 5.70 -9.76 26.15
N PRO B 138 5.68 -10.43 27.32
CA PRO B 138 6.02 -9.71 28.55
C PRO B 138 7.44 -9.14 28.50
N ILE B 139 8.37 -9.92 27.97
CA ILE B 139 9.75 -9.45 27.88
C ILE B 139 9.86 -8.29 26.89
N LYS B 140 9.13 -8.38 25.78
CA LYS B 140 9.15 -7.32 24.77
C LYS B 140 8.67 -6.01 25.37
N GLN B 141 7.60 -6.09 26.18
CA GLN B 141 7.03 -4.90 26.82
C GLN B 141 7.98 -4.27 27.84
N LYS B 142 8.72 -5.11 28.54
CA LYS B 142 9.66 -4.63 29.55
C LYS B 142 10.80 -3.82 28.96
N TYR B 143 11.38 -4.30 27.86
CA TYR B 143 12.50 -3.62 27.23
C TYR B 143 12.12 -2.66 26.11
N GLY B 144 10.87 -2.73 25.67
CA GLY B 144 10.39 -1.84 24.63
C GLY B 144 11.21 -1.80 23.34
N GLN B 145 11.39 -0.59 22.83
CA GLN B 145 12.11 -0.39 21.58
C GLN B 145 13.59 -0.76 21.62
N LYS B 146 14.13 -0.97 22.81
CA LYS B 146 15.53 -1.34 22.93
C LYS B 146 15.82 -2.70 22.29
N ILE B 147 14.77 -3.46 22.03
CA ILE B 147 14.94 -4.75 21.37
C ILE B 147 13.71 -5.04 20.52
N SER B 148 13.95 -5.30 19.24
CA SER B 148 12.91 -5.58 18.27
C SER B 148 12.44 -7.02 18.37
N TRP B 149 11.25 -7.28 17.83
CA TRP B 149 10.70 -8.63 17.83
C TRP B 149 11.67 -9.56 17.09
N ALA B 150 12.22 -9.07 15.99
CA ALA B 150 13.14 -9.86 15.20
C ALA B 150 14.37 -10.27 16.00
N ASP B 151 14.94 -9.31 16.73
CA ASP B 151 16.10 -9.58 17.57
C ASP B 151 15.70 -10.51 18.73
N LEU B 152 14.54 -10.26 19.32
CA LEU B 152 14.08 -11.07 20.45
C LEU B 152 13.80 -12.52 20.10
N MET B 153 13.26 -12.76 18.91
CA MET B 153 12.95 -14.12 18.49
C MET B 153 14.23 -14.91 18.30
N ILE B 154 15.23 -14.30 17.69
CA ILE B 154 16.51 -14.98 17.49
C ILE B 154 17.20 -15.20 18.83
N LEU B 155 17.14 -14.20 19.71
CA LEU B 155 17.79 -14.32 21.02
C LEU B 155 17.15 -15.48 21.80
N ALA B 156 15.83 -15.60 21.75
CA ALA B 156 15.14 -16.68 22.47
C ALA B 156 15.68 -18.04 21.99
N GLY B 157 15.93 -18.15 20.69
CA GLY B 157 16.47 -19.39 20.16
C GLY B 157 17.84 -19.67 20.77
N ASN B 158 18.67 -18.63 20.83
CA ASN B 158 20.02 -18.76 21.42
C ASN B 158 19.97 -19.20 22.88
N VAL B 159 19.17 -18.50 23.69
CA VAL B 159 19.06 -18.82 25.11
C VAL B 159 18.54 -20.24 25.30
N ALA B 160 17.57 -20.64 24.47
CA ALA B 160 17.02 -21.98 24.55
C ALA B 160 18.15 -22.98 24.37
N ILE B 161 18.94 -22.82 23.32
CA ILE B 161 20.06 -23.71 23.04
C ILE B 161 21.09 -23.71 24.17
N GLU B 162 21.43 -22.52 24.65
CA GLU B 162 22.41 -22.39 25.72
C GLU B 162 21.90 -22.98 27.04
N SER B 163 20.61 -22.79 27.31
CA SER B 163 20.04 -23.31 28.55
C SER B 163 19.88 -24.83 28.53
N MET B 164 19.98 -25.45 27.36
CA MET B 164 19.83 -26.90 27.26
C MET B 164 21.16 -27.64 27.15
N GLY B 165 22.26 -26.94 27.37
CA GLY B 165 23.56 -27.59 27.34
C GLY B 165 24.50 -27.34 26.19
N PHE B 166 24.09 -26.52 25.21
CA PHE B 166 24.94 -26.22 24.07
C PHE B 166 25.31 -24.75 24.01
N LYS B 167 26.61 -24.47 23.85
CA LYS B 167 27.09 -23.10 23.76
C LYS B 167 27.11 -22.62 22.32
N THR B 168 26.66 -21.39 22.09
CA THR B 168 26.64 -20.84 20.73
C THR B 168 27.91 -20.07 20.40
N PHE B 169 28.01 -19.66 19.14
CA PHE B 169 29.15 -18.91 18.63
C PHE B 169 28.99 -17.44 19.02
N GLY B 170 27.77 -17.06 19.34
CA GLY B 170 27.52 -15.68 19.72
C GLY B 170 26.18 -15.17 19.22
N TYR B 171 25.99 -13.87 19.34
CA TYR B 171 24.75 -13.23 18.94
C TYR B 171 24.99 -11.75 18.65
N ALA B 172 24.23 -11.22 17.71
CA ALA B 172 24.34 -9.81 17.38
C ALA B 172 22.94 -9.26 17.19
N GLY B 173 22.74 -8.03 17.65
CA GLY B 173 21.46 -7.38 17.50
C GLY B 173 21.58 -6.51 16.26
N GLY B 174 20.51 -5.81 15.93
CA GLY B 174 20.53 -4.93 14.77
C GLY B 174 19.41 -5.16 13.76
N ARG B 175 18.51 -6.09 14.04
CA ARG B 175 17.40 -6.37 13.13
C ARG B 175 16.24 -5.44 13.45
N GLU B 176 16.00 -4.44 12.61
CA GLU B 176 14.91 -3.50 12.85
C GLU B 176 13.57 -4.14 12.50
N ASP B 177 12.55 -3.85 13.30
CA ASP B 177 11.21 -4.41 13.06
C ASP B 177 10.42 -3.73 11.96
N ALA B 178 9.72 -4.52 11.16
CA ALA B 178 8.87 -3.97 10.11
C ALA B 178 7.46 -3.97 10.72
N PHE B 179 6.55 -3.18 10.17
CA PHE B 179 5.19 -3.11 10.69
C PHE B 179 4.14 -3.59 9.68
N GLU B 180 4.61 -4.16 8.58
CA GLU B 180 3.74 -4.66 7.53
C GLU B 180 4.48 -5.78 6.80
N GLU B 181 3.73 -6.58 6.04
CA GLU B 181 4.35 -7.66 5.29
C GLU B 181 5.09 -7.07 4.08
N ASP B 182 6.04 -7.84 3.54
CA ASP B 182 6.80 -7.39 2.37
C ASP B 182 6.01 -7.86 1.15
N LYS B 183 5.37 -6.91 0.45
CA LYS B 183 4.60 -7.27 -0.72
C LYS B 183 5.46 -7.76 -1.88
N ALA B 184 6.77 -7.77 -1.70
CA ALA B 184 7.68 -8.17 -2.76
C ALA B 184 7.93 -9.67 -2.93
N VAL B 185 7.99 -10.41 -1.81
CA VAL B 185 8.25 -11.83 -1.88
C VAL B 185 7.10 -12.68 -2.41
N ASN B 186 7.27 -13.17 -3.64
CA ASN B 186 6.29 -14.03 -4.30
C ASN B 186 6.58 -15.44 -3.82
N TRP B 187 6.29 -15.69 -2.55
CA TRP B 187 6.54 -16.99 -1.92
C TRP B 187 6.28 -18.23 -2.77
N GLY B 188 5.22 -18.20 -3.58
CA GLY B 188 4.92 -19.36 -4.41
C GLY B 188 3.85 -19.18 -5.47
N PRO B 189 4.03 -19.80 -6.65
CA PRO B 189 3.09 -19.71 -7.76
C PRO B 189 1.78 -20.44 -7.46
N GLU B 190 1.84 -21.45 -6.60
CA GLU B 190 0.66 -22.22 -6.24
C GLU B 190 -0.31 -21.39 -5.41
N ASP B 191 -1.57 -21.35 -5.83
CA ASP B 191 -2.60 -20.59 -5.13
C ASP B 191 -3.25 -21.44 -4.04
N GLU B 192 -2.42 -22.16 -3.29
CA GLU B 192 -2.91 -23.02 -2.20
C GLU B 192 -1.76 -23.56 -1.36
N PHE B 193 -2.03 -23.74 -0.07
CA PHE B 193 -1.04 -24.25 0.88
C PHE B 193 -0.76 -25.74 0.71
N GLU B 194 0.44 -26.15 1.11
CA GLU B 194 0.87 -27.56 1.04
C GLU B 194 0.72 -28.21 -0.33
N THR B 195 0.57 -27.41 -1.37
CA THR B 195 0.44 -27.92 -2.73
C THR B 195 1.56 -27.30 -3.57
N GLN B 196 2.05 -28.02 -4.56
CA GLN B 196 3.12 -27.49 -5.40
C GLN B 196 3.01 -27.80 -6.89
N GLU B 197 3.50 -26.85 -7.69
CA GLU B 197 3.52 -26.96 -9.15
C GLU B 197 4.89 -26.41 -9.55
N ARG B 198 5.84 -26.51 -8.63
CA ARG B 198 7.20 -26.02 -8.85
C ARG B 198 8.23 -27.12 -9.11
N PHE B 199 7.80 -28.38 -9.07
CA PHE B 199 8.70 -29.50 -9.30
C PHE B 199 7.98 -30.83 -9.53
N ASP B 200 8.35 -31.51 -10.62
CA ASP B 200 7.75 -32.80 -10.96
C ASP B 200 8.66 -33.93 -10.49
N GLU B 201 9.96 -33.69 -10.48
CA GLU B 201 10.96 -34.66 -10.05
C GLU B 201 11.82 -34.07 -8.95
N PRO B 202 11.86 -34.72 -7.78
CA PRO B 202 12.67 -34.26 -6.64
C PRO B 202 14.09 -33.88 -7.04
N GLY B 203 14.38 -32.58 -7.00
CA GLY B 203 15.71 -32.11 -7.35
C GLY B 203 15.70 -31.07 -8.47
N GLU B 204 14.53 -30.79 -9.01
CA GLU B 204 14.40 -29.81 -10.09
C GLU B 204 13.33 -28.77 -9.75
N ILE B 205 13.38 -28.26 -8.52
CA ILE B 205 12.41 -27.27 -8.05
C ILE B 205 12.52 -26.00 -8.87
N GLN B 206 11.43 -25.24 -8.95
CA GLN B 206 11.41 -23.99 -9.71
C GLN B 206 12.54 -23.06 -9.27
N GLU B 207 12.90 -22.11 -10.12
CA GLU B 207 13.98 -21.17 -9.82
C GLU B 207 13.45 -19.92 -9.14
N GLY B 208 14.05 -19.58 -8.00
CA GLY B 208 13.63 -18.39 -7.25
C GLY B 208 12.92 -18.70 -5.96
N LEU B 209 12.91 -19.98 -5.59
CA LEU B 209 12.24 -20.41 -4.36
C LEU B 209 13.17 -21.28 -3.50
N GLY B 210 13.16 -21.04 -2.20
CA GLY B 210 13.99 -21.82 -1.31
C GLY B 210 13.18 -22.94 -0.68
N ALA B 211 11.95 -23.10 -1.18
CA ALA B 211 11.04 -24.13 -0.68
C ALA B 211 10.49 -24.97 -1.83
N SER B 212 10.20 -26.24 -1.55
CA SER B 212 9.67 -27.15 -2.56
C SER B 212 8.16 -27.03 -2.70
N VAL B 213 7.53 -26.39 -1.71
CA VAL B 213 6.08 -26.20 -1.68
C VAL B 213 5.75 -24.90 -0.96
N MET B 214 4.82 -24.12 -1.53
CA MET B 214 4.41 -22.86 -0.94
C MET B 214 3.83 -23.18 0.44
N GLY B 215 4.00 -22.25 1.37
CA GLY B 215 3.48 -22.47 2.71
C GLY B 215 4.48 -23.26 3.55
N LEU B 216 5.48 -23.83 2.88
CA LEU B 216 6.50 -24.60 3.58
C LEU B 216 7.77 -23.76 3.68
N ILE B 217 8.71 -24.16 4.53
CA ILE B 217 9.95 -23.42 4.68
C ILE B 217 10.99 -23.90 3.66
N TYR B 218 11.25 -25.21 3.65
CA TYR B 218 12.21 -25.80 2.71
C TYR B 218 11.61 -26.96 1.91
N VAL B 219 11.33 -28.07 2.59
CA VAL B 219 10.77 -29.26 1.93
C VAL B 219 9.60 -29.88 2.71
N ASN B 220 9.02 -30.93 2.15
CA ASN B 220 7.91 -31.63 2.78
C ASN B 220 8.46 -32.66 3.77
N PRO B 221 8.04 -32.60 5.04
CA PRO B 221 8.50 -33.52 6.08
C PRO B 221 8.25 -35.01 5.84
N GLU B 222 7.21 -35.33 5.07
CA GLU B 222 6.89 -36.72 4.77
C GLU B 222 7.60 -37.18 3.49
N GLY B 223 8.26 -36.24 2.83
CA GLY B 223 8.94 -36.56 1.59
C GLY B 223 8.30 -35.85 0.42
N PRO B 224 8.95 -35.83 -0.75
CA PRO B 224 8.39 -35.18 -1.93
C PRO B 224 6.97 -35.64 -2.24
N ASP B 225 6.07 -34.67 -2.38
CA ASP B 225 4.67 -34.94 -2.67
C ASP B 225 3.98 -35.87 -1.67
N GLY B 226 4.56 -35.98 -0.47
CA GLY B 226 3.98 -36.83 0.54
C GLY B 226 4.41 -38.29 0.47
N ASN B 227 5.34 -38.61 -0.42
CA ASN B 227 5.83 -39.98 -0.56
C ASN B 227 7.09 -40.14 0.28
N PRO B 228 7.08 -41.10 1.22
CA PRO B 228 8.22 -41.36 2.10
C PRO B 228 9.46 -41.90 1.38
N ASP B 229 10.00 -41.11 0.45
CA ASP B 229 11.18 -41.50 -0.31
C ASP B 229 12.38 -40.69 0.20
N PRO B 230 13.20 -41.30 1.07
CA PRO B 230 14.39 -40.65 1.65
C PRO B 230 15.38 -40.14 0.60
N GLU B 231 15.60 -40.96 -0.43
CA GLU B 231 16.50 -40.61 -1.51
C GLU B 231 16.08 -39.34 -2.25
N ALA B 232 14.83 -39.29 -2.68
CA ALA B 232 14.31 -38.12 -3.39
C ALA B 232 14.28 -36.93 -2.43
N SER B 233 13.88 -37.19 -1.19
CA SER B 233 13.81 -36.16 -0.17
C SER B 233 15.17 -35.47 -0.02
N ALA B 234 16.23 -36.27 0.01
CA ALA B 234 17.59 -35.73 0.14
C ALA B 234 17.92 -34.79 -1.00
N LYS B 235 17.49 -35.14 -2.21
CA LYS B 235 17.74 -34.32 -3.38
C LYS B 235 17.07 -32.95 -3.22
N ASN B 236 15.84 -32.94 -2.73
CA ASN B 236 15.12 -31.69 -2.50
C ASN B 236 15.72 -30.88 -1.37
N ILE B 237 16.18 -31.59 -0.34
CA ILE B 237 16.80 -30.96 0.82
C ILE B 237 18.08 -30.23 0.39
N ARG B 238 18.91 -30.93 -0.39
CA ARG B 238 20.16 -30.33 -0.86
C ARG B 238 19.89 -29.10 -1.73
N GLN B 239 18.95 -29.23 -2.66
CA GLN B 239 18.61 -28.13 -3.54
C GLN B 239 18.03 -26.91 -2.80
N THR B 240 17.04 -27.14 -1.95
CA THR B 240 16.42 -26.04 -1.20
C THR B 240 17.39 -25.36 -0.24
N PHE B 241 18.18 -26.13 0.48
CA PHE B 241 19.14 -25.53 1.41
C PHE B 241 20.18 -24.73 0.65
N ASP B 242 20.61 -25.24 -0.50
CA ASP B 242 21.60 -24.52 -1.30
C ASP B 242 21.03 -23.16 -1.71
N ARG B 243 19.74 -23.11 -2.05
CA ARG B 243 19.10 -21.86 -2.44
C ARG B 243 18.97 -20.93 -1.23
N MET B 244 19.25 -21.49 -0.04
CA MET B 244 19.23 -20.73 1.20
C MET B 244 20.65 -20.53 1.72
N ALA B 245 21.64 -20.73 0.85
CA ALA B 245 23.06 -20.55 1.14
C ALA B 245 23.74 -21.54 2.08
N MET B 246 23.20 -22.75 2.16
CA MET B 246 23.75 -23.77 3.03
C MET B 246 24.26 -24.99 2.25
N ASN B 247 25.46 -25.47 2.59
CA ASN B 247 26.06 -26.64 1.94
C ASN B 247 25.68 -27.92 2.69
N ASP B 248 26.17 -29.07 2.23
CA ASP B 248 25.88 -30.37 2.84
C ASP B 248 26.19 -30.43 4.34
N LYS B 249 27.39 -30.03 4.73
CA LYS B 249 27.81 -30.05 6.13
C LYS B 249 26.89 -29.19 7.00
N GLU B 250 26.65 -27.96 6.56
CA GLU B 250 25.81 -27.03 7.30
C GLU B 250 24.39 -27.59 7.39
N THR B 251 23.87 -28.03 6.25
CA THR B 251 22.53 -28.58 6.18
C THR B 251 22.32 -29.72 7.18
N ALA B 252 23.23 -30.69 7.17
CA ALA B 252 23.15 -31.83 8.07
C ALA B 252 23.32 -31.41 9.54
N ALA B 253 24.19 -30.44 9.79
CA ALA B 253 24.42 -29.98 11.15
C ALA B 253 23.16 -29.33 11.73
N LEU B 254 22.53 -28.46 10.94
CA LEU B 254 21.33 -27.75 11.36
C LEU B 254 20.16 -28.68 11.62
N ILE B 255 19.89 -29.58 10.68
CA ILE B 255 18.77 -30.50 10.85
C ILE B 255 19.00 -31.40 12.06
N ALA B 256 20.17 -32.03 12.11
CA ALA B 256 20.50 -32.93 13.21
C ALA B 256 20.58 -32.16 14.53
N GLY B 257 21.19 -30.98 14.50
CA GLY B 257 21.31 -30.18 15.70
C GLY B 257 19.95 -29.74 16.22
N GLY B 258 19.06 -29.35 15.30
CA GLY B 258 17.75 -28.89 15.70
C GLY B 258 16.84 -30.00 16.19
N HIS B 259 16.86 -31.13 15.49
CA HIS B 259 16.02 -32.25 15.88
C HIS B 259 16.59 -33.04 17.05
N THR B 260 17.61 -32.47 17.68
CA THR B 260 18.22 -33.08 18.85
C THR B 260 17.30 -32.71 20.01
N PHE B 261 16.49 -31.67 19.80
CA PHE B 261 15.57 -31.19 20.82
C PHE B 261 14.11 -31.27 20.39
N GLY B 262 13.22 -31.35 21.38
CA GLY B 262 11.80 -31.38 21.08
C GLY B 262 11.25 -32.65 20.49
N LYS B 263 10.09 -32.48 19.87
CA LYS B 263 9.35 -33.59 19.28
C LYS B 263 8.42 -33.01 18.24
N VAL B 264 7.73 -33.89 17.51
CA VAL B 264 6.75 -33.48 16.52
C VAL B 264 5.39 -33.58 17.21
N HIS B 265 4.42 -32.80 16.76
CA HIS B 265 3.09 -32.80 17.36
C HIS B 265 2.00 -33.28 16.43
N GLY B 266 1.30 -34.34 16.84
CA GLY B 266 0.23 -34.88 16.03
C GLY B 266 -0.08 -36.34 16.34
N ALA B 267 -1.09 -36.56 17.18
CA ALA B 267 -1.49 -37.90 17.56
C ALA B 267 -2.85 -38.20 16.91
N ASP B 268 -3.45 -37.18 16.33
CA ASP B 268 -4.75 -37.30 15.67
C ASP B 268 -4.56 -36.96 14.19
N ASP B 269 -5.65 -36.59 13.51
CA ASP B 269 -5.55 -36.25 12.09
C ASP B 269 -4.79 -34.93 11.90
N PRO B 270 -3.75 -34.95 11.04
CA PRO B 270 -2.94 -33.77 10.74
C PRO B 270 -3.71 -32.63 10.07
N GLU B 271 -4.99 -32.88 9.81
CA GLU B 271 -5.85 -31.88 9.18
C GLU B 271 -7.31 -32.05 9.61
N GLU B 272 -7.53 -31.88 10.92
CA GLU B 272 -8.89 -32.01 11.47
C GLU B 272 -9.06 -31.08 12.68
N ASN B 273 -8.27 -31.34 13.72
CA ASN B 273 -8.33 -30.57 14.95
C ASN B 273 -7.82 -29.13 14.76
N LEU B 274 -6.87 -28.97 13.83
CA LEU B 274 -6.28 -27.66 13.55
C LEU B 274 -7.33 -26.59 13.26
N GLY B 275 -7.61 -25.77 14.27
CA GLY B 275 -8.59 -24.71 14.13
C GLY B 275 -8.18 -23.67 13.10
N PRO B 276 -8.99 -22.63 12.90
CA PRO B 276 -8.71 -21.56 11.94
C PRO B 276 -7.33 -20.92 12.14
N GLU B 277 -6.66 -20.54 11.05
CA GLU B 277 -5.36 -19.90 11.17
C GLU B 277 -5.55 -18.53 11.83
N PRO B 278 -4.49 -17.98 12.43
CA PRO B 278 -4.56 -16.67 13.10
C PRO B 278 -5.40 -15.63 12.36
N GLU B 279 -5.14 -15.45 11.08
CA GLU B 279 -5.86 -14.48 10.26
C GLU B 279 -7.34 -14.77 10.11
N ALA B 280 -7.77 -15.97 10.48
CA ALA B 280 -9.18 -16.34 10.35
C ALA B 280 -9.86 -16.58 11.70
N ALA B 281 -9.07 -16.61 12.77
CA ALA B 281 -9.60 -16.86 14.11
C ALA B 281 -10.60 -15.79 14.56
N PRO B 282 -11.50 -16.15 15.49
CA PRO B 282 -12.51 -15.22 16.02
C PRO B 282 -11.80 -14.04 16.69
N ILE B 283 -12.43 -12.87 16.65
CA ILE B 283 -11.84 -11.67 17.23
C ILE B 283 -11.46 -11.83 18.70
N GLU B 284 -12.24 -12.59 19.45
CA GLU B 284 -11.95 -12.81 20.87
C GLU B 284 -10.68 -13.61 21.10
N GLN B 285 -10.19 -14.32 20.09
CA GLN B 285 -8.97 -15.11 20.27
C GLN B 285 -7.72 -14.24 20.27
N GLN B 286 -7.90 -12.98 19.91
CA GLN B 286 -6.83 -12.00 19.92
C GLN B 286 -5.53 -12.40 19.23
N GLY B 287 -5.62 -12.82 17.97
CA GLY B 287 -4.44 -13.18 17.22
C GLY B 287 -3.88 -14.57 17.38
N LEU B 288 -4.45 -15.36 18.28
CA LEU B 288 -3.98 -16.73 18.47
C LEU B 288 -4.96 -17.66 17.79
N GLY B 289 -4.45 -18.51 16.90
CA GLY B 289 -5.32 -19.41 16.18
C GLY B 289 -5.04 -20.89 16.38
N TRP B 290 -5.37 -21.66 15.36
CA TRP B 290 -5.17 -23.11 15.37
C TRP B 290 -5.84 -23.74 16.58
N GLN B 291 -7.14 -23.52 16.70
CA GLN B 291 -7.93 -24.06 17.80
C GLN B 291 -7.90 -25.59 17.74
N ASN B 292 -6.70 -26.15 17.85
CA ASN B 292 -6.50 -27.59 17.81
C ASN B 292 -7.09 -28.23 19.07
N LYS B 293 -7.65 -29.41 18.91
CA LYS B 293 -8.24 -30.12 20.04
C LYS B 293 -7.15 -30.89 20.78
N ASN B 294 -5.95 -30.33 20.82
CA ASN B 294 -4.83 -31.00 21.49
C ASN B 294 -3.57 -30.16 21.67
N GLY B 295 -3.70 -28.88 21.95
CA GLY B 295 -2.50 -28.07 22.12
C GLY B 295 -2.46 -26.98 23.19
N ASN B 296 -3.55 -26.24 23.35
CA ASN B 296 -3.58 -25.16 24.34
C ASN B 296 -3.58 -25.58 25.80
N SER B 297 -4.74 -26.02 26.30
CA SER B 297 -4.87 -26.45 27.68
C SER B 297 -5.76 -27.70 27.82
N LYS B 298 -5.14 -28.82 28.18
CA LYS B 298 -5.80 -30.12 28.36
C LYS B 298 -4.72 -31.19 28.57
N GLY B 299 -4.12 -31.18 29.75
CA GLY B 299 -3.07 -32.14 30.07
C GLY B 299 -3.07 -33.45 29.30
N GLY B 300 -2.00 -33.69 28.54
CA GLY B 300 -1.90 -34.92 27.78
C GLY B 300 -1.13 -34.83 26.47
N GLU B 301 -1.81 -35.13 25.38
CA GLU B 301 -1.24 -35.13 24.03
C GLU B 301 -1.28 -33.76 23.34
N MET B 302 -0.11 -33.25 22.97
CA MET B 302 -0.02 -31.96 22.27
C MET B 302 0.07 -32.21 20.77
N ILE B 303 -0.57 -31.34 19.98
CA ILE B 303 -0.57 -31.49 18.52
C ILE B 303 -0.42 -30.19 17.71
N THR B 304 0.37 -30.29 16.64
CA THR B 304 0.64 -29.19 15.72
C THR B 304 0.66 -29.77 14.30
N ALA B 305 1.74 -30.45 13.95
CA ALA B 305 1.89 -31.07 12.64
C ALA B 305 0.88 -32.20 12.45
N GLY B 306 1.38 -33.43 12.42
CA GLY B 306 0.53 -34.60 12.25
C GLY B 306 1.18 -35.86 12.76
N ILE B 307 2.51 -35.85 12.80
CA ILE B 307 3.29 -36.98 13.30
C ILE B 307 3.43 -36.81 14.80
N GLU B 308 3.67 -37.90 15.54
CA GLU B 308 3.82 -37.80 16.98
C GLU B 308 5.04 -38.56 17.51
N GLY B 309 5.71 -37.97 18.50
CA GLY B 309 6.87 -38.62 19.09
C GLY B 309 8.15 -37.82 18.96
N PRO B 310 9.03 -37.86 19.97
CA PRO B 310 10.31 -37.14 19.97
C PRO B 310 11.37 -37.87 19.14
N TRP B 311 12.49 -37.20 18.90
CA TRP B 311 13.59 -37.78 18.12
C TRP B 311 14.57 -38.51 19.04
N THR B 312 14.85 -37.89 20.19
CA THR B 312 15.76 -38.45 21.17
C THR B 312 14.98 -38.84 22.43
N GLN B 313 15.69 -39.34 23.44
CA GLN B 313 15.03 -39.73 24.68
C GLN B 313 15.13 -38.60 25.70
N SER B 314 15.94 -37.59 25.39
CA SER B 314 16.11 -36.44 26.27
C SER B 314 15.90 -35.17 25.42
N PRO B 315 14.66 -34.95 24.96
CA PRO B 315 14.23 -33.81 24.13
C PRO B 315 14.68 -32.43 24.57
N THR B 316 15.04 -32.24 25.84
CA THR B 316 15.47 -30.93 26.32
C THR B 316 16.93 -30.88 26.73
N GLU B 317 17.73 -31.80 26.21
CA GLU B 317 19.15 -31.85 26.52
C GLU B 317 19.99 -31.99 25.26
N TRP B 318 21.14 -31.33 25.23
CA TRP B 318 22.02 -31.43 24.09
C TRP B 318 22.86 -32.69 24.21
N ASP B 319 22.83 -33.52 23.19
CA ASP B 319 23.60 -34.76 23.19
C ASP B 319 23.67 -35.34 21.79
N MET B 320 24.21 -36.53 21.68
CA MET B 320 24.34 -37.21 20.38
C MET B 320 23.15 -38.10 20.10
N GLY B 321 22.09 -37.92 20.87
CA GLY B 321 20.89 -38.72 20.72
C GLY B 321 20.33 -38.88 19.32
N TYR B 322 20.15 -37.77 18.61
CA TYR B 322 19.59 -37.82 17.26
C TYR B 322 20.45 -38.66 16.31
N ILE B 323 21.73 -38.31 16.21
CA ILE B 323 22.64 -39.03 15.33
C ILE B 323 22.79 -40.49 15.75
N ASN B 324 22.89 -40.75 17.05
CA ASN B 324 23.03 -42.12 17.54
C ASN B 324 21.79 -42.92 17.21
N ASN B 325 20.62 -42.36 17.51
CA ASN B 325 19.35 -43.02 17.25
C ASN B 325 19.08 -43.20 15.76
N LEU B 326 19.64 -42.32 14.93
CA LEU B 326 19.43 -42.39 13.50
C LEU B 326 20.25 -43.46 12.79
N LEU B 327 21.55 -43.46 13.07
CA LEU B 327 22.49 -44.39 12.44
C LEU B 327 22.60 -45.79 13.03
N ASP B 328 22.37 -45.89 14.34
CA ASP B 328 22.48 -47.16 15.06
C ASP B 328 21.27 -48.09 14.96
N TYR B 329 20.18 -47.60 14.38
CA TYR B 329 18.98 -48.42 14.25
C TYR B 329 18.32 -48.29 12.89
N GLU B 330 17.47 -49.25 12.56
CA GLU B 330 16.75 -49.27 11.30
C GLU B 330 15.37 -48.65 11.46
N TRP B 331 14.87 -48.05 10.39
CA TRP B 331 13.55 -47.41 10.43
C TRP B 331 12.71 -47.81 9.22
N GLU B 332 11.41 -47.91 9.41
CA GLU B 332 10.50 -48.27 8.32
C GLU B 332 9.29 -47.35 8.25
N PRO B 333 8.87 -46.99 7.03
CA PRO B 333 7.71 -46.11 6.79
C PRO B 333 6.46 -46.62 7.47
N GLU B 334 5.51 -45.72 7.73
CA GLU B 334 4.26 -46.09 8.37
C GLU B 334 3.22 -44.98 8.36
N LYS B 335 1.99 -45.36 8.03
CA LYS B 335 0.87 -44.43 7.97
C LYS B 335 0.26 -44.31 9.37
N GLY B 336 0.75 -43.36 10.15
CA GLY B 336 0.24 -43.18 11.50
C GLY B 336 -1.23 -42.84 11.60
N PRO B 337 -1.63 -42.19 12.71
CA PRO B 337 -3.02 -41.80 12.95
C PRO B 337 -3.40 -40.55 12.16
N GLY B 338 -3.73 -40.74 10.88
CA GLY B 338 -4.11 -39.60 10.05
C GLY B 338 -3.62 -39.72 8.63
N GLY B 339 -2.74 -40.68 8.38
CA GLY B 339 -2.19 -40.87 7.05
C GLY B 339 -0.86 -40.17 6.87
N ALA B 340 -0.40 -39.49 7.92
CA ALA B 340 0.86 -38.78 7.88
C ALA B 340 2.02 -39.75 8.08
N TRP B 341 2.98 -39.73 7.15
CA TRP B 341 4.13 -40.61 7.21
C TRP B 341 5.19 -40.24 8.26
N GLN B 342 5.69 -41.24 8.94
CA GLN B 342 6.75 -41.09 9.94
C GLN B 342 7.48 -42.42 9.98
N TRP B 343 8.67 -42.42 10.58
CA TRP B 343 9.47 -43.65 10.65
C TRP B 343 9.67 -44.13 12.08
N ALA B 344 9.35 -45.39 12.31
CA ALA B 344 9.49 -46.01 13.62
C ALA B 344 10.66 -46.99 13.65
N PRO B 345 11.25 -47.20 14.84
CA PRO B 345 12.37 -48.13 14.98
C PRO B 345 11.90 -49.55 14.73
N LYS B 346 12.81 -50.40 14.26
CA LYS B 346 12.48 -51.80 13.99
C LYS B 346 12.89 -52.64 15.19
N SER B 347 13.52 -51.99 16.17
CA SER B 347 13.98 -52.66 17.38
C SER B 347 13.11 -52.27 18.58
N GLU B 348 12.98 -53.20 19.54
CA GLU B 348 12.18 -52.97 20.73
C GLU B 348 13.01 -52.23 21.80
N GLU B 349 14.29 -52.05 21.50
CA GLU B 349 15.20 -51.37 22.41
C GLU B 349 14.82 -49.90 22.61
N LEU B 350 14.00 -49.37 21.71
CA LEU B 350 13.57 -47.97 21.79
C LEU B 350 12.09 -47.83 22.15
N LYS B 351 11.38 -48.96 22.13
CA LYS B 351 9.95 -48.96 22.45
C LYS B 351 9.73 -48.48 23.89
N ASN B 352 8.92 -47.45 24.04
CA ASN B 352 8.61 -46.88 25.35
C ASN B 352 9.89 -46.48 26.08
N SER B 353 10.82 -45.85 25.37
CA SER B 353 12.09 -45.44 25.97
C SER B 353 12.11 -43.94 26.30
N VAL B 354 11.18 -43.19 25.73
CA VAL B 354 11.14 -41.74 25.96
C VAL B 354 9.97 -41.26 26.80
N PRO B 355 10.22 -40.33 27.72
CA PRO B 355 9.17 -39.79 28.59
C PRO B 355 8.21 -38.90 27.79
N ASP B 356 6.93 -38.96 28.15
CA ASP B 356 5.92 -38.17 27.45
C ASP B 356 6.15 -36.68 27.67
N ALA B 357 5.77 -35.88 26.69
CA ALA B 357 5.94 -34.43 26.74
C ALA B 357 5.21 -33.79 27.93
N HIS B 358 4.15 -34.43 28.40
CA HIS B 358 3.40 -33.89 29.53
C HIS B 358 3.24 -34.88 30.67
N ASP B 359 2.99 -36.14 30.34
CA ASP B 359 2.80 -37.16 31.36
C ASP B 359 4.05 -38.04 31.51
N PRO B 360 4.90 -37.74 32.50
CA PRO B 360 6.13 -38.51 32.75
C PRO B 360 5.87 -39.95 33.18
N ASP B 361 4.63 -40.24 33.55
CA ASP B 361 4.26 -41.59 33.99
C ASP B 361 4.09 -42.46 32.74
N GLU B 362 3.99 -41.81 31.58
CA GLU B 362 3.82 -42.51 30.31
C GLU B 362 5.14 -42.60 29.54
N LYS B 363 5.23 -43.59 28.67
CA LYS B 363 6.41 -43.81 27.85
C LYS B 363 6.06 -43.62 26.38
N GLN B 364 6.99 -43.07 25.61
CA GLN B 364 6.77 -42.82 24.19
C GLN B 364 7.96 -43.33 23.38
N THR B 365 7.72 -43.67 22.12
CA THR B 365 8.78 -44.18 21.26
C THR B 365 9.27 -43.11 20.28
N PRO B 366 10.60 -42.98 20.13
CA PRO B 366 11.20 -42.01 19.21
C PRO B 366 10.78 -42.27 17.78
N MET B 367 10.65 -41.19 17.00
CA MET B 367 10.27 -41.30 15.60
C MET B 367 11.21 -40.49 14.73
N MET B 368 11.09 -40.67 13.42
CA MET B 368 11.91 -39.97 12.45
C MET B 368 11.04 -39.56 11.27
N LEU B 369 11.42 -38.47 10.62
CA LEU B 369 10.69 -37.98 9.46
C LEU B 369 11.47 -38.48 8.25
N THR B 370 10.84 -38.45 7.09
CA THR B 370 11.50 -38.89 5.87
C THR B 370 12.72 -38.01 5.66
N THR B 371 12.55 -36.73 5.98
CA THR B 371 13.64 -35.77 5.82
C THR B 371 14.81 -36.10 6.74
N ASP B 372 14.54 -36.80 7.83
CA ASP B 372 15.60 -37.20 8.76
C ASP B 372 16.30 -38.42 8.17
N ILE B 373 15.52 -39.37 7.66
CA ILE B 373 16.08 -40.58 7.09
C ILE B 373 16.95 -40.25 5.88
N ALA B 374 16.55 -39.22 5.15
CA ALA B 374 17.28 -38.79 3.97
C ALA B 374 18.75 -38.56 4.30
N LEU B 375 19.03 -38.05 5.50
CA LEU B 375 20.41 -37.79 5.90
C LEU B 375 21.18 -39.10 6.07
N LYS B 376 20.44 -40.21 6.16
CA LYS B 376 21.04 -41.51 6.31
C LYS B 376 21.11 -42.24 4.97
N ARG B 377 20.00 -42.22 4.23
CA ARG B 377 19.90 -42.87 2.93
C ARG B 377 20.81 -42.25 1.86
N ASP B 378 21.00 -40.94 1.93
CA ASP B 378 21.85 -40.25 0.96
C ASP B 378 23.33 -40.45 1.31
N PRO B 379 24.14 -40.88 0.31
CA PRO B 379 25.57 -41.13 0.50
C PRO B 379 26.37 -39.94 1.03
N ASP B 380 26.21 -38.78 0.40
CA ASP B 380 26.95 -37.60 0.84
C ASP B 380 26.64 -37.24 2.30
N TYR B 381 25.34 -37.21 2.62
CA TYR B 381 24.91 -36.88 3.98
C TYR B 381 25.36 -37.93 5.00
N ARG B 382 25.35 -39.20 4.58
CA ARG B 382 25.75 -40.29 5.47
C ARG B 382 27.20 -40.11 5.92
N GLU B 383 28.07 -39.77 4.98
CA GLU B 383 29.48 -39.56 5.27
C GLU B 383 29.63 -38.46 6.30
N VAL B 384 28.70 -37.52 6.27
CA VAL B 384 28.71 -36.40 7.20
C VAL B 384 28.25 -36.87 8.58
N MET B 385 27.09 -37.53 8.61
CA MET B 385 26.55 -38.02 9.88
C MET B 385 27.53 -38.97 10.57
N GLU B 386 28.26 -39.76 9.78
CA GLU B 386 29.24 -40.69 10.32
C GLU B 386 30.38 -39.92 10.98
N THR B 387 30.89 -38.94 10.25
CA THR B 387 31.96 -38.11 10.78
C THR B 387 31.53 -37.42 12.06
N PHE B 388 30.24 -37.08 12.12
CA PHE B 388 29.66 -36.42 13.30
C PHE B 388 29.65 -37.33 14.52
N GLN B 389 29.21 -38.57 14.31
CA GLN B 389 29.13 -39.54 15.37
C GLN B 389 30.52 -39.87 15.92
N GLU B 390 31.52 -39.87 15.04
CA GLU B 390 32.89 -40.18 15.45
C GLU B 390 33.62 -38.95 16.00
N ASN B 391 33.06 -37.77 15.77
CA ASN B 391 33.65 -36.52 16.25
C ASN B 391 32.57 -35.56 16.75
N PRO B 392 32.08 -35.78 17.97
CA PRO B 392 31.05 -34.91 18.54
C PRO B 392 31.41 -33.43 18.43
N MET B 393 32.66 -33.12 18.78
CA MET B 393 33.13 -31.75 18.73
C MET B 393 32.88 -31.14 17.34
N GLU B 394 33.11 -31.92 16.29
CA GLU B 394 32.90 -31.44 14.93
C GLU B 394 31.41 -31.22 14.64
N PHE B 395 30.56 -32.01 15.28
CA PHE B 395 29.13 -31.87 15.10
C PHE B 395 28.65 -30.59 15.76
N GLY B 396 28.95 -30.44 17.05
CA GLY B 396 28.56 -29.25 17.78
C GLY B 396 29.18 -28.00 17.19
N MET B 397 30.38 -28.13 16.62
CA MET B 397 31.06 -26.99 16.03
C MET B 397 30.41 -26.51 14.73
N ASN B 398 30.04 -27.45 13.87
CA ASN B 398 29.41 -27.09 12.61
C ASN B 398 27.99 -26.63 12.85
N PHE B 399 27.37 -27.15 13.90
CA PHE B 399 26.02 -26.75 14.25
C PHE B 399 26.04 -25.30 14.69
N ALA B 400 26.98 -24.94 15.56
CA ALA B 400 27.10 -23.58 16.08
C ALA B 400 27.33 -22.57 14.97
N LYS B 401 28.27 -22.88 14.09
CA LYS B 401 28.62 -22.02 12.96
C LYS B 401 27.43 -21.83 12.03
N ALA B 402 26.78 -22.93 11.69
CA ALA B 402 25.62 -22.92 10.79
C ALA B 402 24.45 -22.16 11.40
N TRP B 403 24.23 -22.34 12.70
CA TRP B 403 23.15 -21.66 13.40
C TRP B 403 23.40 -20.16 13.43
N TYR B 404 24.67 -19.79 13.60
CA TYR B 404 25.04 -18.38 13.64
C TYR B 404 24.80 -17.77 12.26
N LYS B 405 25.31 -18.41 11.21
CA LYS B 405 25.15 -17.93 9.84
C LYS B 405 23.68 -17.88 9.47
N LEU B 406 22.94 -18.91 9.83
CA LEU B 406 21.52 -18.98 9.53
C LEU B 406 20.77 -17.76 10.09
N THR B 407 21.02 -17.47 11.36
CA THR B 407 20.33 -16.38 12.03
C THR B 407 20.89 -14.98 11.85
N HIS B 408 21.99 -14.85 11.11
CA HIS B 408 22.61 -13.54 10.89
C HIS B 408 22.91 -13.31 9.40
N ARG B 409 22.50 -14.25 8.55
CA ARG B 409 22.77 -14.16 7.11
C ARG B 409 22.31 -12.88 6.41
N ASP B 410 21.16 -12.35 6.80
CA ASP B 410 20.64 -11.16 6.15
C ASP B 410 20.87 -9.88 6.92
N MET B 411 21.87 -9.88 7.81
CA MET B 411 22.16 -8.70 8.60
C MET B 411 23.11 -7.70 7.93
N GLY B 412 23.78 -8.14 6.87
CA GLY B 412 24.70 -7.26 6.17
C GLY B 412 26.13 -7.36 6.65
N PRO B 413 26.96 -6.34 6.36
CA PRO B 413 28.37 -6.32 6.74
C PRO B 413 28.54 -6.21 8.27
N PRO B 414 29.73 -6.59 8.80
CA PRO B 414 30.05 -6.57 10.23
C PRO B 414 29.61 -5.31 10.98
N GLU B 415 29.68 -4.18 10.29
CA GLU B 415 29.31 -2.89 10.87
C GLU B 415 27.89 -2.89 11.44
N ARG B 416 27.02 -3.72 10.88
CA ARG B 416 25.63 -3.77 11.34
C ARG B 416 25.40 -4.74 12.50
N PHE B 417 26.40 -5.54 12.83
CA PHE B 417 26.29 -6.49 13.95
C PHE B 417 26.52 -5.74 15.25
N LEU B 418 25.49 -5.67 16.09
CA LEU B 418 25.58 -4.91 17.33
C LEU B 418 25.54 -5.75 18.62
N GLY B 419 26.09 -5.17 19.70
CA GLY B 419 26.07 -5.87 20.98
C GLY B 419 27.38 -6.44 21.46
N PRO B 420 27.43 -6.84 22.73
CA PRO B 420 28.60 -7.41 23.40
C PRO B 420 28.87 -8.88 23.10
N GLU B 421 27.93 -9.57 22.45
CA GLU B 421 28.13 -10.98 22.14
C GLU B 421 28.52 -11.28 20.70
N VAL B 422 28.90 -10.24 19.96
CA VAL B 422 29.30 -10.41 18.58
C VAL B 422 30.67 -11.09 18.57
N PRO B 423 30.82 -12.17 17.79
CA PRO B 423 32.11 -12.88 17.71
C PRO B 423 33.18 -11.94 17.16
N ASP B 424 34.36 -11.91 17.79
CA ASP B 424 35.44 -11.05 17.33
C ASP B 424 35.83 -11.42 15.89
N GLU B 425 35.52 -12.64 15.50
CA GLU B 425 35.86 -13.13 14.16
C GLU B 425 34.88 -12.66 13.09
N GLU B 426 35.39 -11.99 12.06
CA GLU B 426 34.53 -11.54 10.98
C GLU B 426 34.46 -12.68 9.98
N MET B 427 33.25 -13.12 9.66
CA MET B 427 33.05 -14.21 8.74
C MET B 427 33.12 -13.74 7.29
N ILE B 428 33.67 -14.58 6.41
CA ILE B 428 33.80 -14.23 5.02
C ILE B 428 32.42 -14.01 4.39
N TRP B 429 31.45 -14.82 4.80
CA TRP B 429 30.10 -14.71 4.25
C TRP B 429 29.43 -13.38 4.61
N GLN B 430 30.06 -12.62 5.50
CA GLN B 430 29.53 -11.32 5.92
C GLN B 430 29.98 -10.21 4.98
N ASP B 431 30.74 -10.56 3.95
CA ASP B 431 31.25 -9.57 3.01
C ASP B 431 32.03 -8.51 3.79
N PRO B 432 33.06 -8.95 4.54
CA PRO B 432 33.93 -8.08 5.35
C PRO B 432 34.52 -6.91 4.57
N LEU B 433 34.93 -5.88 5.30
CA LEU B 433 35.53 -4.71 4.70
C LEU B 433 36.74 -4.29 5.54
N PRO B 434 37.89 -4.03 4.89
CA PRO B 434 39.10 -3.63 5.62
C PRO B 434 38.96 -2.19 6.11
N ASP B 435 39.69 -1.85 7.17
CA ASP B 435 39.64 -0.50 7.72
C ASP B 435 40.55 0.41 6.90
N ALA B 436 40.25 1.70 6.89
CA ALA B 436 41.06 2.65 6.16
C ALA B 436 42.29 3.00 7.00
N ASP B 437 43.47 2.70 6.45
CA ASP B 437 44.72 2.98 7.16
C ASP B 437 45.37 4.24 6.59
N TYR B 438 44.61 5.33 6.54
CA TYR B 438 45.09 6.59 6.01
C TYR B 438 44.05 7.68 6.26
N ASP B 439 44.43 8.93 6.03
CA ASP B 439 43.53 10.06 6.24
C ASP B 439 42.58 10.24 5.05
N LEU B 440 41.37 10.70 5.33
CA LEU B 440 40.36 10.92 4.30
C LEU B 440 40.65 12.21 3.53
N ILE B 441 40.36 12.19 2.23
CA ILE B 441 40.60 13.36 1.39
C ILE B 441 39.66 14.50 1.78
N GLY B 442 40.13 15.72 1.59
CA GLY B 442 39.34 16.89 1.93
C GLY B 442 38.59 17.48 0.74
N ASP B 443 37.77 18.49 1.03
CA ASP B 443 36.97 19.15 0.00
C ASP B 443 37.78 19.66 -1.19
N GLU B 444 39.02 20.08 -0.94
CA GLU B 444 39.87 20.58 -2.02
C GLU B 444 40.42 19.45 -2.90
N GLU B 445 40.76 18.33 -2.28
CA GLU B 445 41.29 17.20 -3.02
C GLU B 445 40.18 16.55 -3.84
N ILE B 446 38.96 16.57 -3.30
CA ILE B 446 37.83 15.98 -4.01
C ILE B 446 37.56 16.79 -5.27
N ALA B 447 37.90 18.08 -5.23
CA ALA B 447 37.72 18.95 -6.37
C ALA B 447 38.77 18.68 -7.45
N GLU B 448 40.03 18.62 -7.01
CA GLU B 448 41.14 18.36 -7.92
C GLU B 448 40.99 16.99 -8.57
N LEU B 449 40.69 15.98 -7.75
CA LEU B 449 40.50 14.63 -8.27
C LEU B 449 39.33 14.59 -9.22
N LYS B 450 38.28 15.33 -8.90
CA LYS B 450 37.10 15.36 -9.77
C LYS B 450 37.46 15.94 -11.13
N GLU B 451 38.20 17.04 -11.14
CA GLU B 451 38.59 17.66 -12.40
C GLU B 451 39.51 16.74 -13.18
N GLU B 452 40.50 16.16 -12.49
CA GLU B 452 41.43 15.24 -13.12
C GLU B 452 40.71 14.09 -13.81
N ILE B 453 39.60 13.65 -13.20
CA ILE B 453 38.81 12.57 -13.78
C ILE B 453 38.16 13.01 -15.09
N LEU B 454 37.65 14.23 -15.11
CA LEU B 454 37.01 14.76 -16.32
C LEU B 454 38.02 15.17 -17.39
N ASP B 455 39.29 15.21 -17.01
CA ASP B 455 40.35 15.60 -17.95
C ASP B 455 40.95 14.38 -18.65
N SER B 456 40.59 13.20 -18.17
CA SER B 456 41.09 11.96 -18.76
C SER B 456 40.35 11.68 -20.07
N ASP B 457 40.65 10.54 -20.70
CA ASP B 457 40.01 10.18 -21.95
C ASP B 457 38.70 9.42 -21.73
N LEU B 458 38.21 9.45 -20.50
CA LEU B 458 36.96 8.77 -20.17
C LEU B 458 35.76 9.67 -20.46
N SER B 459 34.74 9.11 -21.11
CA SER B 459 33.54 9.87 -21.43
C SER B 459 32.56 9.85 -20.26
N VAL B 460 31.46 10.59 -20.40
CA VAL B 460 30.45 10.64 -19.36
C VAL B 460 29.80 9.26 -19.25
N SER B 461 29.50 8.66 -20.39
CA SER B 461 28.88 7.33 -20.43
C SER B 461 29.71 6.31 -19.66
N GLN B 462 31.02 6.28 -19.92
CA GLN B 462 31.89 5.33 -19.24
C GLN B 462 31.86 5.50 -17.72
N LEU B 463 32.01 6.73 -17.27
CA LEU B 463 32.01 7.02 -15.83
C LEU B 463 30.66 6.69 -15.18
N VAL B 464 29.57 6.96 -15.88
CA VAL B 464 28.24 6.69 -15.33
C VAL B 464 27.96 5.19 -15.28
N LYS B 465 28.30 4.48 -16.35
CA LYS B 465 28.09 3.03 -16.38
C LYS B 465 28.92 2.32 -15.32
N THR B 466 30.16 2.76 -15.13
CA THR B 466 31.01 2.11 -14.13
C THR B 466 30.48 2.34 -12.71
N ALA B 467 30.13 3.59 -12.40
CA ALA B 467 29.61 3.93 -11.08
C ALA B 467 28.31 3.16 -10.82
N TRP B 468 27.51 3.03 -11.86
CA TRP B 468 26.24 2.31 -11.73
C TRP B 468 26.46 0.82 -11.51
N ALA B 469 27.35 0.21 -12.29
CA ALA B 469 27.60 -1.22 -12.13
C ALA B 469 28.15 -1.48 -10.73
N SER B 470 28.81 -0.48 -10.15
CA SER B 470 29.39 -0.64 -8.83
C SER B 470 28.34 -0.56 -7.71
N ALA B 471 27.52 0.49 -7.72
CA ALA B 471 26.52 0.69 -6.68
C ALA B 471 25.22 -0.08 -6.85
N SER B 472 24.91 -0.50 -8.07
CA SER B 472 23.65 -1.19 -8.33
C SER B 472 23.50 -2.62 -7.82
N THR B 473 24.57 -3.20 -7.25
CA THR B 473 24.48 -4.56 -6.76
C THR B 473 23.87 -4.60 -5.37
N TYR B 474 23.75 -3.43 -4.76
CA TYR B 474 23.18 -3.36 -3.42
C TYR B 474 21.72 -3.76 -3.39
N ARG B 475 21.35 -4.52 -2.37
CA ARG B 475 19.96 -4.90 -2.20
C ARG B 475 19.62 -4.75 -0.74
N ASP B 476 18.54 -4.02 -0.52
CA ASP B 476 18.05 -3.72 0.82
C ASP B 476 17.59 -4.93 1.59
N SER B 477 17.34 -6.03 0.88
CA SER B 477 16.88 -7.28 1.50
C SER B 477 17.87 -7.87 2.51
N ASP B 478 19.08 -8.20 2.08
CA ASP B 478 20.06 -8.75 3.03
C ASP B 478 21.27 -7.84 3.22
N LYS B 479 21.13 -6.59 2.75
CA LYS B 479 22.17 -5.57 2.88
C LYS B 479 23.50 -5.89 2.21
N ARG B 480 23.45 -6.73 1.18
CA ARG B 480 24.67 -7.10 0.46
C ARG B 480 24.87 -6.21 -0.76
N GLY B 481 26.12 -6.09 -1.20
CA GLY B 481 26.43 -5.30 -2.37
C GLY B 481 26.60 -3.82 -2.14
N GLY B 482 26.80 -3.10 -3.23
CA GLY B 482 26.99 -1.66 -3.14
C GLY B 482 28.37 -1.26 -3.61
N ALA B 483 28.59 0.04 -3.73
CA ALA B 483 29.85 0.60 -4.20
C ALA B 483 31.02 0.47 -3.23
N ASN B 484 30.74 0.47 -1.93
CA ASN B 484 31.82 0.35 -0.93
C ASN B 484 32.57 -0.96 -1.17
N GLY B 485 33.90 -0.90 -1.05
CA GLY B 485 34.70 -2.10 -1.25
C GLY B 485 35.21 -2.23 -2.67
N ALA B 486 34.49 -1.64 -3.62
CA ALA B 486 34.87 -1.71 -5.03
C ALA B 486 35.06 -3.15 -5.52
N ARG B 487 34.13 -4.03 -5.17
CA ARG B 487 34.23 -5.42 -5.58
C ARG B 487 33.99 -5.60 -7.07
N LEU B 488 33.60 -4.52 -7.75
CA LEU B 488 33.36 -4.54 -9.18
C LEU B 488 34.63 -4.94 -9.94
N ARG B 489 35.78 -4.62 -9.36
CA ARG B 489 37.07 -4.92 -9.99
C ARG B 489 37.54 -6.34 -9.68
N LEU B 490 36.83 -7.03 -8.78
CA LEU B 490 37.20 -8.38 -8.38
C LEU B 490 36.28 -9.45 -8.98
N GLU B 491 36.66 -10.71 -8.84
CA GLU B 491 35.81 -11.80 -9.33
C GLU B 491 34.64 -11.84 -8.34
N PRO B 492 33.44 -12.17 -8.83
CA PRO B 492 33.15 -12.47 -10.23
C PRO B 492 32.65 -11.27 -11.03
N GLN B 493 32.32 -10.18 -10.35
CA GLN B 493 31.78 -8.99 -11.02
C GLN B 493 32.58 -8.43 -12.20
N LYS B 494 33.91 -8.44 -12.11
CA LYS B 494 34.73 -7.90 -13.19
C LYS B 494 34.51 -8.65 -14.51
N ASN B 495 33.99 -9.87 -14.42
CA ASN B 495 33.74 -10.67 -15.62
C ASN B 495 32.28 -10.96 -15.93
N TRP B 496 31.35 -10.27 -15.27
CA TRP B 496 29.94 -10.51 -15.58
C TRP B 496 29.63 -9.91 -16.93
N GLU B 497 28.92 -10.65 -17.77
CA GLU B 497 28.55 -10.17 -19.09
C GLU B 497 27.95 -8.76 -19.08
N VAL B 498 27.04 -8.50 -18.16
CA VAL B 498 26.38 -7.19 -18.09
C VAL B 498 27.34 -6.01 -17.84
N ASN B 499 28.49 -6.29 -17.22
CA ASN B 499 29.45 -5.24 -16.94
C ASN B 499 30.45 -5.00 -18.09
N GLU B 500 30.35 -5.80 -19.16
CA GLU B 500 31.24 -5.66 -20.30
C GLU B 500 32.69 -5.58 -19.84
N PRO B 501 33.24 -6.72 -19.39
CA PRO B 501 34.60 -6.90 -18.87
C PRO B 501 35.68 -6.08 -19.56
N GLU B 502 35.85 -6.31 -20.86
CA GLU B 502 36.85 -5.61 -21.65
C GLU B 502 36.74 -4.09 -21.52
N GLN B 503 35.52 -3.58 -21.65
CA GLN B 503 35.25 -2.15 -21.55
C GLN B 503 35.42 -1.62 -20.14
N LEU B 504 34.96 -2.39 -19.16
CA LEU B 504 35.08 -2.00 -17.75
C LEU B 504 36.56 -1.88 -17.37
N GLU B 505 37.34 -2.89 -17.76
CA GLU B 505 38.76 -2.93 -17.47
C GLU B 505 39.43 -1.64 -17.90
N THR B 506 39.10 -1.17 -19.10
CA THR B 506 39.67 0.08 -19.61
C THR B 506 39.41 1.21 -18.64
N VAL B 507 38.17 1.35 -18.21
CA VAL B 507 37.79 2.41 -17.27
C VAL B 507 38.51 2.23 -15.94
N LEU B 508 38.55 1.00 -15.44
CA LEU B 508 39.21 0.73 -14.16
C LEU B 508 40.70 1.06 -14.27
N GLY B 509 41.30 0.73 -15.41
CA GLY B 509 42.71 1.00 -15.62
C GLY B 509 43.06 2.46 -15.44
N THR B 510 42.30 3.33 -16.10
CA THR B 510 42.50 4.77 -16.03
C THR B 510 42.28 5.32 -14.63
N LEU B 511 41.21 4.91 -13.97
CA LEU B 511 40.94 5.38 -12.61
C LEU B 511 42.02 4.91 -11.65
N GLU B 512 42.50 3.69 -11.84
CA GLU B 512 43.55 3.15 -10.97
C GLU B 512 44.82 3.98 -11.12
N ASN B 513 45.15 4.33 -12.35
CA ASN B 513 46.34 5.14 -12.60
C ASN B 513 46.21 6.47 -11.88
N ILE B 514 45.03 7.06 -11.97
CA ILE B 514 44.77 8.33 -11.29
C ILE B 514 44.89 8.14 -9.79
N GLN B 515 44.56 6.94 -9.31
CA GLN B 515 44.65 6.64 -7.89
C GLN B 515 46.13 6.56 -7.49
N THR B 516 46.91 5.87 -8.33
CA THR B 516 48.33 5.69 -8.10
C THR B 516 49.07 7.04 -8.04
N GLU B 517 48.78 7.91 -8.99
CA GLU B 517 49.42 9.23 -9.06
C GLU B 517 49.06 10.10 -7.86
N PHE B 518 47.79 10.11 -7.48
CA PHE B 518 47.35 10.91 -6.35
C PHE B 518 48.06 10.49 -5.08
N ASN B 519 47.84 9.24 -4.68
CA ASN B 519 48.43 8.71 -3.46
C ASN B 519 49.93 8.96 -3.34
N ASP B 520 50.67 8.69 -4.41
CA ASP B 520 52.13 8.87 -4.41
C ASP B 520 52.57 10.33 -4.51
N SER B 521 51.64 11.26 -4.33
CA SER B 521 51.98 12.67 -4.40
C SER B 521 51.54 13.41 -3.14
N ARG B 522 51.14 12.65 -2.13
CA ARG B 522 50.70 13.26 -0.88
C ARG B 522 51.88 13.49 0.05
N SER B 523 51.92 14.68 0.65
CA SER B 523 52.99 15.05 1.57
C SER B 523 52.60 14.77 3.02
N ASP B 524 51.78 13.74 3.20
CA ASP B 524 51.32 13.33 4.53
C ASP B 524 50.80 11.89 4.53
N GLY B 525 49.60 11.68 5.07
CA GLY B 525 49.03 10.35 5.11
C GLY B 525 47.69 10.24 4.42
N THR B 526 47.41 11.19 3.54
CA THR B 526 46.14 11.20 2.81
C THR B 526 46.19 10.23 1.62
N GLN B 527 45.10 9.52 1.40
CA GLN B 527 44.99 8.57 0.30
C GLN B 527 43.55 8.46 -0.18
N VAL B 528 43.37 7.97 -1.40
CA VAL B 528 42.05 7.81 -1.97
C VAL B 528 41.89 6.36 -2.47
N SER B 529 40.69 5.80 -2.30
CA SER B 529 40.43 4.44 -2.72
C SER B 529 39.83 4.41 -4.11
N LEU B 530 40.00 3.30 -4.81
CA LEU B 530 39.44 3.18 -6.15
C LEU B 530 37.91 3.28 -6.04
N ALA B 531 37.38 2.81 -4.91
CA ALA B 531 35.93 2.83 -4.67
C ALA B 531 35.39 4.26 -4.64
N ASP B 532 36.09 5.15 -3.94
CA ASP B 532 35.66 6.54 -3.87
C ASP B 532 35.80 7.21 -5.23
N LEU B 533 36.87 6.91 -5.95
CA LEU B 533 37.07 7.51 -7.26
C LEU B 533 36.00 7.04 -8.24
N ILE B 534 35.59 5.78 -8.13
CA ILE B 534 34.55 5.26 -9.01
C ILE B 534 33.29 6.11 -8.82
N VAL B 535 32.85 6.25 -7.57
CA VAL B 535 31.66 7.03 -7.27
C VAL B 535 31.85 8.51 -7.61
N LEU B 536 33.03 9.04 -7.28
CA LEU B 536 33.30 10.44 -7.57
C LEU B 536 33.25 10.69 -9.07
N GLY B 537 33.78 9.74 -9.84
CA GLY B 537 33.77 9.85 -11.28
C GLY B 537 32.36 9.89 -11.83
N GLY B 538 31.47 9.10 -11.21
CA GLY B 538 30.09 9.09 -11.66
C GLY B 538 29.42 10.42 -11.33
N ASN B 539 29.69 10.95 -10.15
CA ASN B 539 29.10 12.22 -9.76
C ASN B 539 29.51 13.30 -10.74
N ALA B 540 30.80 13.34 -11.06
CA ALA B 540 31.32 14.34 -11.99
C ALA B 540 30.68 14.20 -13.37
N ALA B 541 30.48 12.97 -13.82
CA ALA B 541 29.86 12.74 -15.13
C ALA B 541 28.40 13.22 -15.16
N VAL B 542 27.67 12.96 -14.09
CA VAL B 542 26.28 13.37 -14.00
C VAL B 542 26.25 14.90 -13.96
N GLU B 543 27.15 15.49 -13.19
CA GLU B 543 27.23 16.93 -13.09
C GLU B 543 27.53 17.53 -14.45
N GLN B 544 28.37 16.85 -15.22
CA GLN B 544 28.73 17.34 -16.55
C GLN B 544 27.53 17.24 -17.49
N ALA B 545 26.84 16.10 -17.45
CA ALA B 545 25.66 15.88 -18.28
C ALA B 545 24.62 16.95 -17.99
N ALA B 546 24.46 17.27 -16.71
CA ALA B 546 23.51 18.28 -16.31
C ALA B 546 23.98 19.63 -16.84
N ALA B 547 25.29 19.90 -16.73
CA ALA B 547 25.86 21.16 -17.22
C ALA B 547 25.67 21.26 -18.74
N ASN B 548 25.80 20.12 -19.43
CA ASN B 548 25.62 20.08 -20.87
C ASN B 548 24.20 20.46 -21.23
N ALA B 549 23.30 20.38 -20.25
CA ALA B 549 21.89 20.71 -20.45
C ALA B 549 21.58 22.12 -19.95
N GLY B 550 22.60 22.79 -19.41
CA GLY B 550 22.42 24.15 -18.92
C GLY B 550 22.08 24.26 -17.44
N TYR B 551 22.22 23.16 -16.70
CA TYR B 551 21.91 23.20 -15.27
C TYR B 551 23.16 23.04 -14.42
N ASP B 552 23.19 23.77 -13.30
CA ASP B 552 24.31 23.72 -12.37
C ASP B 552 23.94 22.92 -11.13
N VAL B 553 24.55 21.75 -10.97
CA VAL B 553 24.26 20.91 -9.82
C VAL B 553 25.50 20.50 -9.05
N GLU B 554 25.34 20.29 -7.75
CA GLU B 554 26.43 19.90 -6.87
C GLU B 554 26.04 18.65 -6.12
N ILE B 555 26.33 17.48 -6.70
CA ILE B 555 25.99 16.22 -6.07
C ILE B 555 26.80 16.00 -4.80
N PRO B 556 26.12 15.73 -3.67
CA PRO B 556 26.83 15.50 -2.42
C PRO B 556 27.76 14.29 -2.52
N PHE B 557 28.94 14.40 -1.93
CA PHE B 557 29.90 13.30 -1.94
C PHE B 557 30.38 12.98 -0.53
N GLU B 558 30.40 11.70 -0.19
CA GLU B 558 30.83 11.26 1.12
C GLU B 558 31.99 10.29 1.01
N PRO B 559 33.23 10.78 1.16
CA PRO B 559 34.42 9.94 1.08
C PRO B 559 34.49 8.97 2.26
N GLY B 560 35.24 7.90 2.11
CA GLY B 560 35.37 6.94 3.18
C GLY B 560 35.30 5.50 2.71
N ARG B 561 34.85 5.28 1.48
CA ARG B 561 34.76 3.92 0.95
C ARG B 561 36.16 3.32 0.87
N VAL B 562 36.26 2.03 1.22
CA VAL B 562 37.55 1.35 1.17
C VAL B 562 37.56 0.36 0.00
N ASP B 563 38.72 -0.24 -0.25
CA ASP B 563 38.85 -1.21 -1.33
C ASP B 563 39.00 -2.60 -0.73
N ALA B 564 37.99 -3.45 -0.92
CA ALA B 564 38.05 -4.80 -0.39
C ALA B 564 38.91 -5.66 -1.31
N GLY B 565 39.58 -6.65 -0.73
CA GLY B 565 40.41 -7.54 -1.53
C GLY B 565 39.72 -8.86 -1.73
N PRO B 566 40.29 -9.78 -2.51
CA PRO B 566 39.66 -11.09 -2.73
C PRO B 566 39.46 -11.85 -1.42
N GLU B 567 40.28 -11.52 -0.42
CA GLU B 567 40.18 -12.18 0.88
C GLU B 567 38.94 -11.73 1.65
N HIS B 568 38.35 -10.62 1.22
CA HIS B 568 37.14 -10.09 1.87
C HIS B 568 35.94 -10.39 0.98
N THR B 569 36.14 -11.26 0.00
CA THR B 569 35.08 -11.57 -0.95
C THR B 569 34.86 -13.05 -1.25
N ASP B 570 33.65 -13.52 -1.03
CA ASP B 570 33.30 -14.90 -1.31
C ASP B 570 32.68 -14.87 -2.70
N ALA B 571 33.54 -14.92 -3.71
CA ALA B 571 33.14 -14.86 -5.12
C ALA B 571 31.86 -15.64 -5.50
N PRO B 572 31.81 -16.95 -5.19
CA PRO B 572 30.63 -17.75 -5.52
C PRO B 572 29.33 -17.16 -4.95
N SER B 573 29.39 -16.58 -3.76
CA SER B 573 28.21 -16.00 -3.15
C SER B 573 27.74 -14.73 -3.87
N PHE B 574 28.66 -13.99 -4.49
CA PHE B 574 28.24 -12.77 -5.18
C PHE B 574 27.49 -13.03 -6.49
N ASP B 575 27.52 -14.25 -6.98
CA ASP B 575 26.80 -14.55 -8.21
C ASP B 575 25.30 -14.35 -8.00
N ALA B 576 24.87 -14.38 -6.74
CA ALA B 576 23.47 -14.18 -6.41
C ALA B 576 23.07 -12.74 -6.70
N LEU B 577 24.06 -11.86 -6.73
CA LEU B 577 23.79 -10.46 -7.00
C LEU B 577 23.86 -10.15 -8.50
N LYS B 578 24.10 -11.17 -9.31
CA LYS B 578 24.17 -10.98 -10.76
C LYS B 578 22.76 -10.72 -11.28
N PRO B 579 22.55 -9.58 -11.92
CA PRO B 579 21.23 -9.22 -12.45
C PRO B 579 20.87 -9.94 -13.74
N LYS B 580 19.60 -10.29 -13.87
CA LYS B 580 19.07 -10.96 -15.05
C LYS B 580 18.50 -9.85 -15.95
N VAL B 581 18.17 -8.73 -15.31
CA VAL B 581 17.62 -7.58 -16.01
C VAL B 581 18.11 -6.31 -15.33
N ASP B 582 18.60 -5.34 -16.10
CA ASP B 582 19.04 -4.10 -15.51
C ASP B 582 18.46 -2.97 -16.34
N GLY B 583 17.42 -2.33 -15.81
CA GLY B 583 16.75 -1.26 -16.51
C GLY B 583 17.61 -0.08 -16.88
N VAL B 584 18.45 0.37 -15.96
CA VAL B 584 19.34 1.50 -16.21
C VAL B 584 20.20 1.30 -17.45
N ARG B 585 20.73 0.09 -17.62
CA ARG B 585 21.57 -0.21 -18.76
C ARG B 585 20.81 -0.89 -19.91
N ASN B 586 19.50 -1.04 -19.73
CA ASN B 586 18.63 -1.65 -20.72
C ASN B 586 19.17 -3.03 -21.11
N TYR B 587 19.54 -3.79 -20.08
CA TYR B 587 20.08 -5.14 -20.25
C TYR B 587 19.00 -6.16 -19.87
N ILE B 588 18.70 -7.06 -20.79
CA ILE B 588 17.69 -8.09 -20.54
C ILE B 588 18.19 -9.46 -20.99
N GLN B 589 18.31 -10.37 -20.02
CA GLN B 589 18.77 -11.73 -20.28
C GLN B 589 17.67 -12.46 -21.06
N ASP B 590 17.97 -12.86 -22.29
CA ASP B 590 17.02 -13.54 -23.15
C ASP B 590 16.77 -14.98 -22.72
N ASP B 591 16.23 -15.16 -21.52
CA ASP B 591 15.95 -16.49 -21.01
C ASP B 591 15.23 -16.41 -19.67
N ILE B 592 14.55 -15.29 -19.43
CA ILE B 592 13.81 -15.07 -18.20
C ILE B 592 12.36 -15.48 -18.41
N THR B 593 11.69 -15.91 -17.35
CA THR B 593 10.30 -16.32 -17.44
C THR B 593 9.34 -15.16 -17.16
N ARG B 594 9.68 -14.34 -16.19
CA ARG B 594 8.84 -13.19 -15.83
C ARG B 594 9.03 -12.01 -16.77
N PRO B 595 7.96 -11.23 -16.98
CA PRO B 595 8.05 -10.06 -17.86
C PRO B 595 9.20 -9.17 -17.39
N ALA B 596 9.88 -8.51 -18.32
CA ALA B 596 10.99 -7.65 -17.99
C ALA B 596 10.63 -6.58 -16.95
N GLU B 597 9.46 -5.96 -17.11
CA GLU B 597 8.99 -4.91 -16.21
C GLU B 597 8.76 -5.39 -14.78
N GLU B 598 8.33 -6.63 -14.63
CA GLU B 598 8.09 -7.20 -13.32
C GLU B 598 9.43 -7.32 -12.61
N VAL B 599 10.44 -7.78 -13.33
CA VAL B 599 11.77 -7.91 -12.74
C VAL B 599 12.31 -6.53 -12.42
N LEU B 600 12.06 -5.57 -13.31
CA LEU B 600 12.53 -4.20 -13.09
C LEU B 600 11.98 -3.66 -11.78
N VAL B 601 10.68 -3.84 -11.54
CA VAL B 601 10.09 -3.36 -10.31
C VAL B 601 10.68 -4.07 -9.09
N ASP B 602 10.88 -5.38 -9.22
CA ASP B 602 11.46 -6.20 -8.16
C ASP B 602 12.84 -5.63 -7.81
N ASN B 603 13.69 -5.43 -8.82
CA ASN B 603 15.02 -4.89 -8.60
C ASN B 603 14.99 -3.47 -8.02
N ALA B 604 14.06 -2.65 -8.51
CA ALA B 604 13.92 -1.27 -8.02
C ALA B 604 13.63 -1.28 -6.53
N ASP B 605 12.83 -2.24 -6.08
CA ASP B 605 12.50 -2.35 -4.67
C ASP B 605 13.74 -2.69 -3.85
N LEU B 606 14.67 -3.45 -4.43
CA LEU B 606 15.89 -3.82 -3.70
C LEU B 606 16.77 -2.58 -3.50
N LEU B 607 16.54 -1.56 -4.32
CA LEU B 607 17.30 -0.30 -4.22
C LEU B 607 16.54 0.74 -3.42
N ASN B 608 15.48 0.31 -2.74
CA ASN B 608 14.64 1.18 -1.93
C ASN B 608 14.02 2.34 -2.71
N LEU B 609 13.73 2.11 -3.99
CA LEU B 609 13.15 3.17 -4.81
C LEU B 609 11.63 3.23 -4.82
N THR B 610 11.11 4.43 -5.05
CA THR B 610 9.68 4.64 -5.14
C THR B 610 9.42 4.64 -6.65
N ALA B 611 8.17 4.51 -7.05
CA ALA B 611 7.84 4.54 -8.47
C ALA B 611 8.41 5.77 -9.19
N SER B 612 8.30 6.93 -8.55
CA SER B 612 8.80 8.19 -9.10
C SER B 612 10.32 8.23 -9.23
N GLU B 613 11.02 7.70 -8.24
CA GLU B 613 12.48 7.67 -8.27
C GLU B 613 12.93 6.74 -9.40
N LEU B 614 12.25 5.62 -9.54
CA LEU B 614 12.61 4.68 -10.61
C LEU B 614 12.38 5.32 -11.98
N THR B 615 11.25 6.00 -12.13
CA THR B 615 10.94 6.64 -13.40
C THR B 615 11.97 7.71 -13.75
N ALA B 616 12.29 8.56 -12.77
CA ALA B 616 13.26 9.61 -12.97
C ALA B 616 14.63 9.03 -13.33
N LEU B 617 15.00 7.96 -12.65
CA LEU B 617 16.29 7.30 -12.87
C LEU B 617 16.39 6.72 -14.28
N ILE B 618 15.37 6.01 -14.71
CA ILE B 618 15.38 5.43 -16.05
C ILE B 618 15.37 6.54 -17.11
N GLY B 619 14.45 7.48 -16.97
CA GLY B 619 14.36 8.57 -17.93
C GLY B 619 15.67 9.32 -18.07
N GLY B 620 16.25 9.68 -16.93
CA GLY B 620 17.51 10.41 -16.94
C GLY B 620 18.65 9.64 -17.58
N MET B 621 18.76 8.35 -17.23
CA MET B 621 19.83 7.51 -17.76
C MET B 621 19.72 7.38 -19.28
N ARG B 622 18.49 7.35 -19.79
CA ARG B 622 18.27 7.24 -21.22
C ARG B 622 18.69 8.52 -21.94
N SER B 623 18.51 9.67 -21.28
CA SER B 623 18.91 10.94 -21.90
C SER B 623 20.44 11.01 -21.96
N ILE B 624 21.10 10.36 -20.99
CA ILE B 624 22.56 10.34 -20.95
C ILE B 624 23.10 9.31 -21.93
N GLY B 625 22.41 8.17 -22.00
CA GLY B 625 22.82 7.10 -22.90
C GLY B 625 23.82 6.18 -22.21
N ALA B 626 23.35 5.42 -21.23
CA ALA B 626 24.20 4.50 -20.50
C ALA B 626 23.76 3.06 -20.71
N ASN B 627 23.42 2.72 -21.95
CA ASN B 627 22.98 1.37 -22.24
C ASN B 627 24.12 0.37 -22.38
N TYR B 628 23.79 -0.87 -22.07
CA TYR B 628 24.73 -1.98 -22.21
C TYR B 628 24.97 -2.07 -23.71
N GLN B 629 26.23 -2.28 -24.09
CA GLN B 629 26.66 -2.35 -25.48
C GLN B 629 26.42 -1.07 -26.27
N ASP B 630 26.28 0.04 -25.55
CA ASP B 630 26.06 1.34 -26.18
C ASP B 630 24.90 1.35 -27.19
N THR B 631 23.91 0.49 -27.00
CA THR B 631 22.78 0.45 -27.93
C THR B 631 21.97 1.75 -27.86
N ASP B 632 21.03 1.92 -28.77
CA ASP B 632 20.18 3.11 -28.77
C ASP B 632 18.79 2.78 -28.26
N LEU B 633 18.65 1.63 -27.58
CA LEU B 633 17.36 1.23 -27.07
C LEU B 633 16.85 2.24 -26.02
N GLY B 634 15.66 2.79 -26.27
CA GLY B 634 15.09 3.76 -25.36
C GLY B 634 15.81 5.10 -25.32
N VAL B 635 16.90 5.23 -26.06
CA VAL B 635 17.65 6.48 -26.08
C VAL B 635 16.97 7.50 -26.99
N PHE B 636 15.83 8.01 -26.51
CA PHE B 636 15.03 8.98 -27.27
C PHE B 636 15.58 10.40 -27.10
N THR B 637 16.72 10.66 -27.73
CA THR B 637 17.34 11.97 -27.65
C THR B 637 18.34 12.17 -28.78
N ASP B 638 18.62 13.44 -29.09
CA ASP B 638 19.56 13.79 -30.15
C ASP B 638 20.86 14.30 -29.54
N GLU B 639 20.80 14.62 -28.24
CA GLU B 639 21.97 15.13 -27.54
C GLU B 639 22.41 14.18 -26.43
N PRO B 640 23.08 13.07 -26.80
CA PRO B 640 23.56 12.09 -25.82
C PRO B 640 24.48 12.73 -24.78
N GLU B 641 24.55 12.10 -23.61
CA GLU B 641 25.38 12.59 -22.51
C GLU B 641 24.93 13.95 -22.00
N THR B 642 23.65 14.23 -22.17
CA THR B 642 23.04 15.47 -21.70
C THR B 642 21.85 15.04 -20.86
N LEU B 643 21.67 15.66 -19.71
CA LEU B 643 20.56 15.30 -18.83
C LEU B 643 19.36 16.20 -19.05
N THR B 644 18.37 15.66 -19.77
CA THR B 644 17.14 16.38 -20.08
C THR B 644 15.95 15.45 -19.88
N ASN B 645 14.77 15.93 -20.24
CA ASN B 645 13.55 15.13 -20.12
C ASN B 645 13.11 14.62 -21.49
N ASP B 646 14.05 14.57 -22.43
CA ASP B 646 13.78 14.10 -23.80
C ASP B 646 13.13 12.73 -23.84
N PHE B 647 13.51 11.85 -22.92
CA PHE B 647 12.95 10.50 -22.88
C PHE B 647 11.43 10.52 -22.76
N PHE B 648 10.93 11.36 -21.86
CA PHE B 648 9.50 11.44 -21.64
C PHE B 648 8.79 12.19 -22.75
N VAL B 649 9.39 13.28 -23.21
CA VAL B 649 8.79 14.07 -24.28
C VAL B 649 8.55 13.15 -25.49
N ASN B 650 9.57 12.40 -25.90
CA ASN B 650 9.42 11.49 -27.03
C ASN B 650 8.58 10.26 -26.75
N LEU B 651 8.66 9.74 -25.52
CA LEU B 651 7.88 8.57 -25.16
C LEU B 651 6.38 8.84 -25.31
N LEU B 652 5.95 10.04 -24.93
CA LEU B 652 4.54 10.42 -24.98
C LEU B 652 4.07 10.89 -26.37
N ASP B 653 4.97 10.85 -27.34
CA ASP B 653 4.69 11.27 -28.72
C ASP B 653 3.63 10.37 -29.38
N MET B 654 2.42 10.87 -29.50
CA MET B 654 1.33 10.11 -30.10
C MET B 654 1.56 9.90 -31.59
N GLY B 655 2.56 10.57 -32.14
CA GLY B 655 2.86 10.43 -33.55
C GLY B 655 3.61 9.14 -33.84
N THR B 656 3.94 8.40 -32.80
CA THR B 656 4.66 7.15 -32.96
C THR B 656 3.75 5.94 -32.69
N GLU B 657 3.88 4.91 -33.51
CA GLU B 657 3.12 3.68 -33.35
C GLU B 657 4.11 2.57 -33.05
N TRP B 658 4.00 1.96 -31.87
CA TRP B 658 4.92 0.91 -31.49
C TRP B 658 4.44 -0.49 -31.87
N GLU B 659 5.39 -1.36 -32.19
CA GLU B 659 5.10 -2.73 -32.58
C GLU B 659 6.31 -3.61 -32.29
N PRO B 660 6.09 -4.91 -32.02
CA PRO B 660 7.20 -5.82 -31.72
C PRO B 660 8.31 -5.74 -32.78
N ALA B 661 9.54 -6.01 -32.37
CA ALA B 661 10.68 -5.95 -33.29
C ALA B 661 10.60 -7.01 -34.38
N HIS B 666 13.38 -8.75 -26.66
CA HIS B 666 12.39 -7.89 -26.03
C HIS B 666 12.36 -6.50 -26.65
N ARG B 667 12.69 -6.42 -27.94
CA ARG B 667 12.72 -5.13 -28.63
C ARG B 667 11.41 -4.77 -29.34
N TYR B 668 11.18 -3.46 -29.46
CA TYR B 668 10.02 -2.93 -30.14
C TYR B 668 10.49 -1.83 -31.07
N LYS B 669 9.72 -1.58 -32.12
CA LYS B 669 10.04 -0.54 -33.09
C LYS B 669 9.01 0.57 -33.01
N GLY B 670 9.49 1.81 -32.87
CA GLY B 670 8.60 2.94 -32.81
C GLY B 670 8.49 3.54 -34.20
N LEU B 671 7.30 3.46 -34.78
CA LEU B 671 7.07 3.96 -36.14
C LEU B 671 6.26 5.25 -36.17
N ASP B 672 6.55 6.11 -37.13
CA ASP B 672 5.79 7.35 -37.25
C ASP B 672 4.47 6.98 -37.92
N ARG B 673 3.37 7.47 -37.35
CA ARG B 673 2.03 7.19 -37.87
C ARG B 673 1.90 7.28 -39.38
N ASP B 674 2.42 8.36 -39.96
CA ASP B 674 2.34 8.56 -41.40
C ASP B 674 3.33 7.69 -42.17
N THR B 675 2.90 7.20 -43.34
CA THR B 675 3.76 6.36 -44.17
C THR B 675 4.36 5.19 -43.41
N GLY B 676 5.45 4.65 -43.95
CA GLY B 676 6.14 3.54 -43.32
C GLY B 676 7.27 4.20 -42.57
N GLU B 677 8.47 4.15 -43.16
CA GLU B 677 9.66 4.79 -42.61
C GLU B 677 10.54 4.00 -41.61
N VAL B 678 11.35 4.73 -40.84
CA VAL B 678 12.26 4.16 -39.84
C VAL B 678 12.42 5.15 -38.66
N LYS B 679 12.26 4.67 -37.43
CA LYS B 679 12.36 5.57 -36.28
C LYS B 679 12.99 4.95 -35.02
N TRP B 680 12.39 5.20 -33.86
CA TRP B 680 12.88 4.70 -32.56
C TRP B 680 12.76 3.19 -32.36
N GLU B 681 13.53 2.68 -31.39
CA GLU B 681 13.50 1.28 -31.01
C GLU B 681 13.67 1.28 -29.49
N ALA B 682 13.03 0.31 -28.82
CA ALA B 682 13.11 0.22 -27.37
C ALA B 682 12.76 -1.17 -26.89
N THR B 683 12.75 -1.33 -25.56
CA THR B 683 12.43 -2.60 -24.90
C THR B 683 11.22 -2.35 -24.03
N ARG B 684 10.68 -3.40 -23.42
CA ARG B 684 9.53 -3.27 -22.54
C ARG B 684 9.88 -2.40 -21.35
N ILE B 685 11.16 -2.37 -20.98
CA ILE B 685 11.60 -1.56 -19.86
C ILE B 685 11.29 -0.10 -20.10
N ASP B 686 11.49 0.36 -21.33
CA ASP B 686 11.22 1.75 -21.63
C ASP B 686 9.74 1.98 -21.86
N LEU B 687 9.10 1.07 -22.59
CA LEU B 687 7.69 1.22 -22.92
C LEU B 687 6.72 1.14 -21.75
N ILE B 688 7.04 0.36 -20.72
CA ILE B 688 6.14 0.25 -19.58
C ILE B 688 5.85 1.64 -18.99
N PHE B 689 6.81 2.57 -19.07
CA PHE B 689 6.58 3.90 -18.50
C PHE B 689 5.54 4.73 -19.26
N GLY B 690 5.11 4.21 -20.41
CA GLY B 690 4.09 4.90 -21.19
C GLY B 690 2.86 4.03 -21.36
N SER B 691 2.88 2.86 -20.72
CA SER B 691 1.76 1.92 -20.81
C SER B 691 1.04 1.76 -19.48
N ASN B 692 1.80 1.49 -18.42
CA ASN B 692 1.21 1.33 -17.10
C ASN B 692 0.59 2.66 -16.68
N ASP B 693 -0.61 2.59 -16.11
CA ASP B 693 -1.36 3.78 -15.69
C ASP B 693 -0.65 4.70 -14.71
N ARG B 694 -0.09 4.14 -13.63
CA ARG B 694 0.60 4.93 -12.63
C ARG B 694 1.91 5.51 -13.15
N LEU B 695 2.68 4.70 -13.88
CA LEU B 695 3.94 5.15 -14.42
C LEU B 695 3.72 6.21 -15.47
N ARG B 696 2.68 6.03 -16.27
CA ARG B 696 2.39 7.00 -17.32
C ARG B 696 2.07 8.37 -16.69
N ALA B 697 1.35 8.34 -15.56
CA ALA B 697 1.01 9.59 -14.88
C ALA B 697 2.26 10.34 -14.43
N ILE B 698 3.28 9.59 -14.03
CA ILE B 698 4.56 10.18 -13.62
C ILE B 698 5.27 10.71 -14.86
N SER B 699 5.26 9.91 -15.92
CA SER B 699 5.90 10.25 -17.19
C SER B 699 5.31 11.54 -17.78
N GLU B 700 4.01 11.73 -17.57
CA GLU B 700 3.33 12.92 -18.08
C GLU B 700 3.81 14.15 -17.34
N VAL B 701 4.17 13.97 -16.07
CA VAL B 701 4.66 15.09 -15.29
C VAL B 701 6.04 15.49 -15.83
N TYR B 702 6.95 14.53 -15.86
CA TYR B 702 8.30 14.82 -16.33
C TYR B 702 8.37 15.18 -17.83
N GLY B 703 7.36 14.82 -18.60
CA GLY B 703 7.35 15.14 -20.00
C GLY B 703 6.64 16.44 -20.32
N SER B 704 6.35 17.24 -19.30
CA SER B 704 5.67 18.51 -19.50
C SER B 704 6.65 19.66 -19.71
N ALA B 705 6.16 20.74 -20.32
CA ALA B 705 6.99 21.89 -20.65
C ALA B 705 7.73 22.58 -19.49
N ASP B 706 7.19 22.47 -18.28
CA ASP B 706 7.80 23.13 -17.13
C ASP B 706 8.51 22.20 -16.15
N ALA B 707 8.82 20.98 -16.59
CA ALA B 707 9.42 20.00 -15.68
C ALA B 707 10.85 19.53 -15.95
N GLU B 708 11.54 20.09 -16.93
CA GLU B 708 12.90 19.65 -17.20
C GLU B 708 13.80 19.77 -15.96
N LYS B 709 13.87 20.97 -15.38
CA LYS B 709 14.72 21.19 -14.20
C LYS B 709 14.31 20.27 -13.04
N LYS B 710 13.01 20.02 -12.92
CA LYS B 710 12.51 19.15 -11.85
C LYS B 710 13.05 17.75 -12.05
N LEU B 711 12.98 17.26 -13.29
CA LEU B 711 13.48 15.92 -13.59
C LEU B 711 14.97 15.83 -13.32
N VAL B 712 15.72 16.87 -13.68
CA VAL B 712 17.14 16.88 -13.46
C VAL B 712 17.44 16.73 -11.96
N HIS B 713 16.75 17.54 -11.16
CA HIS B 713 16.91 17.53 -9.70
C HIS B 713 16.51 16.20 -9.08
N ASP B 714 15.43 15.61 -9.58
CA ASP B 714 14.96 14.31 -9.08
C ASP B 714 15.94 13.22 -9.44
N PHE B 715 16.48 13.29 -10.67
CA PHE B 715 17.44 12.31 -11.13
C PHE B 715 18.67 12.38 -10.23
N VAL B 716 19.21 13.59 -10.06
CA VAL B 716 20.39 13.76 -9.22
C VAL B 716 20.17 13.26 -7.80
N ASP B 717 19.00 13.53 -7.23
CA ASP B 717 18.73 13.08 -5.88
C ASP B 717 18.65 11.55 -5.80
N THR B 718 18.15 10.91 -6.85
CA THR B 718 18.04 9.47 -6.88
C THR B 718 19.41 8.83 -7.08
N TRP B 719 20.22 9.46 -7.93
CA TRP B 719 21.58 8.99 -8.19
C TRP B 719 22.36 9.02 -6.89
N SER B 720 22.28 10.13 -6.17
CA SER B 720 22.99 10.29 -4.90
C SER B 720 22.56 9.24 -3.88
N LYS B 721 21.26 8.96 -3.84
CA LYS B 721 20.71 7.96 -2.92
C LYS B 721 21.29 6.57 -3.20
N VAL B 722 21.25 6.15 -4.46
CA VAL B 722 21.76 4.84 -4.85
C VAL B 722 23.25 4.70 -4.53
N MET B 723 24.01 5.75 -4.78
CA MET B 723 25.46 5.76 -4.52
C MET B 723 25.83 5.54 -3.05
N LYS B 724 24.94 5.92 -2.13
CA LYS B 724 25.25 5.77 -0.72
C LYS B 724 24.41 4.75 0.05
N LEU B 725 23.72 3.86 -0.67
CA LEU B 725 22.87 2.85 -0.05
C LEU B 725 23.61 1.95 0.93
N ASP B 726 24.86 1.60 0.63
CA ASP B 726 25.59 0.72 1.54
C ASP B 726 26.42 1.48 2.57
N ARG B 727 26.06 2.73 2.85
CA ARG B 727 26.80 3.49 3.84
C ARG B 727 26.20 3.39 5.23
N PHE B 728 26.49 2.28 5.91
CA PHE B 728 26.00 2.10 7.28
C PHE B 728 27.17 2.49 8.18
N ASP B 729 28.38 2.39 7.61
CA ASP B 729 29.62 2.72 8.30
C ASP B 729 29.59 4.08 8.99
N LEU B 730 28.65 4.91 8.59
CA LEU B 730 28.50 6.25 9.17
C LEU B 730 27.08 6.51 9.66
N GLU B 731 26.45 5.50 10.27
CA GLU B 731 25.10 5.67 10.78
C GLU B 731 25.06 5.54 12.31
CHA HEM C . -23.61 9.03 -24.07
CHB HEM C . -26.16 6.67 -21.06
CHC HEM C . -26.45 10.33 -18.53
CHD HEM C . -23.99 12.66 -21.49
C1A HEM C . -24.19 7.82 -23.73
C2A HEM C . -24.29 6.41 -24.06
C3A HEM C . -25.06 5.64 -23.24
C4A HEM C . -25.51 6.64 -22.27
CMA HEM C . -25.32 4.16 -23.27
CAA HEM C . -23.48 6.03 -25.29
CBA HEM C . -21.96 5.81 -25.11
CGA HEM C . -21.48 5.85 -26.43
O1A HEM C . -21.31 4.75 -27.11
O2A HEM C . -21.17 6.82 -27.16
C1B HEM C . -26.78 7.32 -19.99
C2B HEM C . -27.60 6.81 -18.90
C3B HEM C . -27.54 7.90 -18.08
C4B HEM C . -26.73 8.96 -18.66
CMB HEM C . -28.19 5.42 -18.84
CAB HEM C . -28.33 8.02 -16.81
CBB HEM C . -29.75 7.67 -16.29
C1C HEM C . -25.80 11.49 -18.85
C2C HEM C . -25.63 12.82 -18.28
C3C HEM C . -24.86 13.50 -19.13
C4C HEM C . -24.54 12.63 -20.22
CMC HEM C . -26.12 13.07 -16.87
CAC HEM C . -24.05 14.80 -19.10
CBC HEM C . -24.75 15.96 -18.35
C1D HEM C . -23.55 12.13 -22.69
C2D HEM C . -23.01 12.74 -23.91
C3D HEM C . -23.01 11.64 -24.70
C4D HEM C . -23.51 10.43 -24.05
CMD HEM C . -22.63 14.12 -24.32
CAD HEM C . -22.67 11.37 -26.15
CBD HEM C . -21.10 11.27 -26.33
CGD HEM C . -20.72 11.14 -27.67
O1D HEM C . -21.36 11.31 -28.77
O2D HEM C . -19.55 10.79 -27.92
NA HEM C . -24.98 7.86 -22.60
NB HEM C . -26.23 8.59 -19.91
NC HEM C . -25.12 11.38 -20.07
ND HEM C . -23.84 10.79 -22.78
FE HEM C . -25.08 9.65 -21.39
C1 SHA D . -22.30 3.43 -20.59
C2 SHA D . -21.50 3.82 -21.70
C3 SHA D . -20.98 2.86 -22.59
C4 SHA D . -21.30 1.50 -22.43
C5 SHA D . -22.12 1.08 -21.37
C6 SHA D . -22.66 2.02 -20.45
O6 SHA D . -23.42 1.60 -19.43
C7 SHA D . -22.84 4.49 -19.66
O7 SHA D . -23.56 4.18 -18.71
N8 SHA D . -22.52 5.80 -19.85
O9 SHA D . -23.02 6.79 -18.96
CHA HEM E . 10.25 -29.42 14.53
CHB HEM E . 10.68 -30.65 10.23
CHC HEM E . 14.53 -28.58 10.06
CHD HEM E . 14.25 -27.42 14.32
C1A HEM E . 9.60 -29.95 13.41
C2A HEM E . 8.40 -30.61 12.98
C3A HEM E . 8.44 -31.05 11.69
C4A HEM E . 9.77 -30.65 11.27
CMA HEM E . 7.44 -31.71 10.80
CAA HEM E . 7.28 -30.70 14.01
CBA HEM E . 6.33 -29.48 14.15
CGA HEM E . 5.48 -29.81 15.22
O1A HEM E . 4.43 -30.57 15.21
O2A HEM E . 5.66 -29.37 16.38
C1B HEM E . 11.61 -30.21 9.29
C2B HEM E . 12.06 -30.39 7.93
C3B HEM E . 13.27 -29.79 7.94
C4B HEM E . 13.63 -29.22 9.23
CMB HEM E . 11.10 -30.94 6.91
CAB HEM E . 14.24 -29.58 6.81
CBB HEM E . 14.81 -30.57 5.77
C1C HEM E . 15.14 -27.84 11.02
C2C HEM E . 16.30 -27.06 11.39
C3C HEM E . 16.21 -26.69 12.66
C4C HEM E . 14.98 -27.23 13.16
CMC HEM E . 17.22 -26.66 10.27
CAC HEM E . 17.00 -25.78 13.61
CBC HEM E . 18.55 -25.82 13.77
C1D HEM E . 13.32 -27.93 15.21
C2D HEM E . 13.03 -28.05 16.63
C3D HEM E . 11.87 -28.73 16.63
C4D HEM E . 11.36 -29.05 15.29
CMD HEM E . 13.84 -27.61 17.80
CAD HEM E . 10.92 -29.14 17.71
CBD HEM E . 9.84 -28.09 18.20
CGD HEM E . 9.29 -28.54 19.40
O1D HEM E . 9.35 -29.43 20.31
O2D HEM E . 8.34 -27.82 19.83
NA HEM E . 10.41 -30.02 12.31
NB HEM E . 12.55 -29.52 10.03
NC HEM E . 14.35 -27.92 12.17
ND HEM E . 12.32 -28.53 14.48
FE HEM E . 12.41 -29.16 12.38
C1 SHA F . 8.60 -27.61 9.10
C2 SHA F . 7.34 -27.89 9.67
C3 SHA F . 6.28 -28.36 8.89
C4 SHA F . 6.44 -28.51 7.49
C5 SHA F . 7.68 -28.22 6.88
C6 SHA F . 8.75 -27.73 7.66
O6 SHA F . 9.93 -27.46 7.07
C7 SHA F . 9.70 -27.07 9.98
O7 SHA F . 10.80 -26.81 9.52
N8 SHA F . 9.51 -26.96 11.32
O9 SHA F . 10.55 -26.50 12.15
#